data_9MET
#
_entry.id   9MET
#
_cell.length_a   1.00
_cell.length_b   1.00
_cell.length_c   1.00
_cell.angle_alpha   90.00
_cell.angle_beta   90.00
_cell.angle_gamma   90.00
#
_symmetry.space_group_name_H-M   'P 1'
#
loop_
_entity.id
_entity.type
_entity.pdbx_description
1 polymer 'C-X-C chemokine receptor type 4'
2 polymer 'T-cell surface glycoprotein CD4'
3 polymer HIV-1/gp120
#
loop_
_entity_poly.entity_id
_entity_poly.type
_entity_poly.pdbx_seq_one_letter_code
_entity_poly.pdbx_strand_id
1 'polypeptide(L)'
;MEGISIYTSDNYTEEMGSGDYDSMKEPCFREENANFNKIFLPTIYSIIFLTGIVGNGLVILVMGYQKKLRSMTDKYRLHL
SVADLLFVITLPFWAVDAVANWYFGNFLCKAVHVIYTVNLYSSVLILAFISLDRYLAIVHATNSQRPRKLLAEKVVYVGV
WIPALLLTIPDFIFANVSEADDRYICDRFYPNDLWVVVFQFQHIMVGLILPGIVILSCYCIIISKLSHSKGHQKRKALKT
TVILILAFFACWLPYYIGISIDSFILLEIIKQGCEFENTVHKWISITEALAFFHCCLNPILYAFLGAKFKTSAQHALTSV
SRGSSLKILSKGKRGGHSSVSTESESSSFHSSDYKDDDDK
;
M,N,O,S
2 'polypeptide(L)'
;KKVVLGKKGDTVELTCTASQKKSIQFHWKNSNQIKILGNQGSFLTKGPSKLNDRADSRRSLWDQGNFPLIIKNLKIEDSD
TYICEVEDQKEEVQLLVFGLTANSDTHLLQGQSLTLTLESPPGSSPSVQCRSPRGKNIQGGKTLSVSQLELQDSGTWTCT
VLQNQKKVEFKIDIVV
;
R,A
3 'polypeptide(L)'
;KQFVTVFYGIPAWRNASIPLFCATKNRDTWGTIQCLPDNDDYQEIALNVTEAFDAWNNTVTEQAVEDVWNLFETSIKPCV
KLTPLCVAMNCTRNMTTSTGTTDTQNITIINDTSPCVRADNCTGLKEEEMVDCQFNMTGLERDKRKQYTEAWYSKDVICD
NNTSSRSKCYMNHCNTSVITESCDKHYWDAMRFRYCAPPGFALLRCNDTNYSGFAPNCSKVVAATCTRMMETQSSTWFGF
NGTRAENRTYIYWHGKNNRTIISLNNFYNLTMHCKRPGNKTVLPIMSGFKFHSKPVINKKPRQAWCWFKGEWKEAMQEVK
ETLAKHPRYKGNRSRTENIKFKAPGRGSDPEAAYMWTNCRGEFLYCNMTWFLNWVDNRTGQKQRNYAPCHIRQIINTWHR
VGKNVYLPPREGELTCNSTVTSIIANIDTGDQTDITFSAEVAELYRLELGDYKLVEITPIGFAPTSVKRYSSAHQRHTR
;
T,Q
#
# COMPACT_ATOMS: atom_id res chain seq x y z
N GLU A 26 -5.73 10.14 -15.63
CA GLU A 26 -6.72 9.11 -15.41
C GLU A 26 -6.83 8.16 -16.62
N PRO A 27 -6.82 6.85 -16.36
CA PRO A 27 -7.11 5.90 -17.45
C PRO A 27 -8.59 5.88 -17.81
N CYS A 28 -9.45 5.81 -16.80
CA CYS A 28 -10.89 5.72 -17.00
C CYS A 28 -11.63 6.17 -15.75
N PHE A 29 -12.93 5.90 -15.71
CA PHE A 29 -13.73 6.10 -14.50
C PHE A 29 -14.22 4.73 -14.03
N ARG A 30 -14.84 4.65 -12.86
CA ARG A 30 -15.27 3.35 -12.37
C ARG A 30 -16.53 3.45 -11.53
N GLU A 31 -17.20 2.31 -11.33
CA GLU A 31 -18.31 2.20 -10.41
C GLU A 31 -17.91 1.27 -9.27
N GLU A 32 -18.20 1.69 -8.04
CA GLU A 32 -17.86 0.90 -6.86
C GLU A 32 -18.70 1.38 -5.69
N ASN A 33 -19.45 0.46 -5.09
CA ASN A 33 -20.11 0.72 -3.82
C ASN A 33 -19.20 0.31 -2.68
N ALA A 34 -19.15 1.15 -1.65
CA ALA A 34 -18.31 0.85 -0.50
C ALA A 34 -18.89 -0.31 0.29
N ASN A 35 -18.01 -1.01 1.01
CA ASN A 35 -18.41 -2.26 1.63
C ASN A 35 -19.26 -2.06 2.87
N PHE A 36 -19.15 -0.92 3.55
CA PHE A 36 -19.86 -0.74 4.80
C PHE A 36 -21.35 -0.52 4.57
N ASN A 37 -21.71 0.26 3.55
CA ASN A 37 -23.12 0.54 3.33
C ASN A 37 -23.84 -0.61 2.66
N LYS A 38 -23.10 -1.62 2.17
CA LYS A 38 -23.74 -2.79 1.58
C LYS A 38 -24.53 -3.58 2.62
N ILE A 39 -24.20 -3.44 3.90
CA ILE A 39 -24.97 -4.04 4.96
C ILE A 39 -25.74 -2.95 5.70
N PHE A 40 -25.23 -1.72 5.68
CA PHE A 40 -25.81 -0.66 6.49
C PHE A 40 -27.10 -0.12 5.88
N LEU A 41 -27.15 0.00 4.56
CA LEU A 41 -28.36 0.47 3.90
C LEU A 41 -29.57 -0.45 4.07
N PRO A 42 -29.48 -1.79 3.97
CA PRO A 42 -30.68 -2.59 4.24
C PRO A 42 -31.18 -2.51 5.66
N THR A 43 -30.31 -2.26 6.64
CA THR A 43 -30.76 -2.11 8.02
C THR A 43 -31.65 -0.89 8.19
N ILE A 44 -31.18 0.25 7.67
CA ILE A 44 -31.97 1.49 7.70
C ILE A 44 -33.25 1.33 6.91
N TYR A 45 -33.14 0.68 5.75
CA TYR A 45 -34.29 0.46 4.87
C TYR A 45 -35.34 -0.41 5.57
N SER A 46 -34.91 -1.44 6.28
CA SER A 46 -35.84 -2.34 6.92
C SER A 46 -36.49 -1.70 8.15
N ILE A 47 -35.71 -0.95 8.95
CA ILE A 47 -36.30 -0.35 10.14
C ILE A 47 -37.29 0.73 9.74
N ILE A 48 -36.98 1.48 8.68
CA ILE A 48 -37.92 2.51 8.27
C ILE A 48 -39.10 1.86 7.56
N PHE A 49 -38.90 0.68 6.96
CA PHE A 49 -40.00 -0.04 6.35
C PHE A 49 -41.02 -0.47 7.40
N LEU A 50 -40.55 -1.08 8.48
CA LEU A 50 -41.50 -1.59 9.45
C LEU A 50 -42.14 -0.47 10.25
N THR A 51 -41.36 0.58 10.62
CA THR A 51 -42.02 1.66 11.34
C THR A 51 -42.94 2.46 10.43
N GLY A 52 -42.66 2.48 9.12
CA GLY A 52 -43.55 3.17 8.21
C GLY A 52 -44.86 2.43 8.01
N ILE A 53 -44.80 1.10 7.83
CA ILE A 53 -46.03 0.35 7.62
C ILE A 53 -46.87 0.34 8.89
N VAL A 54 -46.21 0.26 10.07
CA VAL A 54 -46.95 0.22 11.32
C VAL A 54 -47.60 1.58 11.59
N GLY A 55 -46.83 2.67 11.46
CA GLY A 55 -47.37 3.98 11.75
C GLY A 55 -48.43 4.42 10.76
N ASN A 56 -48.20 4.17 9.48
CA ASN A 56 -49.17 4.56 8.47
C ASN A 56 -50.44 3.73 8.57
N GLY A 57 -50.30 2.43 8.85
CA GLY A 57 -51.47 1.59 9.03
C GLY A 57 -52.27 1.97 10.25
N LEU A 58 -51.59 2.32 11.35
CA LEU A 58 -52.32 2.72 12.54
C LEU A 58 -53.05 4.03 12.30
N VAL A 59 -52.40 4.97 11.59
CA VAL A 59 -53.01 6.27 11.32
C VAL A 59 -54.23 6.12 10.44
N ILE A 60 -54.14 5.32 9.36
CA ILE A 60 -55.28 5.17 8.48
C ILE A 60 -56.41 4.40 9.17
N LEU A 61 -56.07 3.45 10.04
CA LEU A 61 -57.11 2.67 10.70
C LEU A 61 -57.82 3.48 11.76
N VAL A 62 -57.11 4.38 12.45
CA VAL A 62 -57.80 5.16 13.47
C VAL A 62 -58.53 6.34 12.84
N MET A 63 -58.10 6.83 11.68
CA MET A 63 -58.64 8.05 11.12
C MET A 63 -59.55 7.82 9.91
N GLY A 64 -59.06 7.17 8.86
CA GLY A 64 -59.83 7.11 7.63
C GLY A 64 -60.98 6.13 7.65
N TYR A 65 -60.75 4.94 8.22
CA TYR A 65 -61.81 3.96 8.30
C TYR A 65 -62.85 4.35 9.34
N GLN A 66 -62.40 4.98 10.43
CA GLN A 66 -63.31 5.33 11.51
C GLN A 66 -63.99 6.68 11.31
N LYS A 67 -63.45 7.53 10.41
CA LYS A 67 -63.90 8.91 10.19
C LYS A 67 -63.91 9.71 11.49
N LYS A 68 -62.84 9.54 12.28
CA LYS A 68 -62.73 10.14 13.60
C LYS A 68 -61.91 11.42 13.62
N LEU A 69 -61.63 11.99 12.45
CA LEU A 69 -60.85 13.21 12.38
C LEU A 69 -61.64 14.40 12.91
N ARG A 70 -60.92 15.40 13.41
CA ARG A 70 -61.52 16.57 14.03
C ARG A 70 -61.31 17.85 13.24
N SER A 71 -60.07 18.17 12.89
CA SER A 71 -59.74 19.41 12.21
C SER A 71 -59.41 19.14 10.75
N MET A 72 -59.19 20.24 10.01
CA MET A 72 -58.96 20.13 8.58
C MET A 72 -57.53 19.71 8.26
N THR A 73 -56.61 19.79 9.22
CA THR A 73 -55.24 19.33 9.01
C THR A 73 -55.19 17.81 8.88
N ASP A 74 -56.13 17.14 9.54
CA ASP A 74 -56.09 15.70 9.64
C ASP A 74 -56.28 15.02 8.29
N LYS A 75 -57.10 15.61 7.40
CA LYS A 75 -57.29 15.04 6.08
C LYS A 75 -56.01 15.07 5.26
N TYR A 76 -55.24 16.15 5.39
CA TYR A 76 -53.91 16.20 4.79
C TYR A 76 -52.99 15.17 5.42
N ARG A 77 -53.16 14.91 6.71
CA ARG A 77 -52.38 13.85 7.33
C ARG A 77 -52.77 12.47 6.80
N LEU A 78 -54.05 12.28 6.47
CA LEU A 78 -54.47 11.06 5.80
C LEU A 78 -53.80 10.91 4.44
N HIS A 79 -53.73 12.01 3.68
CA HIS A 79 -53.10 11.97 2.38
C HIS A 79 -51.61 11.67 2.49
N LEU A 80 -50.96 12.23 3.52
CA LEU A 80 -49.56 11.93 3.76
C LEU A 80 -49.37 10.47 4.12
N SER A 81 -50.28 9.92 4.92
CA SER A 81 -50.19 8.52 5.31
C SER A 81 -50.39 7.59 4.11
N VAL A 82 -51.31 7.95 3.21
CA VAL A 82 -51.59 7.10 2.05
C VAL A 82 -50.40 7.09 1.09
N ALA A 83 -49.86 8.27 0.81
CA ALA A 83 -48.66 8.35 -0.04
C ALA A 83 -47.48 7.67 0.62
N ASP A 84 -47.36 7.81 1.94
CA ASP A 84 -46.28 7.18 2.67
C ASP A 84 -46.38 5.66 2.61
N LEU A 85 -47.60 5.13 2.70
CA LEU A 85 -47.86 3.70 2.54
C LEU A 85 -47.39 3.22 1.17
N LEU A 86 -47.86 3.90 0.12
CA LEU A 86 -47.53 3.39 -1.20
C LEU A 86 -46.08 3.67 -1.58
N PHE A 87 -45.34 4.40 -0.75
CA PHE A 87 -43.88 4.33 -0.79
C PHE A 87 -43.33 3.13 0.00
N VAL A 88 -43.84 2.91 1.21
CA VAL A 88 -43.04 2.16 2.17
C VAL A 88 -43.25 0.65 2.01
N ILE A 89 -44.42 0.22 1.54
CA ILE A 89 -44.59 -1.21 1.26
C ILE A 89 -43.70 -1.67 0.10
N THR A 90 -43.41 -0.79 -0.84
CA THR A 90 -42.55 -1.16 -1.96
C THR A 90 -41.07 -0.89 -1.71
N LEU A 91 -40.73 -0.13 -0.67
CA LEU A 91 -39.34 0.04 -0.24
C LEU A 91 -38.50 -1.24 0.00
N PRO A 92 -39.06 -2.38 0.42
CA PRO A 92 -38.25 -3.61 0.47
C PRO A 92 -37.68 -4.08 -0.85
N PHE A 93 -38.26 -3.70 -1.99
CA PHE A 93 -37.62 -4.02 -3.25
C PHE A 93 -36.28 -3.32 -3.38
N TRP A 94 -36.21 -2.06 -2.94
CA TRP A 94 -34.92 -1.39 -2.86
C TRP A 94 -34.02 -2.00 -1.80
N ALA A 95 -34.61 -2.50 -0.71
CA ALA A 95 -33.80 -3.15 0.31
C ALA A 95 -33.14 -4.40 -0.23
N VAL A 96 -33.83 -5.13 -1.11
CA VAL A 96 -33.21 -6.27 -1.79
C VAL A 96 -32.16 -5.78 -2.78
N ASP A 97 -32.51 -4.80 -3.61
CA ASP A 97 -31.63 -4.41 -4.71
C ASP A 97 -30.44 -3.58 -4.27
N ALA A 98 -30.38 -3.15 -3.01
CA ALA A 98 -29.20 -2.44 -2.53
C ALA A 98 -27.98 -3.35 -2.50
N VAL A 99 -28.18 -4.61 -2.12
CA VAL A 99 -27.10 -5.57 -2.12
C VAL A 99 -27.21 -6.60 -3.25
N ALA A 100 -28.42 -6.98 -3.64
CA ALA A 100 -28.60 -8.03 -4.62
C ALA A 100 -28.89 -7.43 -6.00
N ASN A 101 -29.28 -8.29 -6.94
CA ASN A 101 -29.47 -7.95 -8.33
C ASN A 101 -30.97 -7.86 -8.62
N TRP A 102 -31.35 -6.91 -9.48
CA TRP A 102 -32.76 -6.73 -9.80
C TRP A 102 -33.16 -7.69 -10.92
N TYR A 103 -33.47 -8.92 -10.52
CA TYR A 103 -34.05 -9.91 -11.42
C TYR A 103 -35.58 -9.91 -11.35
N PHE A 104 -36.18 -8.79 -10.96
CA PHE A 104 -37.62 -8.69 -10.79
C PHE A 104 -38.32 -8.41 -12.12
N GLY A 105 -38.00 -7.30 -12.76
CA GLY A 105 -38.59 -6.98 -14.04
C GLY A 105 -38.53 -5.50 -14.35
N ASN A 106 -38.78 -5.18 -15.61
CA ASN A 106 -38.80 -3.80 -16.07
C ASN A 106 -39.99 -3.05 -15.48
N PHE A 107 -41.17 -3.69 -15.45
CA PHE A 107 -42.38 -3.03 -15.01
C PHE A 107 -42.32 -2.71 -13.51
N LEU A 108 -41.70 -3.61 -12.72
CA LEU A 108 -41.57 -3.37 -11.30
C LEU A 108 -40.64 -2.19 -11.02
N CYS A 109 -39.55 -2.09 -11.77
CA CYS A 109 -38.63 -0.97 -11.62
C CYS A 109 -39.30 0.34 -12.01
N LYS A 110 -40.07 0.32 -13.10
CA LYS A 110 -40.83 1.50 -13.52
C LYS A 110 -41.82 1.92 -12.45
N ALA A 111 -42.53 0.95 -11.87
CA ALA A 111 -43.54 1.23 -10.87
C ALA A 111 -42.92 1.80 -9.59
N VAL A 112 -41.81 1.21 -9.14
CA VAL A 112 -41.23 1.70 -7.88
C VAL A 112 -40.61 3.07 -8.07
N HIS A 113 -40.08 3.37 -9.27
CA HIS A 113 -39.53 4.70 -9.50
C HIS A 113 -40.62 5.75 -9.57
N VAL A 114 -41.74 5.47 -10.26
CA VAL A 114 -42.79 6.47 -10.35
C VAL A 114 -43.46 6.68 -9.00
N ILE A 115 -43.52 5.64 -8.17
CA ILE A 115 -44.17 5.88 -6.89
C ILE A 115 -43.24 6.55 -5.90
N TYR A 116 -41.92 6.32 -6.02
CA TYR A 116 -40.97 7.09 -5.25
C TYR A 116 -41.04 8.57 -5.58
N THR A 117 -41.14 8.89 -6.87
CA THR A 117 -41.19 10.29 -7.25
C THR A 117 -42.52 10.95 -6.88
N VAL A 118 -43.64 10.21 -6.96
CA VAL A 118 -44.91 10.85 -6.59
C VAL A 118 -44.98 11.05 -5.08
N ASN A 119 -44.36 10.15 -4.30
CA ASN A 119 -44.36 10.36 -2.86
C ASN A 119 -43.27 11.33 -2.41
N LEU A 120 -42.28 11.59 -3.25
CA LEU A 120 -41.38 12.68 -2.95
C LEU A 120 -42.02 14.03 -3.26
N TYR A 121 -42.89 14.08 -4.27
CA TYR A 121 -43.48 15.36 -4.64
C TYR A 121 -44.69 15.72 -3.77
N SER A 122 -45.62 14.79 -3.61
CA SER A 122 -46.93 15.11 -3.04
C SER A 122 -46.84 15.43 -1.55
N SER A 123 -45.85 14.87 -0.86
CA SER A 123 -45.65 15.18 0.56
C SER A 123 -45.28 16.64 0.74
N VAL A 124 -44.35 17.14 -0.08
CA VAL A 124 -44.00 18.54 -0.04
C VAL A 124 -45.16 19.41 -0.48
N LEU A 125 -45.96 18.93 -1.43
CA LEU A 125 -47.12 19.71 -1.89
C LEU A 125 -48.14 19.89 -0.77
N ILE A 126 -48.49 18.81 -0.07
CA ILE A 126 -49.46 18.96 1.01
C ILE A 126 -48.85 19.62 2.22
N LEU A 127 -47.54 19.56 2.36
CA LEU A 127 -46.90 20.30 3.45
C LEU A 127 -46.94 21.79 3.19
N ALA A 128 -46.88 22.18 1.91
CA ALA A 128 -47.16 23.56 1.56
C ALA A 128 -48.64 23.90 1.77
N PHE A 129 -49.51 22.93 1.47
CA PHE A 129 -50.94 23.16 1.61
C PHE A 129 -51.36 23.36 3.05
N ILE A 130 -50.72 22.69 4.01
CA ILE A 130 -51.12 22.91 5.39
C ILE A 130 -50.58 24.24 5.90
N SER A 131 -49.46 24.71 5.34
CA SER A 131 -48.99 26.05 5.68
C SER A 131 -49.94 27.09 5.15
N LEU A 132 -50.45 26.87 3.94
CA LEU A 132 -51.49 27.74 3.40
C LEU A 132 -52.77 27.65 4.25
N ASP A 133 -53.08 26.46 4.75
CA ASP A 133 -54.26 26.29 5.60
C ASP A 133 -54.13 27.03 6.92
N ARG A 134 -52.95 26.97 7.55
CA ARG A 134 -52.75 27.72 8.78
C ARG A 134 -52.69 29.22 8.53
N TYR A 135 -52.16 29.62 7.37
CA TYR A 135 -52.20 31.02 6.96
C TYR A 135 -53.65 31.49 6.84
N LEU A 136 -54.50 30.70 6.19
CA LEU A 136 -55.91 31.03 6.08
C LEU A 136 -56.61 30.95 7.42
N ALA A 137 -56.09 30.14 8.33
CA ALA A 137 -56.70 29.99 9.63
C ALA A 137 -56.47 31.21 10.51
N ILE A 138 -55.24 31.74 10.53
CA ILE A 138 -54.92 32.74 11.55
C ILE A 138 -55.37 34.14 11.12
N VAL A 139 -55.23 34.49 9.84
CA VAL A 139 -55.54 35.86 9.47
C VAL A 139 -56.95 35.98 8.90
N HIS A 140 -57.42 35.00 8.14
CA HIS A 140 -58.77 34.98 7.62
C HIS A 140 -59.65 34.06 8.46
N ALA A 141 -59.69 34.33 9.77
CA ALA A 141 -60.43 33.47 10.67
C ALA A 141 -61.93 33.71 10.57
N THR A 142 -62.34 34.87 10.05
CA THR A 142 -63.75 35.24 10.01
C THR A 142 -64.36 35.05 8.63
N ASN A 143 -63.69 35.54 7.59
CA ASN A 143 -64.30 35.65 6.27
C ASN A 143 -63.94 34.50 5.34
N SER A 144 -63.69 33.32 5.93
CA SER A 144 -63.46 32.11 5.15
C SER A 144 -63.82 30.93 6.04
N GLN A 145 -64.93 30.27 5.72
CA GLN A 145 -65.25 28.96 6.26
C GLN A 145 -65.42 27.93 5.15
N ARG A 146 -66.26 28.23 4.17
CA ARG A 146 -66.33 27.42 2.95
C ARG A 146 -65.02 27.30 2.16
N PRO A 147 -64.13 28.31 2.11
CA PRO A 147 -62.81 28.04 1.49
C PRO A 147 -62.00 26.95 2.16
N ARG A 148 -62.17 26.70 3.47
CA ARG A 148 -61.45 25.61 4.11
C ARG A 148 -61.86 24.27 3.54
N LYS A 149 -63.16 24.02 3.44
CA LYS A 149 -63.60 22.75 2.88
C LYS A 149 -63.37 22.69 1.38
N LEU A 150 -63.30 23.85 0.72
CA LEU A 150 -62.93 23.86 -0.69
C LEU A 150 -61.50 23.40 -0.89
N LEU A 151 -60.56 24.01 -0.16
CA LEU A 151 -59.17 23.64 -0.32
C LEU A 151 -58.82 22.35 0.38
N ALA A 152 -59.73 21.77 1.16
CA ALA A 152 -59.48 20.46 1.76
C ALA A 152 -60.23 19.34 1.06
N GLU A 153 -61.19 19.64 0.19
CA GLU A 153 -61.96 18.60 -0.47
C GLU A 153 -61.78 18.60 -1.99
N LYS A 154 -61.89 19.75 -2.64
CA LYS A 154 -61.90 19.77 -4.09
C LYS A 154 -60.56 20.18 -4.68
N VAL A 155 -59.85 21.09 -4.02
CA VAL A 155 -58.59 21.60 -4.54
C VAL A 155 -57.48 20.57 -4.39
N VAL A 156 -57.62 19.66 -3.43
CA VAL A 156 -56.55 18.71 -3.09
C VAL A 156 -56.27 17.75 -4.26
N TYR A 157 -57.31 17.24 -4.90
CA TYR A 157 -57.14 16.24 -5.96
C TYR A 157 -56.48 16.85 -7.18
N VAL A 158 -56.87 18.06 -7.55
CA VAL A 158 -56.34 18.69 -8.74
C VAL A 158 -54.99 19.36 -8.47
N GLY A 159 -54.70 19.71 -7.22
CA GLY A 159 -53.48 20.45 -6.95
C GLY A 159 -52.38 19.65 -6.28
N VAL A 160 -52.64 18.40 -5.91
CA VAL A 160 -51.63 17.53 -5.31
C VAL A 160 -51.30 16.37 -6.22
N TRP A 161 -52.27 15.51 -6.48
CA TRP A 161 -51.97 14.28 -7.20
C TRP A 161 -51.84 14.50 -8.70
N ILE A 162 -52.62 15.43 -9.26
CA ILE A 162 -52.49 15.76 -10.68
C ILE A 162 -51.14 16.35 -11.06
N PRO A 163 -50.59 17.37 -10.34
CA PRO A 163 -49.22 17.78 -10.68
C PRO A 163 -48.18 16.72 -10.39
N ALA A 164 -48.41 15.92 -9.35
CA ALA A 164 -47.44 14.90 -9.00
C ALA A 164 -47.58 13.67 -9.91
N LEU A 165 -48.63 13.62 -10.73
CA LEU A 165 -48.62 12.59 -11.76
C LEU A 165 -48.10 13.14 -13.09
N LEU A 166 -48.40 14.39 -13.41
CA LEU A 166 -47.91 14.93 -14.68
C LEU A 166 -46.43 15.28 -14.63
N LEU A 167 -45.85 15.42 -13.44
CA LEU A 167 -44.41 15.52 -13.31
C LEU A 167 -43.71 14.16 -13.37
N THR A 168 -44.48 13.08 -13.41
CA THR A 168 -43.90 11.73 -13.43
C THR A 168 -44.21 11.00 -14.74
N ILE A 169 -44.32 11.73 -15.83
CA ILE A 169 -44.27 11.08 -17.15
C ILE A 169 -42.87 10.56 -17.52
N PRO A 170 -41.76 11.31 -17.35
CA PRO A 170 -40.45 10.77 -17.82
C PRO A 170 -39.97 9.52 -17.12
N ASP A 171 -40.35 9.28 -15.87
CA ASP A 171 -40.00 8.00 -15.29
C ASP A 171 -41.04 6.91 -15.55
N PHE A 172 -42.17 7.26 -16.17
CA PHE A 172 -43.02 6.25 -16.78
C PHE A 172 -42.49 5.82 -18.13
N ILE A 173 -41.94 6.76 -18.90
CA ILE A 173 -41.65 6.50 -20.30
C ILE A 173 -40.19 6.22 -20.63
N PHE A 174 -39.26 6.54 -19.72
CA PHE A 174 -37.86 6.25 -19.97
C PHE A 174 -37.27 5.15 -19.10
N ALA A 175 -37.94 4.73 -18.03
CA ALA A 175 -37.35 3.84 -17.06
C ALA A 175 -37.21 2.42 -17.61
N ASN A 176 -36.06 1.79 -17.35
CA ASN A 176 -35.80 0.43 -17.80
C ASN A 176 -34.77 -0.21 -16.89
N VAL A 177 -34.77 -1.54 -16.88
CA VAL A 177 -33.73 -2.31 -16.22
C VAL A 177 -32.58 -2.51 -17.19
N SER A 178 -31.42 -2.89 -16.66
CA SER A 178 -30.25 -3.12 -17.51
C SER A 178 -29.34 -4.13 -16.85
N GLU A 179 -28.75 -4.99 -17.68
CA GLU A 179 -27.67 -5.87 -17.26
C GLU A 179 -26.38 -5.21 -17.75
N ALA A 180 -25.76 -4.45 -16.86
CA ALA A 180 -24.46 -3.83 -17.14
C ALA A 180 -23.40 -4.74 -16.53
N ASP A 181 -22.69 -5.47 -17.39
CA ASP A 181 -21.72 -6.52 -17.05
C ASP A 181 -22.46 -7.55 -16.20
N ASP A 182 -22.10 -7.77 -14.95
CA ASP A 182 -22.73 -8.81 -14.15
C ASP A 182 -24.06 -8.36 -13.57
N ARG A 183 -24.20 -7.07 -13.28
CA ARG A 183 -25.23 -6.59 -12.38
C ARG A 183 -26.53 -6.27 -13.11
N TYR A 184 -27.63 -6.84 -12.61
CA TYR A 184 -28.98 -6.43 -12.98
C TYR A 184 -29.32 -5.20 -12.17
N ILE A 185 -29.45 -4.06 -12.85
CA ILE A 185 -29.56 -2.76 -12.20
C ILE A 185 -30.95 -2.19 -12.45
N CYS A 186 -31.66 -1.89 -11.37
CA CYS A 186 -32.84 -1.03 -11.41
C CYS A 186 -32.39 0.36 -10.98
N ASP A 187 -32.31 1.28 -11.94
CA ASP A 187 -31.82 2.61 -11.66
C ASP A 187 -32.31 3.56 -12.73
N ARG A 188 -32.47 4.82 -12.33
CA ARG A 188 -32.94 5.88 -13.22
C ARG A 188 -31.94 6.13 -14.35
N PHE A 189 -32.36 5.87 -15.59
CA PHE A 189 -31.49 5.91 -16.76
C PHE A 189 -31.97 6.95 -17.76
N TYR A 190 -31.04 7.78 -18.24
CA TYR A 190 -31.23 8.95 -19.10
C TYR A 190 -30.36 8.92 -20.35
N PRO A 191 -30.83 9.52 -21.45
CA PRO A 191 -30.06 9.47 -22.72
C PRO A 191 -28.72 10.16 -22.69
N ASN A 192 -28.57 11.24 -21.92
CA ASN A 192 -27.29 11.94 -21.84
C ASN A 192 -27.18 12.62 -20.49
N ASP A 193 -26.06 13.31 -20.28
CA ASP A 193 -25.78 13.89 -18.98
C ASP A 193 -26.56 15.16 -18.68
N LEU A 194 -26.91 15.93 -19.71
CA LEU A 194 -27.58 17.20 -19.44
C LEU A 194 -29.04 17.01 -19.04
N TRP A 195 -29.68 15.92 -19.47
CA TRP A 195 -31.01 15.61 -18.95
C TRP A 195 -30.98 15.36 -17.45
N VAL A 196 -29.89 14.77 -16.96
CA VAL A 196 -29.75 14.49 -15.53
C VAL A 196 -29.72 15.79 -14.73
N VAL A 197 -28.95 16.77 -15.21
CA VAL A 197 -28.86 17.99 -14.42
C VAL A 197 -30.08 18.87 -14.64
N VAL A 198 -30.76 18.74 -15.78
CA VAL A 198 -32.04 19.42 -15.95
C VAL A 198 -33.06 18.90 -14.95
N PHE A 199 -33.12 17.56 -14.80
CA PHE A 199 -33.98 16.96 -13.79
C PHE A 199 -33.56 17.39 -12.39
N GLN A 200 -32.26 17.40 -12.11
CA GLN A 200 -31.83 17.68 -10.75
C GLN A 200 -32.08 19.13 -10.38
N PHE A 201 -31.85 20.05 -11.31
CA PHE A 201 -32.11 21.45 -11.04
C PHE A 201 -33.60 21.69 -10.90
N GLN A 202 -34.41 21.10 -11.78
CA GLN A 202 -35.85 21.32 -11.64
C GLN A 202 -36.38 20.60 -10.42
N HIS A 203 -35.71 19.52 -10.03
CA HIS A 203 -36.11 18.73 -8.90
C HIS A 203 -35.88 19.47 -7.59
N ILE A 204 -34.70 20.06 -7.44
CA ILE A 204 -34.46 20.84 -6.23
C ILE A 204 -35.34 22.10 -6.23
N MET A 205 -35.61 22.68 -7.41
CA MET A 205 -36.34 23.95 -7.38
C MET A 205 -37.84 23.74 -7.18
N VAL A 206 -38.36 22.52 -7.40
CA VAL A 206 -39.78 22.32 -7.11
C VAL A 206 -39.92 21.56 -5.80
N GLY A 207 -38.86 20.90 -5.36
CA GLY A 207 -38.98 20.10 -4.16
C GLY A 207 -38.57 20.82 -2.90
N LEU A 208 -37.65 21.78 -3.00
CA LEU A 208 -37.21 22.55 -1.86
C LEU A 208 -37.42 24.03 -2.03
N ILE A 209 -37.09 24.58 -3.19
CA ILE A 209 -36.92 26.02 -3.32
C ILE A 209 -38.25 26.74 -3.32
N LEU A 210 -39.09 26.53 -4.34
CA LEU A 210 -40.37 27.26 -4.35
C LEU A 210 -41.34 26.87 -3.22
N PRO A 211 -41.43 25.62 -2.74
CA PRO A 211 -42.09 25.42 -1.45
C PRO A 211 -41.38 26.09 -0.31
N GLY A 212 -40.06 26.27 -0.41
CA GLY A 212 -39.34 27.02 0.61
C GLY A 212 -39.90 28.42 0.75
N ILE A 213 -39.90 29.19 -0.34
CA ILE A 213 -40.41 30.56 -0.28
C ILE A 213 -41.90 30.59 0.08
N VAL A 214 -42.69 29.65 -0.43
CA VAL A 214 -44.13 29.68 -0.15
C VAL A 214 -44.42 29.41 1.32
N ILE A 215 -43.80 28.37 1.87
CA ILE A 215 -43.97 28.03 3.29
C ILE A 215 -43.34 29.09 4.18
N LEU A 216 -42.18 29.64 3.79
CA LEU A 216 -41.52 30.64 4.62
C LEU A 216 -42.35 31.92 4.69
N SER A 217 -42.93 32.33 3.55
CA SER A 217 -43.82 33.50 3.55
C SER A 217 -45.08 33.23 4.36
N CYS A 218 -45.62 32.00 4.27
CA CYS A 218 -46.83 31.65 5.01
C CYS A 218 -46.61 31.77 6.51
N TYR A 219 -45.56 31.13 7.04
CA TYR A 219 -45.31 31.24 8.48
C TYR A 219 -44.81 32.61 8.89
N CYS A 220 -44.17 33.35 7.99
CA CYS A 220 -43.76 34.71 8.32
C CYS A 220 -44.98 35.61 8.55
N ILE A 221 -45.96 35.55 7.65
CA ILE A 221 -47.18 36.31 7.84
C ILE A 221 -47.98 35.78 9.03
N ILE A 222 -47.91 34.46 9.27
CA ILE A 222 -48.60 33.84 10.40
C ILE A 222 -48.11 34.42 11.72
N ILE A 223 -46.79 34.49 11.89
CA ILE A 223 -46.28 35.00 13.15
C ILE A 223 -46.38 36.52 13.19
N SER A 224 -46.36 37.18 12.03
CA SER A 224 -46.45 38.65 12.01
C SER A 224 -47.82 39.13 12.44
N LYS A 225 -48.87 38.42 12.05
CA LYS A 225 -50.19 38.78 12.52
C LYS A 225 -50.58 38.08 13.81
N LEU A 226 -49.86 37.04 14.21
CA LEU A 226 -50.07 36.47 15.54
C LEU A 226 -49.48 37.37 16.61
N SER A 227 -48.43 38.11 16.28
CA SER A 227 -47.85 39.07 17.22
C SER A 227 -48.81 40.21 17.56
N HIS A 228 -49.77 40.52 16.68
CA HIS A 228 -50.78 41.51 16.99
C HIS A 228 -51.74 41.04 18.07
N SER A 229 -51.85 39.74 18.30
CA SER A 229 -52.79 39.19 19.28
C SER A 229 -52.07 38.41 20.36
N LYS A 230 -51.01 39.00 20.92
CA LYS A 230 -50.28 38.35 22.00
C LYS A 230 -51.12 38.25 23.28
N GLY A 231 -52.08 39.15 23.46
CA GLY A 231 -52.97 39.08 24.61
C GLY A 231 -53.97 37.94 24.57
N HIS A 232 -54.16 37.32 23.41
CA HIS A 232 -55.02 36.15 23.25
C HIS A 232 -54.22 35.09 22.50
N GLN A 233 -53.46 34.28 23.25
CA GLN A 233 -52.67 33.23 22.63
C GLN A 233 -53.54 32.03 22.25
N LYS A 234 -54.27 31.49 23.24
CA LYS A 234 -55.33 30.47 23.09
C LYS A 234 -54.66 29.28 22.43
N ARG A 235 -55.16 28.79 21.28
CA ARG A 235 -54.90 27.47 20.70
C ARG A 235 -53.49 26.89 20.76
N LYS A 236 -52.53 27.56 20.10
CA LYS A 236 -51.17 27.06 19.87
C LYS A 236 -51.18 25.68 19.21
N ALA A 237 -52.07 25.52 18.23
CA ALA A 237 -52.11 24.30 17.43
C ALA A 237 -51.14 24.33 16.27
N LEU A 238 -50.40 25.43 16.10
CA LEU A 238 -49.43 25.54 15.02
C LEU A 238 -48.21 24.66 15.25
N LYS A 239 -47.94 24.30 16.50
CA LYS A 239 -46.67 23.67 16.89
C LYS A 239 -46.49 22.30 16.25
N THR A 240 -47.59 21.58 16.03
CA THR A 240 -47.54 20.30 15.34
C THR A 240 -47.01 20.47 13.92
N THR A 241 -47.59 21.44 13.20
CA THR A 241 -47.17 21.69 11.83
C THR A 241 -45.77 22.28 11.77
N VAL A 242 -45.39 23.07 12.76
CA VAL A 242 -44.04 23.62 12.81
C VAL A 242 -43.02 22.50 13.00
N ILE A 243 -43.26 21.58 13.93
CA ILE A 243 -42.35 20.47 14.12
C ILE A 243 -42.31 19.59 12.88
N LEU A 244 -43.45 19.45 12.20
CA LEU A 244 -43.49 18.66 10.97
C LEU A 244 -42.66 19.28 9.85
N ILE A 245 -42.82 20.58 9.60
CA ILE A 245 -42.06 21.22 8.52
C ILE A 245 -40.58 21.27 8.85
N LEU A 246 -40.23 21.53 10.10
CA LEU A 246 -38.82 21.60 10.47
C LEU A 246 -38.15 20.24 10.36
N ALA A 247 -38.82 19.19 10.80
CA ALA A 247 -38.24 17.86 10.72
C ALA A 247 -38.16 17.37 9.29
N PHE A 248 -39.17 17.69 8.48
CA PHE A 248 -39.16 17.27 7.09
C PHE A 248 -38.04 17.93 6.32
N PHE A 249 -37.87 19.23 6.53
CA PHE A 249 -36.79 19.92 5.85
C PHE A 249 -35.43 19.50 6.37
N ALA A 250 -35.33 19.19 7.67
CA ALA A 250 -34.06 18.71 8.22
C ALA A 250 -33.71 17.34 7.68
N CYS A 251 -34.71 16.49 7.43
CA CYS A 251 -34.41 15.20 6.84
C CYS A 251 -34.05 15.33 5.37
N TRP A 252 -34.68 16.24 4.64
CA TRP A 252 -34.48 16.22 3.21
C TRP A 252 -33.36 17.14 2.72
N LEU A 253 -32.91 18.09 3.53
CA LEU A 253 -31.91 19.06 3.07
C LEU A 253 -30.56 18.47 2.65
N PRO A 254 -29.92 17.55 3.39
CA PRO A 254 -28.64 17.02 2.88
C PRO A 254 -28.76 16.22 1.60
N TYR A 255 -29.91 15.62 1.33
CA TYR A 255 -30.13 15.00 0.02
C TYR A 255 -30.13 16.04 -1.08
N TYR A 256 -30.76 17.19 -0.83
CA TYR A 256 -30.80 18.25 -1.82
C TYR A 256 -29.41 18.85 -2.06
N ILE A 257 -28.63 19.03 -1.00
CA ILE A 257 -27.30 19.59 -1.24
C ILE A 257 -26.39 18.56 -1.90
N GLY A 258 -26.62 17.27 -1.64
CA GLY A 258 -25.85 16.25 -2.32
C GLY A 258 -26.15 16.19 -3.80
N ILE A 259 -27.43 16.26 -4.17
CA ILE A 259 -27.75 16.22 -5.59
C ILE A 259 -27.37 17.52 -6.26
N SER A 260 -27.32 18.63 -5.51
CA SER A 260 -26.80 19.86 -6.08
C SER A 260 -25.31 19.76 -6.37
N ILE A 261 -24.55 19.13 -5.46
CA ILE A 261 -23.13 18.95 -5.69
C ILE A 261 -22.88 17.98 -6.84
N ASP A 262 -23.73 16.96 -6.96
CA ASP A 262 -23.59 16.04 -8.08
C ASP A 262 -23.96 16.70 -9.40
N SER A 263 -24.93 17.61 -9.38
CA SER A 263 -25.21 18.41 -10.57
C SER A 263 -24.04 19.30 -10.92
N PHE A 264 -23.41 19.90 -9.91
CA PHE A 264 -22.31 20.82 -10.15
C PHE A 264 -21.07 20.10 -10.67
N ILE A 265 -20.85 18.86 -10.23
CA ILE A 265 -19.75 18.09 -10.79
C ILE A 265 -20.12 17.55 -12.16
N LEU A 266 -21.40 17.38 -12.46
CA LEU A 266 -21.77 16.94 -13.80
C LEU A 266 -21.89 18.11 -14.78
N LEU A 267 -21.86 19.34 -14.30
CA LEU A 267 -21.55 20.49 -15.15
C LEU A 267 -20.06 20.73 -15.28
N GLU A 268 -19.23 19.85 -14.71
CA GLU A 268 -17.76 19.84 -14.74
C GLU A 268 -17.14 21.21 -14.47
N ILE A 269 -17.70 21.90 -13.48
CA ILE A 269 -17.15 23.18 -13.05
C ILE A 269 -16.34 23.06 -11.76
N ILE A 270 -16.47 21.96 -11.03
CA ILE A 270 -15.86 21.80 -9.71
C ILE A 270 -15.01 20.54 -9.72
N LYS A 271 -14.38 20.27 -10.88
CA LYS A 271 -13.63 19.04 -11.06
C LYS A 271 -12.40 18.95 -10.15
N GLN A 272 -12.24 17.81 -9.50
CA GLN A 272 -11.05 17.52 -8.72
C GLN A 272 -10.47 16.15 -9.00
N GLY A 273 -11.32 15.15 -9.24
CA GLY A 273 -10.83 13.80 -9.43
C GLY A 273 -11.96 12.81 -9.30
N CYS A 274 -11.62 11.53 -9.54
CA CYS A 274 -12.62 10.49 -9.56
C CYS A 274 -13.09 10.14 -8.15
N GLU A 275 -12.16 10.01 -7.21
CA GLU A 275 -12.48 9.52 -5.88
C GLU A 275 -13.32 10.53 -5.10
N PHE A 276 -13.22 11.82 -5.44
CA PHE A 276 -14.12 12.81 -4.87
C PHE A 276 -15.56 12.55 -5.27
N GLU A 277 -15.78 12.20 -6.53
CA GLU A 277 -17.14 11.93 -6.99
C GLU A 277 -17.63 10.58 -6.48
N ASN A 278 -16.72 9.64 -6.22
CA ASN A 278 -17.12 8.40 -5.56
C ASN A 278 -17.56 8.65 -4.12
N THR A 279 -16.84 9.52 -3.40
CA THR A 279 -17.29 9.90 -2.06
C THR A 279 -18.60 10.67 -2.11
N VAL A 280 -18.82 11.44 -3.18
CA VAL A 280 -20.12 12.07 -3.38
C VAL A 280 -21.19 11.02 -3.56
N HIS A 281 -20.89 9.94 -4.29
CA HIS A 281 -21.84 8.86 -4.49
C HIS A 281 -22.20 8.18 -3.18
N LYS A 282 -21.18 7.89 -2.36
CA LYS A 282 -21.43 7.27 -1.06
C LYS A 282 -22.22 8.21 -0.14
N TRP A 283 -21.94 9.52 -0.24
CA TRP A 283 -22.71 10.50 0.51
C TRP A 283 -24.16 10.53 0.08
N ILE A 284 -24.40 10.40 -1.22
CA ILE A 284 -25.77 10.34 -1.73
C ILE A 284 -26.50 9.13 -1.18
N SER A 285 -25.83 7.98 -1.14
CA SER A 285 -26.46 6.77 -0.61
C SER A 285 -26.83 6.93 0.86
N ILE A 286 -25.89 7.43 1.67
CA ILE A 286 -26.20 7.53 3.09
C ILE A 286 -27.18 8.68 3.36
N THR A 287 -27.18 9.73 2.55
CA THR A 287 -28.13 10.79 2.83
C THR A 287 -29.50 10.48 2.28
N GLU A 288 -29.61 9.64 1.26
CA GLU A 288 -30.96 9.26 0.92
C GLU A 288 -31.48 8.36 2.02
N ALA A 289 -30.66 7.41 2.52
CA ALA A 289 -31.06 6.56 3.66
C ALA A 289 -31.46 7.38 4.87
N LEU A 290 -30.76 8.49 5.13
CA LEU A 290 -31.16 9.37 6.21
C LEU A 290 -32.42 10.16 5.88
N ALA A 291 -32.62 10.50 4.60
CA ALA A 291 -33.79 11.25 4.22
C ALA A 291 -35.04 10.38 4.18
N PHE A 292 -34.87 9.06 4.19
CA PHE A 292 -36.03 8.19 4.26
C PHE A 292 -36.64 8.20 5.65
N PHE A 293 -36.00 8.82 6.65
CA PHE A 293 -36.58 8.99 7.99
C PHE A 293 -37.86 9.84 7.93
N HIS A 294 -38.02 10.65 6.88
CA HIS A 294 -39.18 11.53 6.72
C HIS A 294 -40.53 10.83 6.70
N CYS A 295 -40.56 9.50 6.57
CA CYS A 295 -41.80 8.75 6.61
C CYS A 295 -42.50 8.88 7.95
N CYS A 296 -41.83 8.44 9.02
CA CYS A 296 -42.46 8.39 10.34
C CYS A 296 -42.31 9.72 11.08
N LEU A 297 -42.92 10.74 10.50
CA LEU A 297 -43.07 12.00 11.22
C LEU A 297 -44.52 12.36 11.46
N ASN A 298 -45.41 12.01 10.55
CA ASN A 298 -46.82 12.09 10.89
C ASN A 298 -47.24 11.14 12.03
N PRO A 299 -46.95 9.81 12.00
CA PRO A 299 -47.54 8.96 13.04
C PRO A 299 -46.84 9.06 14.39
N ILE A 300 -45.55 9.36 14.40
CA ILE A 300 -44.84 9.52 15.66
C ILE A 300 -45.33 10.75 16.39
N LEU A 301 -45.57 11.82 15.65
CA LEU A 301 -46.09 13.04 16.25
C LEU A 301 -47.56 12.87 16.64
N TYR A 302 -48.28 12.02 15.92
CA TYR A 302 -49.62 11.67 16.35
C TYR A 302 -49.60 10.88 17.64
N ALA A 303 -48.65 9.96 17.77
CA ALA A 303 -48.58 9.13 18.97
C ALA A 303 -48.13 9.93 20.17
N PHE A 304 -47.27 10.93 19.96
CA PHE A 304 -46.90 11.85 21.00
C PHE A 304 -47.97 12.92 21.24
N LEU A 305 -48.99 12.98 20.38
CA LEU A 305 -50.00 14.05 20.34
C LEU A 305 -49.34 15.42 20.25
N GLY A 306 -48.28 15.50 19.44
CA GLY A 306 -47.55 16.74 19.28
C GLY A 306 -47.64 17.27 17.87
N LYS B 25 15.46 19.74 5.31
CA LYS B 25 14.49 19.61 6.40
C LYS B 25 13.09 19.36 5.86
N GLU B 26 12.07 19.78 6.60
CA GLU B 26 10.68 19.48 6.25
C GLU B 26 9.94 20.76 5.89
N PRO B 27 9.44 20.91 4.65
CA PRO B 27 8.66 22.10 4.25
C PRO B 27 7.23 22.17 4.82
N CYS B 28 6.35 23.03 4.30
CA CYS B 28 4.99 23.06 4.85
C CYS B 28 4.23 21.76 4.56
N PHE B 29 4.22 21.34 3.29
CA PHE B 29 3.70 20.05 2.82
C PHE B 29 2.23 19.87 3.14
N ARG B 30 1.40 20.83 2.73
CA ARG B 30 -0.03 20.79 2.96
C ARG B 30 -0.81 20.50 1.69
N GLU B 31 -0.17 19.90 0.68
CA GLU B 31 -0.81 19.62 -0.60
C GLU B 31 -1.56 18.29 -0.60
N GLU B 32 -2.43 18.09 0.39
CA GLU B 32 -3.17 16.85 0.53
C GLU B 32 -4.67 17.05 0.76
N ASN B 33 -5.10 18.26 1.13
CA ASN B 33 -6.47 18.72 1.44
C ASN B 33 -7.55 17.67 1.64
N ALA B 34 -8.57 17.74 2.24
CA ALA B 34 -9.65 16.77 2.26
C ALA B 34 -10.81 16.62 1.30
N ASN B 35 -11.56 15.55 1.48
CA ASN B 35 -12.77 15.29 0.69
C ASN B 35 -14.01 15.18 1.55
N PHE B 36 -13.93 14.44 2.65
CA PHE B 36 -15.07 14.37 3.56
C PHE B 36 -15.35 15.70 4.22
N ASN B 37 -14.30 16.50 4.46
CA ASN B 37 -14.52 17.88 4.86
C ASN B 37 -15.22 18.66 3.75
N LYS B 38 -14.79 18.46 2.51
CA LYS B 38 -15.40 19.19 1.40
C LYS B 38 -16.83 18.76 1.12
N ILE B 39 -17.28 17.64 1.68
CA ILE B 39 -18.68 17.24 1.54
C ILE B 39 -19.47 17.68 2.78
N PHE B 40 -18.85 17.60 3.96
CA PHE B 40 -19.58 17.82 5.21
C PHE B 40 -19.60 19.27 5.68
N LEU B 41 -18.62 20.09 5.30
CA LEU B 41 -18.73 21.53 5.52
C LEU B 41 -19.94 22.18 4.85
N PRO B 42 -20.27 21.93 3.58
CA PRO B 42 -21.39 22.64 2.99
C PRO B 42 -22.73 22.26 3.53
N THR B 43 -22.90 21.02 3.97
CA THR B 43 -24.21 20.66 4.49
C THR B 43 -24.47 21.27 5.86
N ILE B 44 -23.44 21.37 6.71
CA ILE B 44 -23.65 22.06 7.99
C ILE B 44 -23.76 23.56 7.73
N TYR B 45 -23.06 24.08 6.73
CA TYR B 45 -23.22 25.49 6.35
C TYR B 45 -24.63 25.77 5.83
N SER B 46 -25.21 24.83 5.10
CA SER B 46 -26.53 25.09 4.54
C SER B 46 -27.62 24.95 5.59
N ILE B 47 -27.51 23.97 6.49
CA ILE B 47 -28.52 23.89 7.55
C ILE B 47 -28.41 25.08 8.48
N ILE B 48 -27.19 25.56 8.75
CA ILE B 48 -27.08 26.71 9.63
C ILE B 48 -27.48 27.99 8.89
N PHE B 49 -27.34 28.02 7.58
CA PHE B 49 -27.78 29.18 6.80
C PHE B 49 -29.29 29.25 6.74
N LEU B 50 -29.94 28.12 6.50
CA LEU B 50 -31.40 28.08 6.50
C LEU B 50 -31.96 28.42 7.87
N THR B 51 -31.42 27.84 8.94
CA THR B 51 -32.01 28.13 10.24
C THR B 51 -31.67 29.54 10.72
N GLY B 52 -30.53 30.10 10.31
CA GLY B 52 -30.20 31.46 10.68
C GLY B 52 -31.08 32.46 9.96
N ILE B 53 -31.27 32.27 8.65
CA ILE B 53 -32.12 33.16 7.86
C ILE B 53 -33.55 33.11 8.38
N VAL B 54 -34.07 31.89 8.61
CA VAL B 54 -35.47 31.74 9.00
C VAL B 54 -35.68 32.31 10.38
N GLY B 55 -34.93 31.82 11.37
CA GLY B 55 -35.17 32.23 12.73
C GLY B 55 -34.82 33.69 12.98
N ASN B 56 -33.75 34.18 12.38
CA ASN B 56 -33.37 35.55 12.63
C ASN B 56 -34.29 36.53 11.91
N GLY B 57 -34.78 36.18 10.71
CA GLY B 57 -35.79 37.02 10.08
C GLY B 57 -37.08 37.04 10.86
N LEU B 58 -37.48 35.89 11.41
CA LEU B 58 -38.67 35.84 12.24
C LEU B 58 -38.50 36.70 13.50
N VAL B 59 -37.34 36.62 14.15
CA VAL B 59 -37.20 37.35 15.42
C VAL B 59 -37.07 38.85 15.17
N ILE B 60 -36.43 39.25 14.06
CA ILE B 60 -36.36 40.67 13.72
C ILE B 60 -37.75 41.20 13.40
N LEU B 61 -38.53 40.45 12.62
CA LEU B 61 -39.86 40.90 12.24
C LEU B 61 -40.80 40.95 13.44
N VAL B 62 -40.66 40.01 14.38
CA VAL B 62 -41.62 40.03 15.47
C VAL B 62 -41.20 41.05 16.51
N MET B 63 -39.94 41.41 16.59
CA MET B 63 -39.55 42.21 17.73
C MET B 63 -39.06 43.60 17.36
N GLY B 64 -38.10 43.71 16.43
CA GLY B 64 -37.54 45.01 16.13
C GLY B 64 -38.40 45.89 15.24
N TYR B 65 -39.09 45.28 14.28
CA TYR B 65 -39.95 46.06 13.40
C TYR B 65 -41.24 46.48 14.09
N GLN B 66 -41.86 45.57 14.82
CA GLN B 66 -43.16 45.82 15.43
C GLN B 66 -43.08 46.35 16.84
N LYS B 67 -41.87 46.46 17.41
CA LYS B 67 -41.61 47.00 18.75
C LYS B 67 -42.38 46.24 19.83
N LYS B 68 -42.21 44.92 19.84
CA LYS B 68 -42.90 44.04 20.78
C LYS B 68 -42.07 43.75 22.01
N LEU B 69 -41.32 44.74 22.48
CA LEU B 69 -40.48 44.58 23.66
C LEU B 69 -41.32 44.56 24.95
N ARG B 70 -41.06 43.54 25.75
CA ARG B 70 -41.65 43.43 27.06
C ARG B 70 -40.61 43.59 28.15
N SER B 71 -39.48 42.89 28.03
CA SER B 71 -38.36 43.08 28.92
C SER B 71 -37.41 44.10 28.32
N MET B 72 -36.20 44.16 28.84
CA MET B 72 -35.17 45.07 28.39
C MET B 72 -33.93 44.35 27.88
N THR B 73 -33.68 43.12 28.35
CA THR B 73 -32.61 42.28 27.81
C THR B 73 -32.88 41.86 26.38
N ASP B 74 -34.14 41.92 25.97
CA ASP B 74 -34.50 41.53 24.63
C ASP B 74 -33.84 42.43 23.60
N LYS B 75 -33.59 43.71 23.93
CA LYS B 75 -32.84 44.61 23.04
C LYS B 75 -31.45 44.09 22.74
N TYR B 76 -30.79 43.52 23.76
CA TYR B 76 -29.49 42.93 23.53
C TYR B 76 -29.63 41.66 22.69
N ARG B 77 -30.74 40.95 22.87
CA ARG B 77 -31.00 39.82 21.98
C ARG B 77 -31.26 40.28 20.55
N LEU B 78 -31.85 41.48 20.37
CA LEU B 78 -31.99 42.04 19.02
C LEU B 78 -30.64 42.35 18.42
N HIS B 79 -29.74 42.91 19.21
CA HIS B 79 -28.41 43.24 18.70
C HIS B 79 -27.64 41.98 18.31
N LEU B 80 -27.77 40.93 19.13
CA LEU B 80 -27.19 39.64 18.78
C LEU B 80 -27.84 39.07 17.52
N SER B 81 -29.15 39.29 17.37
CA SER B 81 -29.83 38.86 16.15
C SER B 81 -29.30 39.60 14.94
N VAL B 82 -29.03 40.90 15.07
CA VAL B 82 -28.50 41.69 13.97
C VAL B 82 -27.13 41.19 13.56
N ALA B 83 -26.28 40.88 14.53
CA ALA B 83 -25.00 40.24 14.24
C ALA B 83 -25.19 38.88 13.57
N ASP B 84 -26.22 38.14 13.97
CA ASP B 84 -26.50 36.87 13.33
C ASP B 84 -26.96 37.05 11.88
N LEU B 85 -27.72 38.10 11.58
CA LEU B 85 -28.03 38.42 10.20
C LEU B 85 -26.75 38.69 9.41
N LEU B 86 -25.88 39.53 9.98
CA LEU B 86 -24.62 39.87 9.31
C LEU B 86 -23.73 38.65 9.10
N PHE B 87 -23.91 37.60 9.88
CA PHE B 87 -23.23 36.34 9.58
C PHE B 87 -23.99 35.51 8.55
N VAL B 88 -25.32 35.49 8.59
CA VAL B 88 -26.02 34.43 7.86
C VAL B 88 -26.23 34.82 6.39
N ILE B 89 -26.33 36.11 6.06
CA ILE B 89 -26.34 36.46 4.64
C ILE B 89 -25.00 36.15 3.98
N THR B 90 -23.90 36.40 4.69
CA THR B 90 -22.61 36.14 4.07
C THR B 90 -22.17 34.68 4.19
N LEU B 91 -22.93 33.87 4.91
CA LEU B 91 -22.61 32.45 5.07
C LEU B 91 -22.51 31.60 3.80
N PRO B 92 -23.40 31.70 2.79
CA PRO B 92 -23.17 30.89 1.57
C PRO B 92 -21.93 31.26 0.79
N PHE B 93 -21.38 32.46 0.99
CA PHE B 93 -20.06 32.77 0.45
C PHE B 93 -18.99 31.92 1.12
N TRP B 94 -19.13 31.69 2.42
CA TRP B 94 -18.26 30.73 3.09
C TRP B 94 -18.49 29.32 2.56
N ALA B 95 -19.72 29.00 2.16
CA ALA B 95 -20.00 27.68 1.60
C ALA B 95 -19.30 27.47 0.26
N VAL B 96 -19.38 28.44 -0.64
CA VAL B 96 -18.71 28.29 -1.92
C VAL B 96 -17.20 28.45 -1.74
N ASP B 97 -16.76 29.13 -0.68
CA ASP B 97 -15.34 29.10 -0.39
C ASP B 97 -14.92 27.75 0.16
N ALA B 98 -15.85 27.00 0.73
CA ALA B 98 -15.52 25.65 1.15
C ALA B 98 -15.44 24.68 -0.02
N VAL B 99 -16.44 24.69 -0.90
CA VAL B 99 -16.44 23.71 -1.99
C VAL B 99 -15.49 24.13 -3.09
N ALA B 100 -15.68 25.34 -3.60
CA ALA B 100 -14.78 25.93 -4.58
C ALA B 100 -13.77 26.82 -3.86
N ASN B 101 -13.04 27.65 -4.59
CA ASN B 101 -12.39 28.81 -4.00
C ASN B 101 -12.99 30.06 -4.65
N TRP B 102 -12.42 31.23 -4.33
CA TRP B 102 -13.12 32.49 -4.59
C TRP B 102 -13.14 32.83 -6.08
N TYR B 103 -14.34 33.08 -6.59
CA TYR B 103 -14.54 33.52 -7.96
C TYR B 103 -15.15 34.92 -8.02
N PHE B 104 -15.21 35.63 -6.90
CA PHE B 104 -16.06 36.82 -6.80
C PHE B 104 -15.31 38.05 -6.30
N GLY B 105 -13.99 38.06 -6.37
CA GLY B 105 -13.25 39.29 -6.14
C GLY B 105 -12.60 39.49 -4.79
N ASN B 106 -11.46 40.18 -4.80
CA ASN B 106 -10.75 40.48 -3.56
C ASN B 106 -11.54 41.41 -2.67
N PHE B 107 -12.35 42.30 -3.25
CA PHE B 107 -13.19 43.19 -2.47
C PHE B 107 -14.23 42.42 -1.68
N LEU B 108 -14.87 41.43 -2.31
CA LEU B 108 -15.88 40.67 -1.60
C LEU B 108 -15.24 39.66 -0.64
N CYS B 109 -14.02 39.20 -0.94
CA CYS B 109 -13.28 38.40 0.05
C CYS B 109 -12.94 39.23 1.28
N LYS B 110 -12.57 40.49 1.06
CA LYS B 110 -12.37 41.41 2.17
C LYS B 110 -13.67 41.63 2.93
N ALA B 111 -14.78 41.71 2.20
CA ALA B 111 -16.08 41.94 2.82
C ALA B 111 -16.48 40.78 3.72
N VAL B 112 -16.35 39.55 3.21
CA VAL B 112 -16.75 38.38 3.98
C VAL B 112 -15.84 38.20 5.20
N HIS B 113 -14.54 38.49 5.05
CA HIS B 113 -13.64 38.34 6.20
C HIS B 113 -13.91 39.40 7.26
N VAL B 114 -14.16 40.65 6.85
CA VAL B 114 -14.41 41.69 7.85
C VAL B 114 -15.76 41.50 8.52
N ILE B 115 -16.76 40.99 7.80
CA ILE B 115 -18.05 40.83 8.45
C ILE B 115 -18.05 39.59 9.33
N TYR B 116 -17.24 38.58 8.97
CA TYR B 116 -17.03 37.43 9.83
C TYR B 116 -16.40 37.85 11.15
N THR B 117 -15.36 38.68 11.08
CA THR B 117 -14.69 39.10 12.30
C THR B 117 -15.58 39.99 13.16
N VAL B 118 -16.35 40.89 12.53
CA VAL B 118 -17.15 41.78 13.36
C VAL B 118 -18.33 41.03 13.99
N ASN B 119 -18.91 40.03 13.31
CA ASN B 119 -20.01 39.33 13.95
C ASN B 119 -19.50 38.39 15.05
N LEU B 120 -18.35 37.76 14.80
CA LEU B 120 -17.74 36.88 15.80
C LEU B 120 -17.34 37.67 17.04
N TYR B 121 -16.87 38.90 16.87
CA TYR B 121 -16.52 39.68 18.05
C TYR B 121 -17.75 40.28 18.73
N SER B 122 -18.73 40.73 17.94
CA SER B 122 -19.88 41.41 18.52
C SER B 122 -20.77 40.46 19.28
N SER B 123 -20.77 39.17 18.92
CA SER B 123 -21.54 38.19 19.67
C SER B 123 -21.02 38.06 21.10
N VAL B 124 -19.71 37.88 21.25
CA VAL B 124 -19.18 37.68 22.60
C VAL B 124 -19.19 38.99 23.38
N LEU B 125 -19.11 40.13 22.70
CA LEU B 125 -19.19 41.38 23.44
C LEU B 125 -20.60 41.68 23.90
N ILE B 126 -21.63 41.32 23.11
CA ILE B 126 -22.98 41.56 23.59
C ILE B 126 -23.36 40.54 24.65
N LEU B 127 -22.73 39.36 24.64
CA LEU B 127 -22.95 38.46 25.76
C LEU B 127 -22.26 38.94 27.03
N ALA B 128 -21.08 39.55 26.89
CA ALA B 128 -20.46 40.19 28.05
C ALA B 128 -21.32 41.34 28.57
N PHE B 129 -21.98 42.05 27.66
CA PHE B 129 -22.81 43.16 28.08
C PHE B 129 -24.09 42.68 28.76
N ILE B 130 -24.68 41.57 28.29
CA ILE B 130 -25.86 41.07 28.97
C ILE B 130 -25.47 40.44 30.30
N SER B 131 -24.22 39.97 30.40
CA SER B 131 -23.64 39.51 31.66
C SER B 131 -23.62 40.61 32.70
N LEU B 132 -23.00 41.71 32.32
CA LEU B 132 -22.93 42.87 33.17
C LEU B 132 -24.31 43.42 33.44
N ASP B 133 -25.23 43.24 32.50
CA ASP B 133 -26.59 43.72 32.67
C ASP B 133 -27.30 42.95 33.77
N ARG B 134 -27.22 41.62 33.74
CA ARG B 134 -27.86 40.86 34.81
C ARG B 134 -27.19 41.10 36.15
N TYR B 135 -25.88 41.36 36.13
CA TYR B 135 -25.17 41.68 37.36
C TYR B 135 -25.67 42.98 37.99
N LEU B 136 -25.79 44.04 37.17
CA LEU B 136 -26.34 45.30 37.67
C LEU B 136 -27.82 45.20 37.98
N ALA B 137 -28.54 44.32 37.28
CA ALA B 137 -29.97 44.22 37.49
C ALA B 137 -30.30 43.57 38.82
N ILE B 138 -29.53 42.55 39.20
CA ILE B 138 -29.88 41.85 40.43
C ILE B 138 -29.09 42.38 41.62
N VAL B 139 -27.81 42.75 41.44
CA VAL B 139 -27.05 43.30 42.55
C VAL B 139 -27.54 44.70 42.89
N HIS B 140 -27.58 45.58 41.91
CA HIS B 140 -28.04 46.95 42.12
C HIS B 140 -29.51 47.09 41.76
N ALA B 141 -30.34 46.31 42.45
CA ALA B 141 -31.78 46.34 42.21
C ALA B 141 -32.45 47.54 42.84
N THR B 142 -31.74 48.30 43.68
CA THR B 142 -32.32 49.43 44.39
C THR B 142 -32.10 50.76 43.67
N ASN B 143 -30.89 51.00 43.18
CA ASN B 143 -30.54 52.29 42.62
C ASN B 143 -30.34 52.29 41.11
N SER B 144 -30.08 51.15 40.50
CA SER B 144 -29.83 51.08 39.05
C SER B 144 -31.13 50.76 38.34
N GLN B 145 -31.96 51.79 38.19
CA GLN B 145 -33.17 51.71 37.38
C GLN B 145 -33.17 52.68 36.21
N ARG B 146 -32.55 53.84 36.37
CA ARG B 146 -32.14 54.70 35.26
C ARG B 146 -30.80 54.31 34.61
N PRO B 147 -29.74 53.90 35.34
CA PRO B 147 -28.53 53.44 34.64
C PRO B 147 -28.73 52.23 33.75
N ARG B 148 -29.68 51.35 34.06
CA ARG B 148 -29.94 50.23 33.16
C ARG B 148 -30.53 50.69 31.83
N LYS B 149 -31.38 51.72 31.85
CA LYS B 149 -31.84 52.30 30.60
C LYS B 149 -30.73 53.08 29.90
N LEU B 150 -29.82 53.69 30.68
CA LEU B 150 -28.68 54.39 30.10
C LEU B 150 -27.77 53.45 29.33
N LEU B 151 -27.50 52.28 29.89
CA LEU B 151 -26.73 51.27 29.20
C LEU B 151 -27.55 50.49 28.19
N ALA B 152 -28.88 50.61 28.24
CA ALA B 152 -29.71 50.07 27.18
C ALA B 152 -29.63 50.93 25.92
N GLU B 153 -29.59 52.25 26.08
CA GLU B 153 -29.70 53.16 24.96
C GLU B 153 -28.36 53.69 24.49
N LYS B 154 -27.59 54.31 25.38
CA LYS B 154 -26.50 55.17 24.95
C LYS B 154 -25.17 54.43 24.76
N VAL B 155 -24.66 53.81 25.83
CA VAL B 155 -23.28 53.34 25.82
C VAL B 155 -23.12 52.00 25.14
N VAL B 156 -24.21 51.34 24.78
CA VAL B 156 -24.12 50.00 24.21
C VAL B 156 -23.53 50.01 22.79
N TYR B 157 -23.87 51.04 22.00
CA TYR B 157 -23.42 51.07 20.61
C TYR B 157 -21.92 51.30 20.51
N VAL B 158 -21.41 52.28 21.27
CA VAL B 158 -19.97 52.47 21.37
C VAL B 158 -19.32 51.36 22.20
N GLY B 159 -20.12 50.57 22.92
CA GLY B 159 -19.55 49.46 23.66
C GLY B 159 -19.23 48.26 22.81
N VAL B 160 -20.14 47.89 21.91
CA VAL B 160 -19.99 46.68 21.10
C VAL B 160 -19.63 46.97 19.64
N TRP B 161 -20.32 47.91 18.99
CA TRP B 161 -20.20 48.03 17.55
C TRP B 161 -18.92 48.76 17.17
N ILE B 162 -18.59 49.82 17.89
CA ILE B 162 -17.38 50.58 17.60
C ILE B 162 -16.09 49.78 17.84
N PRO B 163 -15.89 49.06 18.98
CA PRO B 163 -14.65 48.28 19.09
C PRO B 163 -14.53 47.17 18.08
N ALA B 164 -15.65 46.54 17.73
CA ALA B 164 -15.63 45.45 16.76
C ALA B 164 -15.22 45.94 15.38
N LEU B 165 -15.66 47.14 15.00
CA LEU B 165 -15.24 47.66 13.72
C LEU B 165 -13.81 48.19 13.77
N LEU B 166 -13.40 48.77 14.89
CA LEU B 166 -12.06 49.34 14.92
C LEU B 166 -10.97 48.28 15.08
N LEU B 167 -11.31 47.08 15.55
CA LEU B 167 -10.30 46.04 15.60
C LEU B 167 -10.07 45.35 14.27
N THR B 168 -10.84 45.69 13.24
CA THR B 168 -10.79 44.97 11.98
C THR B 168 -10.08 45.75 10.88
N ILE B 169 -9.30 46.76 11.25
CA ILE B 169 -8.40 47.39 10.28
C ILE B 169 -7.37 46.40 9.74
N PRO B 170 -6.73 45.52 10.55
CA PRO B 170 -5.99 44.42 9.92
C PRO B 170 -6.84 43.47 9.09
N ASP B 171 -8.10 43.29 9.46
CA ASP B 171 -8.98 42.49 8.64
C ASP B 171 -9.36 43.20 7.35
N PHE B 172 -9.30 44.52 7.33
CA PHE B 172 -9.44 45.24 6.06
C PHE B 172 -8.17 45.09 5.24
N ILE B 173 -7.01 45.24 5.86
CA ILE B 173 -5.78 45.39 5.06
C ILE B 173 -5.27 44.04 4.56
N PHE B 174 -5.16 43.05 5.45
CA PHE B 174 -4.43 41.83 5.11
C PHE B 174 -5.27 40.89 4.27
N ALA B 175 -6.57 41.11 4.20
CA ALA B 175 -7.44 40.23 3.44
C ALA B 175 -7.30 40.52 1.96
N ASN B 176 -7.18 39.45 1.17
CA ASN B 176 -7.07 39.53 -0.29
C ASN B 176 -7.38 38.16 -0.87
N VAL B 177 -7.23 38.05 -2.18
CA VAL B 177 -7.27 36.77 -2.88
C VAL B 177 -5.93 36.55 -3.54
N SER B 178 -5.42 35.33 -3.49
CA SER B 178 -4.11 35.00 -4.02
C SER B 178 -4.23 34.03 -5.17
N GLU B 179 -3.38 34.23 -6.18
CA GLU B 179 -3.37 33.34 -7.33
C GLU B 179 -2.78 31.98 -6.94
N ALA B 180 -3.18 30.96 -7.70
CA ALA B 180 -2.76 29.58 -7.46
C ALA B 180 -2.94 28.81 -8.77
N ASP B 181 -2.92 27.48 -8.67
CA ASP B 181 -3.24 26.62 -9.80
C ASP B 181 -4.74 26.67 -10.11
N ASP B 182 -5.12 27.77 -10.78
CA ASP B 182 -6.49 28.23 -11.08
C ASP B 182 -7.47 28.05 -9.91
N ARG B 183 -7.02 28.33 -8.70
CA ARG B 183 -7.85 28.20 -7.50
C ARG B 183 -8.44 29.52 -7.05
N TYR B 184 -7.57 30.52 -6.81
CA TYR B 184 -7.92 31.83 -6.23
C TYR B 184 -8.59 31.66 -4.86
N ILE B 185 -7.78 31.20 -3.91
CA ILE B 185 -8.25 31.01 -2.54
C ILE B 185 -8.47 32.36 -1.87
N CYS B 186 -9.58 32.48 -1.13
CA CYS B 186 -9.87 33.69 -0.37
C CYS B 186 -9.29 33.48 1.03
N ASP B 187 -8.12 34.06 1.26
CA ASP B 187 -7.43 33.90 2.53
C ASP B 187 -6.66 35.17 2.85
N ARG B 188 -6.55 35.47 4.13
CA ARG B 188 -5.72 36.60 4.55
C ARG B 188 -4.26 36.17 4.58
N PHE B 189 -3.37 37.11 4.27
CA PHE B 189 -1.95 36.83 4.23
C PHE B 189 -1.20 37.95 4.94
N TYR B 190 -0.04 37.59 5.45
CA TYR B 190 0.75 38.41 6.35
C TYR B 190 2.20 38.39 5.88
N PRO B 191 3.00 39.40 6.28
CA PRO B 191 4.42 39.40 5.86
C PRO B 191 5.22 38.20 6.35
N ASN B 192 4.89 37.64 7.51
CA ASN B 192 5.52 36.41 7.98
C ASN B 192 4.52 35.68 8.85
N ASP B 193 4.95 34.52 9.37
CA ASP B 193 4.11 33.76 10.29
C ASP B 193 4.04 34.41 11.67
N LEU B 194 4.97 35.31 11.98
CA LEU B 194 4.93 36.02 13.26
C LEU B 194 3.70 36.91 13.36
N TRP B 195 3.37 37.62 12.28
CA TRP B 195 2.15 38.42 12.25
C TRP B 195 0.91 37.55 12.33
N VAL B 196 0.95 36.34 11.73
CA VAL B 196 -0.16 35.42 11.82
C VAL B 196 -0.39 34.99 13.27
N VAL B 197 0.69 34.54 13.93
CA VAL B 197 0.52 33.98 15.27
C VAL B 197 0.21 35.07 16.28
N VAL B 198 0.69 36.30 16.06
CA VAL B 198 0.27 37.36 16.98
C VAL B 198 -1.16 37.77 16.68
N PHE B 199 -1.63 37.54 15.45
CA PHE B 199 -3.04 37.82 15.16
C PHE B 199 -3.96 36.80 15.84
N GLN B 200 -3.63 35.51 15.77
CA GLN B 200 -4.46 34.59 16.54
C GLN B 200 -4.20 34.70 18.05
N PHE B 201 -3.07 35.25 18.47
CA PHE B 201 -2.87 35.47 19.90
C PHE B 201 -3.80 36.57 20.42
N GLN B 202 -3.87 37.69 19.71
CA GLN B 202 -4.81 38.73 20.13
C GLN B 202 -6.24 38.25 19.93
N HIS B 203 -6.48 37.45 18.89
CA HIS B 203 -7.79 36.88 18.65
C HIS B 203 -8.25 36.00 19.80
N ILE B 204 -7.37 35.12 20.28
CA ILE B 204 -7.76 34.22 21.36
C ILE B 204 -7.93 34.98 22.66
N MET B 205 -7.09 36.00 22.92
CA MET B 205 -7.18 36.66 24.22
C MET B 205 -8.43 37.53 24.30
N VAL B 206 -8.65 38.43 23.35
CA VAL B 206 -9.83 39.27 23.46
C VAL B 206 -11.04 38.61 22.79
N GLY B 207 -10.94 37.33 22.44
CA GLY B 207 -12.12 36.63 22.03
C GLY B 207 -12.64 35.69 23.10
N LEU B 208 -11.74 35.18 23.94
CA LEU B 208 -12.17 34.25 24.98
C LEU B 208 -11.92 34.76 26.38
N ILE B 209 -10.69 35.17 26.72
CA ILE B 209 -10.31 35.16 28.14
C ILE B 209 -10.89 36.37 28.86
N LEU B 210 -10.75 37.57 28.31
CA LEU B 210 -11.26 38.77 28.97
C LEU B 210 -12.79 38.80 29.04
N PRO B 211 -13.55 38.53 27.97
CA PRO B 211 -15.00 38.33 28.18
C PRO B 211 -15.30 37.14 29.07
N GLY B 212 -14.49 36.08 28.99
CA GLY B 212 -14.71 34.94 29.86
C GLY B 212 -14.47 35.25 31.31
N ILE B 213 -13.41 36.01 31.61
CA ILE B 213 -13.14 36.30 33.01
C ILE B 213 -14.16 37.29 33.57
N VAL B 214 -14.64 38.25 32.75
CA VAL B 214 -15.65 39.16 33.30
C VAL B 214 -17.00 38.46 33.45
N ILE B 215 -17.32 37.55 32.54
CA ILE B 215 -18.56 36.78 32.63
C ILE B 215 -18.55 35.86 33.84
N LEU B 216 -17.45 35.13 34.04
CA LEU B 216 -17.35 34.22 35.18
C LEU B 216 -17.31 34.96 36.49
N SER B 217 -16.65 36.13 36.53
CA SER B 217 -16.58 36.90 37.76
C SER B 217 -17.94 37.45 38.15
N CYS B 218 -18.64 38.10 37.21
CA CYS B 218 -19.93 38.69 37.56
C CYS B 218 -20.98 37.60 37.79
N TYR B 219 -20.83 36.46 37.15
CA TYR B 219 -21.74 35.37 37.39
C TYR B 219 -21.51 34.63 38.69
N CYS B 220 -20.27 34.49 39.13
CA CYS B 220 -20.07 33.92 40.44
C CYS B 220 -20.51 34.89 41.54
N ILE B 221 -20.34 36.20 41.30
CA ILE B 221 -20.87 37.18 42.24
C ILE B 221 -22.40 37.13 42.25
N ILE B 222 -23.03 36.89 41.09
CA ILE B 222 -24.48 36.91 41.07
C ILE B 222 -25.05 35.64 41.70
N ILE B 223 -24.33 34.52 41.63
CA ILE B 223 -24.77 33.35 42.37
C ILE B 223 -24.54 33.53 43.86
N SER B 224 -23.43 34.16 44.24
CA SER B 224 -23.14 34.38 45.66
C SER B 224 -24.11 35.38 46.27
N LYS B 225 -24.63 36.30 45.47
CA LYS B 225 -25.60 37.27 45.99
C LYS B 225 -27.03 36.80 45.84
N LEU B 226 -27.31 35.83 44.97
CA LEU B 226 -28.62 35.20 44.98
C LEU B 226 -28.76 34.24 46.14
N SER B 227 -27.65 33.80 46.73
CA SER B 227 -27.69 32.92 47.89
C SER B 227 -28.25 33.62 49.12
N HIS B 228 -28.19 34.95 49.15
CA HIS B 228 -28.85 35.70 50.21
C HIS B 228 -30.36 35.70 50.06
N SER B 229 -30.87 35.42 48.86
CA SER B 229 -32.30 35.29 48.62
C SER B 229 -32.77 33.86 48.88
N LYS B 230 -34.02 33.74 49.31
CA LYS B 230 -34.57 32.45 49.72
C LYS B 230 -35.29 31.74 48.57
N GLY B 231 -34.62 31.63 47.42
CA GLY B 231 -35.19 30.99 46.25
C GLY B 231 -36.41 31.69 45.70
N HIS B 232 -36.24 32.95 45.27
CA HIS B 232 -37.36 33.77 44.83
C HIS B 232 -37.75 33.40 43.40
N GLN B 233 -38.69 34.15 42.84
CA GLN B 233 -39.16 33.92 41.48
C GLN B 233 -38.44 34.79 40.46
N LYS B 234 -37.45 35.57 40.89
CA LYS B 234 -36.59 36.28 39.94
C LYS B 234 -35.49 35.38 39.40
N ARG B 235 -35.28 34.21 40.01
CA ARG B 235 -34.32 33.24 39.48
C ARG B 235 -34.92 32.38 38.37
N LYS B 236 -36.19 32.58 38.03
CA LYS B 236 -36.78 31.85 36.93
C LYS B 236 -36.40 32.45 35.58
N ALA B 237 -35.76 33.62 35.57
CA ALA B 237 -35.37 34.26 34.32
C ALA B 237 -33.88 34.11 34.01
N LEU B 238 -33.08 33.63 34.97
CA LEU B 238 -31.65 33.51 34.71
C LEU B 238 -31.33 32.34 33.81
N LYS B 239 -32.24 31.36 33.74
CA LYS B 239 -31.94 30.10 33.09
C LYS B 239 -31.73 30.26 31.60
N THR B 240 -32.49 31.17 30.98
CA THR B 240 -32.29 31.49 29.57
C THR B 240 -30.92 32.09 29.32
N THR B 241 -30.50 33.00 30.20
CA THR B 241 -29.20 33.64 30.05
C THR B 241 -28.06 32.64 30.25
N VAL B 242 -28.20 31.75 31.23
CA VAL B 242 -27.10 30.82 31.47
C VAL B 242 -27.05 29.74 30.42
N ILE B 243 -28.19 29.32 29.86
CA ILE B 243 -28.11 28.33 28.79
C ILE B 243 -27.60 29.02 27.53
N LEU B 244 -27.85 30.33 27.38
CA LEU B 244 -27.30 31.10 26.27
C LEU B 244 -25.78 31.14 26.35
N ILE B 245 -25.23 31.53 27.50
CA ILE B 245 -23.79 31.68 27.59
C ILE B 245 -23.09 30.33 27.56
N LEU B 246 -23.70 29.28 28.15
CA LEU B 246 -23.03 28.00 28.17
C LEU B 246 -23.08 27.34 26.81
N ALA B 247 -24.17 27.52 26.07
CA ALA B 247 -24.24 27.02 24.71
C ALA B 247 -23.25 27.75 23.81
N PHE B 248 -23.14 29.07 23.98
CA PHE B 248 -22.19 29.84 23.18
C PHE B 248 -20.75 29.41 23.47
N PHE B 249 -20.41 29.29 24.74
CA PHE B 249 -19.04 28.93 25.09
C PHE B 249 -18.73 27.49 24.73
N ALA B 250 -19.72 26.59 24.81
CA ALA B 250 -19.50 25.21 24.42
C ALA B 250 -19.31 25.09 22.92
N CYS B 251 -20.00 25.92 22.14
CA CYS B 251 -19.80 25.87 20.70
C CYS B 251 -18.47 26.49 20.29
N TRP B 252 -18.08 27.59 20.93
CA TRP B 252 -16.85 28.25 20.48
C TRP B 252 -15.59 27.77 21.19
N LEU B 253 -15.70 26.91 22.19
CA LEU B 253 -14.50 26.43 22.87
C LEU B 253 -13.60 25.53 22.00
N PRO B 254 -14.09 24.51 21.28
CA PRO B 254 -13.14 23.67 20.52
C PRO B 254 -12.42 24.39 19.41
N TYR B 255 -13.03 25.38 18.78
CA TYR B 255 -12.29 26.20 17.82
C TYR B 255 -11.25 27.03 18.51
N TYR B 256 -11.50 27.45 19.74
CA TYR B 256 -10.52 28.21 20.49
C TYR B 256 -9.33 27.36 20.89
N ILE B 257 -9.57 26.13 21.32
CA ILE B 257 -8.47 25.21 21.60
C ILE B 257 -7.73 24.87 20.32
N GLY B 258 -8.46 24.76 19.20
CA GLY B 258 -7.81 24.46 17.93
C GLY B 258 -6.89 25.57 17.47
N ILE B 259 -7.34 26.82 17.57
CA ILE B 259 -6.48 27.92 17.16
C ILE B 259 -5.32 28.09 18.14
N SER B 260 -5.53 27.75 19.42
CA SER B 260 -4.44 27.82 20.39
C SER B 260 -3.36 26.78 20.07
N ILE B 261 -3.76 25.55 19.79
CA ILE B 261 -2.80 24.51 19.48
C ILE B 261 -2.14 24.76 18.12
N ASP B 262 -2.90 25.28 17.15
CA ASP B 262 -2.32 25.56 15.84
C ASP B 262 -1.34 26.72 15.89
N SER B 263 -1.60 27.71 16.75
CA SER B 263 -0.63 28.77 16.94
C SER B 263 0.59 28.27 17.70
N PHE B 264 0.38 27.31 18.60
CA PHE B 264 1.51 26.76 19.35
C PHE B 264 2.33 25.79 18.52
N ILE B 265 1.77 25.31 17.40
CA ILE B 265 2.57 24.55 16.43
C ILE B 265 3.67 25.43 15.86
N LEU B 266 3.31 26.64 15.47
CA LEU B 266 4.28 27.59 14.94
C LEU B 266 5.06 28.22 16.08
N LEU B 267 5.97 29.14 15.70
CA LEU B 267 6.97 29.77 16.57
C LEU B 267 7.83 28.75 17.33
N GLU B 268 7.98 27.56 16.74
CA GLU B 268 8.92 26.51 17.15
C GLU B 268 8.73 26.06 18.60
N ILE B 269 7.56 25.47 18.86
CA ILE B 269 7.28 24.77 20.11
C ILE B 269 7.04 23.29 19.87
N ILE B 270 6.03 22.96 19.09
CA ILE B 270 5.75 21.58 18.69
C ILE B 270 6.11 21.48 17.22
N LYS B 271 7.28 20.92 16.93
CA LYS B 271 7.78 20.81 15.56
C LYS B 271 7.83 19.37 15.07
N GLN B 272 7.13 18.45 15.74
CA GLN B 272 7.20 17.04 15.41
C GLN B 272 6.03 16.55 14.58
N GLY B 273 4.81 17.00 14.87
CA GLY B 273 3.65 16.50 14.19
C GLY B 273 3.19 17.29 12.97
N CYS B 274 3.90 17.18 11.86
CA CYS B 274 3.44 17.80 10.62
C CYS B 274 2.21 17.10 10.08
N GLU B 275 2.19 15.76 10.13
CA GLU B 275 0.97 15.02 9.87
C GLU B 275 -0.09 15.36 10.91
N PHE B 276 0.32 15.54 12.16
CA PHE B 276 -0.57 16.09 13.16
C PHE B 276 -0.96 17.53 12.84
N GLU B 277 -0.11 18.29 12.15
CA GLU B 277 -0.46 19.66 11.80
C GLU B 277 -1.58 19.73 10.77
N ASN B 278 -1.53 18.89 9.72
CA ASN B 278 -2.66 18.99 8.81
C ASN B 278 -3.88 18.24 9.32
N THR B 279 -3.74 17.28 10.24
CA THR B 279 -4.96 16.81 10.89
C THR B 279 -5.55 17.88 11.81
N VAL B 280 -4.71 18.72 12.40
CA VAL B 280 -5.20 19.89 13.14
C VAL B 280 -5.90 20.85 12.20
N HIS B 281 -5.39 20.97 10.97
CA HIS B 281 -6.06 21.80 9.97
C HIS B 281 -7.45 21.26 9.62
N LYS B 282 -7.55 19.94 9.45
CA LYS B 282 -8.85 19.31 9.18
C LYS B 282 -9.81 19.51 10.36
N TRP B 283 -9.31 19.29 11.58
CA TRP B 283 -10.13 19.42 12.76
C TRP B 283 -10.53 20.86 13.00
N ILE B 284 -9.64 21.81 12.70
CA ILE B 284 -9.95 23.21 12.92
C ILE B 284 -10.96 23.69 11.89
N SER B 285 -10.95 23.11 10.68
CA SER B 285 -11.98 23.45 9.72
C SER B 285 -13.32 22.90 10.15
N ILE B 286 -13.35 21.66 10.61
CA ILE B 286 -14.64 21.08 10.97
C ILE B 286 -15.16 21.72 12.26
N THR B 287 -14.29 22.14 13.17
CA THR B 287 -14.85 22.80 14.35
C THR B 287 -15.15 24.27 14.10
N GLU B 288 -14.53 24.89 13.09
CA GLU B 288 -14.96 26.21 12.67
C GLU B 288 -16.35 26.15 12.06
N ALA B 289 -16.65 25.05 11.39
CA ALA B 289 -18.03 24.82 10.95
C ALA B 289 -18.95 24.62 12.14
N LEU B 290 -18.57 23.73 13.05
CA LEU B 290 -19.47 23.34 14.13
C LEU B 290 -19.60 24.40 15.21
N ALA B 291 -18.80 25.44 15.18
CA ALA B 291 -18.93 26.53 16.14
C ALA B 291 -19.99 27.54 15.73
N PHE B 292 -20.68 27.32 14.63
CA PHE B 292 -21.61 28.31 14.10
C PHE B 292 -23.03 28.12 14.62
N PHE B 293 -23.23 27.27 15.62
CA PHE B 293 -24.56 27.06 16.19
C PHE B 293 -25.07 28.24 16.99
N HIS B 294 -24.25 29.27 17.21
CA HIS B 294 -24.64 30.41 18.03
C HIS B 294 -25.78 31.20 17.39
N CYS B 295 -25.82 31.26 16.07
CA CYS B 295 -26.92 31.96 15.41
C CYS B 295 -28.18 31.10 15.38
N CYS B 296 -28.03 29.79 15.43
CA CYS B 296 -29.20 28.91 15.47
C CYS B 296 -29.95 29.04 16.79
N LEU B 297 -29.22 29.15 17.88
CA LEU B 297 -29.80 28.96 19.20
C LEU B 297 -30.55 30.16 19.74
N ASN B 298 -30.35 31.35 19.17
CA ASN B 298 -31.10 32.51 19.61
C ASN B 298 -32.60 32.38 19.34
N PRO B 299 -33.08 31.90 18.19
CA PRO B 299 -34.52 31.59 18.11
C PRO B 299 -34.88 30.24 18.70
N ILE B 300 -33.92 29.35 18.94
CA ILE B 300 -34.22 28.09 19.61
C ILE B 300 -34.63 28.36 21.05
N LEU B 301 -33.98 29.34 21.70
CA LEU B 301 -34.37 29.71 23.05
C LEU B 301 -35.74 30.40 23.10
N TYR B 302 -36.25 30.88 21.97
CA TYR B 302 -37.63 31.33 21.91
C TYR B 302 -38.58 30.23 21.47
N ALA B 303 -38.08 29.18 20.83
CA ALA B 303 -38.91 27.99 20.62
C ALA B 303 -39.20 27.32 21.95
N PHE B 304 -38.21 27.26 22.84
CA PHE B 304 -38.42 26.89 24.23
C PHE B 304 -38.67 28.17 25.02
N LEU B 305 -38.61 28.07 26.35
CA LEU B 305 -38.68 29.26 27.18
C LEU B 305 -37.44 29.36 28.04
N LYS C 25 -12.82 -19.41 -6.15
CA LYS C 25 -13.53 -20.28 -5.22
C LYS C 25 -12.83 -20.33 -3.87
N GLU C 26 -12.62 -19.16 -3.27
CA GLU C 26 -11.97 -19.11 -1.97
C GLU C 26 -12.94 -19.56 -0.89
N PRO C 27 -12.58 -20.56 -0.06
CA PRO C 27 -13.53 -21.10 0.92
C PRO C 27 -13.86 -20.15 2.06
N CYS C 28 -12.86 -19.61 2.73
CA CYS C 28 -13.14 -18.85 3.94
C CYS C 28 -12.53 -17.46 3.96
N PHE C 29 -11.31 -17.29 3.45
CA PHE C 29 -10.50 -16.08 3.55
C PHE C 29 -10.39 -15.62 5.01
N ARG C 30 -9.69 -16.46 5.77
CA ARG C 30 -9.60 -16.27 7.21
C ARG C 30 -8.78 -15.05 7.57
N GLU C 31 -9.28 -14.27 8.52
CA GLU C 31 -8.65 -13.03 8.95
C GLU C 31 -8.69 -12.96 10.47
N GLU C 32 -8.09 -11.90 11.02
CA GLU C 32 -8.01 -11.71 12.46
C GLU C 32 -8.45 -10.31 12.89
N ASN C 33 -8.52 -9.35 11.98
CA ASN C 33 -8.56 -7.92 12.31
C ASN C 33 -9.90 -7.56 12.93
N ALA C 34 -10.00 -7.77 14.24
CA ALA C 34 -11.15 -7.33 15.03
C ALA C 34 -10.66 -6.73 16.33
N ASN C 35 -9.56 -5.98 16.27
CA ASN C 35 -8.90 -5.49 17.48
C ASN C 35 -9.76 -4.47 18.22
N PHE C 36 -10.46 -3.61 17.48
CA PHE C 36 -11.42 -2.72 18.11
C PHE C 36 -12.60 -3.50 18.66
N ASN C 37 -13.03 -4.54 17.93
CA ASN C 37 -14.16 -5.34 18.37
C ASN C 37 -13.80 -6.16 19.61
N LYS C 38 -12.57 -6.63 19.69
CA LYS C 38 -12.14 -7.46 20.82
C LYS C 38 -12.05 -6.69 22.13
N ILE C 39 -12.13 -5.37 22.08
CA ILE C 39 -12.28 -4.58 23.29
C ILE C 39 -13.67 -3.96 23.41
N PHE C 40 -14.37 -3.74 22.29
CA PHE C 40 -15.69 -3.17 22.39
C PHE C 40 -16.72 -4.17 22.85
N LEU C 41 -16.58 -5.44 22.49
CA LEU C 41 -17.48 -6.47 23.01
C LEU C 41 -17.39 -6.71 24.52
N PRO C 42 -16.21 -6.82 25.15
CA PRO C 42 -16.22 -7.03 26.61
C PRO C 42 -16.75 -5.87 27.42
N THR C 43 -16.52 -4.62 27.00
CA THR C 43 -17.03 -3.53 27.82
C THR C 43 -18.55 -3.43 27.74
N ILE C 44 -19.13 -3.72 26.57
CA ILE C 44 -20.57 -3.68 26.48
C ILE C 44 -21.16 -4.90 27.19
N TYR C 45 -20.46 -6.04 27.15
CA TYR C 45 -20.91 -7.20 27.90
C TYR C 45 -20.85 -6.94 29.40
N SER C 46 -19.83 -6.22 29.84
CA SER C 46 -19.69 -5.93 31.26
C SER C 46 -20.74 -4.94 31.74
N ILE C 47 -21.04 -3.91 30.96
CA ILE C 47 -22.03 -2.95 31.42
C ILE C 47 -23.42 -3.56 31.41
N ILE C 48 -23.71 -4.43 30.44
CA ILE C 48 -24.98 -5.15 30.45
C ILE C 48 -25.02 -6.13 31.62
N PHE C 49 -23.88 -6.73 31.95
CA PHE C 49 -23.76 -7.62 33.10
C PHE C 49 -24.10 -6.90 34.39
N LEU C 50 -23.49 -5.75 34.64
CA LEU C 50 -23.73 -5.03 35.90
C LEU C 50 -25.16 -4.50 35.98
N THR C 51 -25.64 -3.85 34.90
CA THR C 51 -26.98 -3.27 34.99
C THR C 51 -28.05 -4.36 34.99
N GLY C 52 -27.78 -5.50 34.37
CA GLY C 52 -28.73 -6.59 34.41
C GLY C 52 -28.78 -7.25 35.77
N ILE C 53 -27.63 -7.44 36.42
CA ILE C 53 -27.66 -8.11 37.72
C ILE C 53 -28.30 -7.20 38.77
N VAL C 54 -28.04 -5.89 38.73
CA VAL C 54 -28.69 -5.03 39.72
C VAL C 54 -30.17 -4.91 39.44
N GLY C 55 -30.55 -4.68 38.17
CA GLY C 55 -31.95 -4.53 37.85
C GLY C 55 -32.77 -5.78 38.11
N ASN C 56 -32.25 -6.93 37.70
CA ASN C 56 -32.97 -8.18 37.88
C ASN C 56 -33.05 -8.58 39.35
N GLY C 57 -31.95 -8.42 40.10
CA GLY C 57 -31.98 -8.76 41.51
C GLY C 57 -32.94 -7.88 42.28
N LEU C 58 -32.95 -6.58 42.00
CA LEU C 58 -33.88 -5.70 42.70
C LEU C 58 -35.32 -5.96 42.28
N VAL C 59 -35.56 -6.27 41.00
CA VAL C 59 -36.94 -6.44 40.61
C VAL C 59 -37.47 -7.79 41.11
N ILE C 60 -36.63 -8.81 41.25
CA ILE C 60 -37.17 -10.04 41.84
C ILE C 60 -37.33 -9.87 43.34
N LEU C 61 -36.44 -9.11 43.99
CA LEU C 61 -36.53 -8.90 45.43
C LEU C 61 -37.75 -8.06 45.79
N VAL C 62 -38.22 -7.22 44.88
CA VAL C 62 -39.43 -6.47 45.16
C VAL C 62 -40.66 -7.24 44.70
N MET C 63 -40.64 -7.82 43.50
CA MET C 63 -41.84 -8.50 42.99
C MET C 63 -42.05 -9.87 43.62
N GLY C 64 -41.11 -10.80 43.42
CA GLY C 64 -41.39 -12.18 43.74
C GLY C 64 -41.12 -12.55 45.18
N TYR C 65 -40.20 -11.86 45.83
CA TYR C 65 -39.83 -12.25 47.19
C TYR C 65 -40.88 -11.81 48.21
N GLN C 66 -41.61 -10.72 47.92
CA GLN C 66 -42.55 -10.20 48.90
C GLN C 66 -43.90 -9.84 48.27
N LYS C 67 -44.17 -10.34 47.06
CA LYS C 67 -45.50 -10.35 46.43
C LYS C 67 -46.08 -8.94 46.26
N LYS C 68 -45.40 -8.14 45.43
CA LYS C 68 -45.86 -6.80 45.13
C LYS C 68 -46.46 -6.70 43.72
N LEU C 69 -47.21 -7.70 43.31
CA LEU C 69 -47.90 -7.64 42.03
C LEU C 69 -49.21 -6.87 42.19
N ARG C 70 -49.43 -5.90 41.32
CA ARG C 70 -50.68 -5.15 41.29
C ARG C 70 -51.52 -5.46 40.06
N SER C 71 -50.90 -5.80 38.95
CA SER C 71 -51.56 -6.28 37.76
C SER C 71 -51.04 -7.68 37.44
N MET C 72 -51.72 -8.34 36.50
CA MET C 72 -51.30 -9.67 36.10
C MET C 72 -50.07 -9.63 35.19
N THR C 73 -49.74 -8.46 34.64
CA THR C 73 -48.53 -8.33 33.83
C THR C 73 -47.27 -8.39 34.68
N ASP C 74 -47.39 -8.16 35.98
CA ASP C 74 -46.22 -8.22 36.85
C ASP C 74 -45.67 -9.62 36.98
N LYS C 75 -46.53 -10.65 36.85
CA LYS C 75 -46.04 -12.02 36.81
C LYS C 75 -45.23 -12.28 35.54
N TYR C 76 -45.66 -11.71 34.42
CA TYR C 76 -44.90 -11.81 33.18
C TYR C 76 -43.55 -11.13 33.30
N ARG C 77 -43.54 -9.95 33.90
CA ARG C 77 -42.30 -9.26 34.16
C ARG C 77 -41.41 -10.02 35.15
N LEU C 78 -42.01 -10.75 36.08
CA LEU C 78 -41.26 -11.60 37.00
C LEU C 78 -40.56 -12.72 36.24
N HIS C 79 -41.29 -13.37 35.32
CA HIS C 79 -40.69 -14.46 34.57
C HIS C 79 -39.61 -13.96 33.61
N LEU C 80 -39.85 -12.79 33.00
CA LEU C 80 -38.83 -12.17 32.17
C LEU C 80 -37.61 -11.78 32.98
N SER C 81 -37.84 -11.39 34.23
CA SER C 81 -36.75 -11.08 35.14
C SER C 81 -35.94 -12.33 35.48
N VAL C 82 -36.62 -13.47 35.65
CA VAL C 82 -35.92 -14.73 35.89
C VAL C 82 -35.06 -15.11 34.70
N ALA C 83 -35.59 -14.93 33.49
CA ALA C 83 -34.83 -15.21 32.29
C ALA C 83 -33.61 -14.30 32.16
N ASP C 84 -33.79 -13.01 32.43
CA ASP C 84 -32.67 -12.10 32.33
C ASP C 84 -31.67 -12.30 33.45
N LEU C 85 -32.14 -12.78 34.60
CA LEU C 85 -31.22 -13.24 35.65
C LEU C 85 -30.33 -14.34 35.14
N LEU C 86 -30.94 -15.37 34.53
CA LEU C 86 -30.19 -16.50 34.00
C LEU C 86 -29.23 -16.07 32.90
N PHE C 87 -29.56 -15.00 32.19
CA PHE C 87 -28.64 -14.47 31.19
C PHE C 87 -27.49 -13.70 31.84
N VAL C 88 -27.74 -13.02 32.96
CA VAL C 88 -26.66 -12.26 33.58
C VAL C 88 -25.85 -13.11 34.55
N ILE C 89 -26.16 -14.38 34.73
CA ILE C 89 -25.08 -15.30 35.13
C ILE C 89 -24.05 -15.41 34.02
N THR C 90 -24.49 -15.62 32.79
CA THR C 90 -23.56 -16.08 31.76
C THR C 90 -22.90 -14.95 30.98
N LEU C 91 -23.30 -13.71 31.21
CA LEU C 91 -22.57 -12.60 30.59
C LEU C 91 -21.06 -12.51 30.86
N PRO C 92 -20.52 -12.74 32.06
CA PRO C 92 -19.06 -12.80 32.18
C PRO C 92 -18.40 -13.91 31.36
N PHE C 93 -19.08 -15.04 31.18
CA PHE C 93 -18.55 -16.07 30.30
C PHE C 93 -18.55 -15.61 28.85
N TRP C 94 -19.58 -14.86 28.45
CA TRP C 94 -19.60 -14.27 27.12
C TRP C 94 -18.49 -13.24 26.96
N ALA C 95 -18.16 -12.53 28.03
CA ALA C 95 -17.07 -11.57 27.98
C ALA C 95 -15.72 -12.27 27.81
N VAL C 96 -15.51 -13.38 28.52
CA VAL C 96 -14.27 -14.13 28.37
C VAL C 96 -14.17 -14.74 26.98
N ASP C 97 -15.30 -15.19 26.42
CA ASP C 97 -15.32 -15.68 25.05
C ASP C 97 -15.09 -14.56 24.06
N ALA C 98 -15.44 -13.33 24.41
CA ALA C 98 -15.18 -12.21 23.54
C ALA C 98 -13.70 -11.84 23.53
N VAL C 99 -13.08 -11.76 24.71
CA VAL C 99 -11.68 -11.35 24.77
C VAL C 99 -10.79 -12.52 24.36
N ALA C 100 -10.81 -13.55 25.17
CA ALA C 100 -9.99 -14.73 24.93
C ALA C 100 -10.82 -15.73 24.16
N ASN C 101 -10.33 -16.96 24.07
CA ASN C 101 -11.11 -18.06 23.54
C ASN C 101 -11.43 -19.03 24.67
N TRP C 102 -12.42 -19.89 24.43
CA TRP C 102 -13.08 -20.61 25.50
C TRP C 102 -12.16 -21.66 26.13
N TYR C 103 -12.24 -21.78 27.46
CA TYR C 103 -11.29 -22.58 28.22
C TYR C 103 -11.93 -23.64 29.09
N PHE C 104 -13.23 -23.62 29.30
CA PHE C 104 -13.83 -24.33 30.42
C PHE C 104 -14.81 -25.40 29.99
N GLY C 105 -14.51 -26.10 28.91
CA GLY C 105 -15.20 -27.37 28.72
C GLY C 105 -16.42 -27.29 27.83
N ASN C 106 -16.70 -28.40 27.15
CA ASN C 106 -17.83 -28.49 26.25
C ASN C 106 -19.17 -28.43 26.99
N PHE C 107 -19.21 -28.95 28.22
CA PHE C 107 -20.44 -28.91 29.00
C PHE C 107 -20.83 -27.48 29.35
N LEU C 108 -19.86 -26.69 29.79
CA LEU C 108 -20.15 -25.28 30.10
C LEU C 108 -20.40 -24.48 28.84
N CYS C 109 -19.72 -24.81 27.75
CA CYS C 109 -20.00 -24.15 26.47
C CYS C 109 -21.43 -24.42 26.02
N LYS C 110 -21.88 -25.67 26.16
CA LYS C 110 -23.25 -26.02 25.85
C LYS C 110 -24.21 -25.33 26.79
N ALA C 111 -23.83 -25.17 28.07
CA ALA C 111 -24.70 -24.49 29.02
C ALA C 111 -24.90 -23.04 28.64
N VAL C 112 -23.80 -22.35 28.29
CA VAL C 112 -23.87 -20.95 27.88
C VAL C 112 -24.75 -20.79 26.64
N HIS C 113 -24.53 -21.63 25.64
CA HIS C 113 -25.31 -21.52 24.42
C HIS C 113 -26.77 -21.92 24.62
N VAL C 114 -27.06 -22.87 25.52
CA VAL C 114 -28.43 -23.31 25.68
C VAL C 114 -29.23 -22.28 26.44
N ILE C 115 -28.61 -21.54 27.37
CA ILE C 115 -29.40 -20.52 28.04
C ILE C 115 -29.49 -19.28 27.17
N TYR C 116 -28.51 -19.09 26.28
CA TYR C 116 -28.64 -18.07 25.25
C TYR C 116 -29.88 -18.32 24.39
N THR C 117 -30.08 -19.58 24.00
CA THR C 117 -31.28 -19.92 23.23
C THR C 117 -32.56 -19.73 24.05
N VAL C 118 -32.54 -20.09 25.35
CA VAL C 118 -33.81 -20.01 26.08
C VAL C 118 -34.16 -18.54 26.33
N ASN C 119 -33.17 -17.66 26.49
CA ASN C 119 -33.47 -16.22 26.54
C ASN C 119 -34.02 -15.73 25.21
N LEU C 120 -33.36 -16.09 24.11
CA LEU C 120 -33.69 -15.53 22.81
C LEU C 120 -35.03 -16.03 22.30
N TYR C 121 -35.54 -17.13 22.85
CA TYR C 121 -36.90 -17.51 22.47
C TYR C 121 -37.94 -17.15 23.53
N SER C 122 -37.59 -17.24 24.82
CA SER C 122 -38.55 -17.00 25.87
C SER C 122 -38.95 -15.54 25.95
N SER C 123 -38.05 -14.63 25.59
CA SER C 123 -38.38 -13.22 25.64
C SER C 123 -39.46 -12.86 24.64
N VAL C 124 -39.33 -13.34 23.40
CA VAL C 124 -40.34 -13.02 22.39
C VAL C 124 -41.63 -13.77 22.65
N LEU C 125 -41.57 -15.00 23.19
CA LEU C 125 -42.80 -15.70 23.50
C LEU C 125 -43.55 -15.04 24.65
N ILE C 126 -42.84 -14.59 25.68
CA ILE C 126 -43.55 -13.94 26.77
C ILE C 126 -44.02 -12.55 26.40
N LEU C 127 -43.37 -11.87 25.45
CA LEU C 127 -43.90 -10.59 25.03
C LEU C 127 -45.12 -10.77 24.13
N ALA C 128 -45.18 -11.86 23.36
CA ALA C 128 -46.43 -12.21 22.71
C ALA C 128 -47.51 -12.55 23.74
N PHE C 129 -47.10 -13.10 24.88
CA PHE C 129 -48.08 -13.41 25.92
C PHE C 129 -48.64 -12.14 26.56
N ILE C 130 -47.79 -11.12 26.77
CA ILE C 130 -48.33 -9.89 27.31
C ILE C 130 -49.15 -9.16 26.27
N SER C 131 -48.86 -9.40 24.98
CA SER C 131 -49.71 -8.89 23.92
C SER C 131 -51.10 -9.50 23.99
N LEU C 132 -51.17 -10.81 24.17
CA LEU C 132 -52.46 -11.48 24.31
C LEU C 132 -53.18 -11.02 25.57
N ASP C 133 -52.42 -10.77 26.64
CA ASP C 133 -53.00 -10.28 27.88
C ASP C 133 -53.64 -8.91 27.68
N ARG C 134 -52.92 -7.98 27.05
CA ARG C 134 -53.48 -6.65 26.86
C ARG C 134 -54.64 -6.67 25.88
N TYR C 135 -54.57 -7.54 24.86
CA TYR C 135 -55.65 -7.65 23.90
C TYR C 135 -56.92 -8.16 24.55
N LEU C 136 -56.79 -9.19 25.40
CA LEU C 136 -57.97 -9.72 26.07
C LEU C 136 -58.45 -8.76 27.15
N ALA C 137 -57.56 -7.95 27.71
CA ALA C 137 -57.97 -6.97 28.69
C ALA C 137 -58.77 -5.84 28.07
N ILE C 138 -58.44 -5.46 26.84
CA ILE C 138 -59.08 -4.27 26.27
C ILE C 138 -60.29 -4.66 25.41
N VAL C 139 -60.30 -5.88 24.88
CA VAL C 139 -61.38 -6.25 23.98
C VAL C 139 -62.50 -6.95 24.74
N HIS C 140 -62.18 -8.09 25.34
CA HIS C 140 -63.16 -8.85 26.11
C HIS C 140 -62.99 -8.52 27.60
N ALA C 141 -63.35 -7.29 27.93
CA ALA C 141 -63.21 -6.78 29.29
C ALA C 141 -64.41 -7.10 30.18
N THR C 142 -65.42 -7.80 29.67
CA THR C 142 -66.61 -8.10 30.44
C THR C 142 -66.79 -9.59 30.68
N ASN C 143 -66.72 -10.41 29.64
CA ASN C 143 -66.98 -11.83 29.77
C ASN C 143 -65.75 -12.66 30.12
N SER C 144 -64.56 -12.07 30.03
CA SER C 144 -63.31 -12.80 30.22
C SER C 144 -62.54 -12.18 31.37
N GLN C 145 -62.77 -12.70 32.57
CA GLN C 145 -61.98 -12.35 33.75
C GLN C 145 -61.30 -13.56 34.37
N ARG C 146 -62.05 -14.64 34.58
CA ARG C 146 -61.43 -15.90 34.99
C ARG C 146 -60.46 -16.48 33.96
N PRO C 147 -60.72 -16.47 32.64
CA PRO C 147 -59.65 -16.88 31.72
C PRO C 147 -58.42 -15.98 31.74
N ARG C 148 -58.57 -14.71 32.12
CA ARG C 148 -57.40 -13.86 32.30
C ARG C 148 -56.52 -14.36 33.43
N LYS C 149 -57.13 -14.78 34.54
CA LYS C 149 -56.34 -15.38 35.62
C LYS C 149 -55.79 -16.73 35.22
N LEU C 150 -56.52 -17.48 34.38
CA LEU C 150 -56.03 -18.77 33.90
C LEU C 150 -54.78 -18.61 33.04
N LEU C 151 -54.78 -17.61 32.16
CA LEU C 151 -53.57 -17.35 31.39
C LEU C 151 -52.50 -16.64 32.20
N ALA C 152 -52.88 -15.97 33.30
CA ALA C 152 -51.89 -15.36 34.15
C ALA C 152 -51.14 -16.40 34.97
N GLU C 153 -51.80 -17.51 35.32
CA GLU C 153 -51.18 -18.50 36.19
C GLU C 153 -50.92 -19.83 35.50
N LYS C 154 -51.93 -20.43 34.88
CA LYS C 154 -51.83 -21.84 34.52
C LYS C 154 -51.04 -22.06 33.23
N VAL C 155 -51.55 -21.53 32.11
CA VAL C 155 -50.99 -21.91 30.82
C VAL C 155 -49.76 -21.11 30.45
N VAL C 156 -49.37 -20.15 31.30
CA VAL C 156 -48.24 -19.29 30.98
C VAL C 156 -46.91 -20.05 31.05
N TYR C 157 -46.76 -20.95 32.02
CA TYR C 157 -45.49 -21.66 32.19
C TYR C 157 -45.27 -22.64 31.06
N VAL C 158 -46.29 -23.44 30.74
CA VAL C 158 -46.21 -24.34 29.61
C VAL C 158 -46.27 -23.59 28.29
N GLY C 159 -46.64 -22.32 28.31
CA GLY C 159 -46.63 -21.54 27.09
C GLY C 159 -45.29 -20.96 26.74
N VAL C 160 -44.53 -20.47 27.71
CA VAL C 160 -43.26 -19.81 27.42
C VAL C 160 -42.07 -20.72 27.68
N TRP C 161 -42.09 -21.48 28.77
CA TRP C 161 -40.85 -22.07 29.23
C TRP C 161 -40.54 -23.33 28.42
N ILE C 162 -41.42 -24.32 28.49
CA ILE C 162 -41.17 -25.56 27.78
C ILE C 162 -41.16 -25.53 26.25
N PRO C 163 -41.83 -24.61 25.52
CA PRO C 163 -41.54 -24.60 24.08
C PRO C 163 -40.12 -24.18 23.80
N ALA C 164 -39.58 -23.21 24.54
CA ALA C 164 -38.17 -22.86 24.39
C ALA C 164 -37.28 -24.05 24.70
N LEU C 165 -37.65 -24.85 25.69
CA LEU C 165 -36.88 -26.04 26.00
C LEU C 165 -37.01 -27.12 24.93
N LEU C 166 -38.13 -27.13 24.21
CA LEU C 166 -38.21 -27.98 23.02
C LEU C 166 -37.28 -27.48 21.93
N LEU C 167 -37.20 -26.16 21.75
CA LEU C 167 -36.29 -25.58 20.77
C LEU C 167 -34.82 -25.66 21.13
N THR C 168 -34.49 -25.95 22.38
CA THR C 168 -33.09 -25.96 22.81
C THR C 168 -32.31 -27.18 22.32
N ILE C 169 -32.96 -28.24 21.86
CA ILE C 169 -32.24 -29.49 21.60
C ILE C 169 -31.23 -29.50 20.45
N PRO C 170 -31.33 -28.69 19.36
CA PRO C 170 -30.17 -28.63 18.46
C PRO C 170 -28.98 -27.91 19.05
N ASP C 171 -29.21 -27.02 20.01
CA ASP C 171 -28.09 -26.39 20.70
C ASP C 171 -27.34 -27.39 21.57
N PHE C 172 -28.07 -28.30 22.21
CA PHE C 172 -27.41 -29.33 23.00
C PHE C 172 -26.76 -30.38 22.11
N ILE C 173 -27.32 -30.64 20.93
CA ILE C 173 -26.77 -31.68 20.08
C ILE C 173 -25.55 -31.17 19.32
N PHE C 174 -25.66 -30.03 18.65
CA PHE C 174 -24.66 -29.63 17.67
C PHE C 174 -23.59 -28.69 18.21
N ALA C 175 -23.94 -27.77 19.09
CA ALA C 175 -22.96 -26.83 19.60
C ALA C 175 -22.05 -27.50 20.62
N ASN C 176 -20.75 -27.23 20.50
CA ASN C 176 -19.74 -27.80 21.39
C ASN C 176 -18.50 -26.91 21.33
N VAL C 177 -17.38 -27.43 21.80
CA VAL C 177 -16.09 -26.77 21.66
C VAL C 177 -15.30 -27.52 20.58
N SER C 178 -14.58 -26.77 19.75
CA SER C 178 -13.84 -27.35 18.65
C SER C 178 -12.34 -27.21 18.89
N GLU C 179 -11.56 -27.59 17.88
CA GLU C 179 -10.11 -27.59 17.95
C GLU C 179 -9.56 -26.47 17.07
N ALA C 180 -8.73 -25.62 17.65
CA ALA C 180 -8.03 -24.57 16.91
C ALA C 180 -6.61 -24.46 17.47
N ASP C 181 -5.86 -23.48 16.95
CA ASP C 181 -4.48 -23.27 17.38
C ASP C 181 -4.41 -22.65 18.77
N ASP C 182 -4.60 -23.51 19.78
CA ASP C 182 -4.63 -23.17 21.21
C ASP C 182 -5.69 -22.10 21.48
N ARG C 183 -6.87 -22.29 20.89
CA ARG C 183 -8.02 -21.43 21.18
C ARG C 183 -9.15 -22.19 21.85
N TYR C 184 -9.62 -23.26 21.22
CA TYR C 184 -10.78 -24.06 21.65
C TYR C 184 -12.02 -23.18 21.76
N ILE C 185 -12.46 -22.69 20.60
CA ILE C 185 -13.56 -21.74 20.51
C ILE C 185 -14.88 -22.42 20.82
N CYS C 186 -15.81 -21.65 21.39
CA CYS C 186 -17.15 -22.15 21.74
C CYS C 186 -18.14 -21.53 20.77
N ASP C 187 -18.36 -22.21 19.65
CA ASP C 187 -19.36 -21.79 18.68
C ASP C 187 -20.30 -22.95 18.37
N ARG C 188 -21.15 -22.78 17.38
CA ARG C 188 -22.05 -23.83 16.91
C ARG C 188 -21.52 -24.39 15.61
N PHE C 189 -21.45 -25.72 15.52
CA PHE C 189 -20.79 -26.38 14.40
C PHE C 189 -21.73 -27.39 13.77
N TYR C 190 -21.58 -27.57 12.46
CA TYR C 190 -22.46 -28.38 11.65
C TYR C 190 -21.62 -29.17 10.66
N PRO C 191 -22.11 -30.34 10.20
CA PRO C 191 -21.32 -31.15 9.26
C PRO C 191 -21.05 -30.49 7.92
N ASN C 192 -22.01 -29.77 7.37
CA ASN C 192 -21.79 -29.00 6.15
C ASN C 192 -22.68 -27.76 6.19
N ASP C 193 -22.78 -27.07 5.05
CA ASP C 193 -23.44 -25.78 5.03
C ASP C 193 -24.96 -25.89 5.11
N LEU C 194 -25.53 -27.05 4.76
CA LEU C 194 -26.99 -27.19 4.70
C LEU C 194 -27.62 -27.07 6.08
N TRP C 195 -26.97 -27.63 7.10
CA TRP C 195 -27.46 -27.49 8.45
C TRP C 195 -27.34 -26.04 8.93
N VAL C 196 -26.27 -25.35 8.51
CA VAL C 196 -26.12 -23.93 8.84
C VAL C 196 -27.28 -23.13 8.26
N VAL C 197 -27.63 -23.43 7.01
CA VAL C 197 -28.76 -22.78 6.33
C VAL C 197 -30.06 -23.04 7.07
N VAL C 198 -30.35 -24.31 7.37
CA VAL C 198 -31.68 -24.62 7.88
C VAL C 198 -31.82 -24.13 9.32
N PHE C 199 -30.78 -24.21 10.14
CA PHE C 199 -30.94 -23.72 11.51
C PHE C 199 -30.91 -22.21 11.62
N GLN C 200 -30.13 -21.50 10.78
CA GLN C 200 -30.21 -20.05 10.84
C GLN C 200 -31.51 -19.50 10.28
N PHE C 201 -32.04 -20.11 9.21
CA PHE C 201 -33.36 -19.68 8.79
C PHE C 201 -34.42 -20.01 9.84
N GLN C 202 -34.44 -21.22 10.42
CA GLN C 202 -35.52 -21.50 11.37
C GLN C 202 -35.42 -20.64 12.62
N HIS C 203 -34.19 -20.26 12.99
CA HIS C 203 -34.00 -19.29 14.05
C HIS C 203 -34.58 -17.93 13.69
N ILE C 204 -34.32 -17.45 12.46
CA ILE C 204 -34.82 -16.11 12.14
C ILE C 204 -36.33 -16.12 11.95
N MET C 205 -36.90 -17.24 11.48
CA MET C 205 -38.36 -17.29 11.37
C MET C 205 -39.02 -17.31 12.73
N VAL C 206 -38.59 -18.21 13.63
CA VAL C 206 -39.23 -18.27 14.94
C VAL C 206 -38.82 -17.12 15.84
N GLY C 207 -37.82 -16.34 15.46
CA GLY C 207 -37.52 -15.14 16.22
C GLY C 207 -38.23 -13.90 15.72
N LEU C 208 -38.59 -13.86 14.44
CA LEU C 208 -39.14 -12.64 13.88
C LEU C 208 -40.59 -12.77 13.43
N ILE C 209 -40.91 -13.72 12.56
CA ILE C 209 -42.07 -13.50 11.69
C ILE C 209 -43.38 -13.84 12.39
N LEU C 210 -43.43 -14.89 13.20
CA LEU C 210 -44.67 -15.18 13.92
C LEU C 210 -44.90 -14.24 15.11
N PRO C 211 -43.91 -13.93 15.97
CA PRO C 211 -44.16 -12.86 16.95
C PRO C 211 -44.46 -11.51 16.34
N GLY C 212 -43.86 -11.20 15.19
CA GLY C 212 -44.14 -9.93 14.54
C GLY C 212 -45.56 -9.82 14.04
N ILE C 213 -46.06 -10.87 13.39
CA ILE C 213 -47.43 -10.79 12.90
C ILE C 213 -48.42 -10.82 14.05
N VAL C 214 -48.12 -11.55 15.14
CA VAL C 214 -49.10 -11.58 16.23
C VAL C 214 -49.08 -10.25 16.99
N ILE C 215 -47.91 -9.61 17.12
CA ILE C 215 -47.85 -8.33 17.84
C ILE C 215 -48.52 -7.24 17.02
N LEU C 216 -48.37 -7.26 15.70
CA LEU C 216 -48.94 -6.17 14.94
C LEU C 216 -50.44 -6.36 14.74
N SER C 217 -50.88 -7.61 14.54
CA SER C 217 -52.30 -7.88 14.42
C SER C 217 -53.04 -7.57 15.71
N CYS C 218 -52.47 -8.01 16.85
CA CYS C 218 -53.14 -7.76 18.12
C CYS C 218 -53.16 -6.28 18.44
N TYR C 219 -52.06 -5.56 18.20
CA TYR C 219 -52.02 -4.15 18.54
C TYR C 219 -52.93 -3.32 17.64
N CYS C 220 -53.05 -3.69 16.35
CA CYS C 220 -53.96 -2.93 15.51
C CYS C 220 -55.41 -3.22 15.86
N ILE C 221 -55.71 -4.44 16.31
CA ILE C 221 -57.07 -4.69 16.81
C ILE C 221 -57.35 -3.91 18.09
N ILE C 222 -56.35 -3.79 18.98
CA ILE C 222 -56.50 -2.99 20.20
C ILE C 222 -56.80 -1.54 19.88
N ILE C 223 -56.01 -0.94 18.99
CA ILE C 223 -56.25 0.47 18.71
C ILE C 223 -57.43 0.68 17.78
N SER C 224 -57.88 -0.34 17.07
CA SER C 224 -59.13 -0.21 16.32
C SER C 224 -60.32 -0.22 17.26
N LYS C 225 -60.28 -1.07 18.29
CA LYS C 225 -61.35 -1.05 19.27
C LYS C 225 -61.25 0.17 20.19
N LEU C 226 -60.09 0.79 20.29
CA LEU C 226 -59.96 2.00 21.09
C LEU C 226 -60.53 3.22 20.39
N SER C 227 -60.75 3.14 19.07
CA SER C 227 -61.32 4.27 18.36
C SER C 227 -62.79 4.46 18.71
N HIS C 228 -63.50 3.36 18.99
CA HIS C 228 -64.88 3.48 19.45
C HIS C 228 -64.95 4.02 20.86
N SER C 229 -63.91 3.83 21.65
CA SER C 229 -63.86 4.40 23.00
C SER C 229 -63.69 5.91 22.93
N LYS C 230 -64.19 6.59 23.94
CA LYS C 230 -64.20 8.06 23.98
C LYS C 230 -62.94 8.62 24.66
N GLY C 231 -61.77 8.14 24.26
CA GLY C 231 -60.50 8.60 24.79
C GLY C 231 -60.32 8.32 26.28
N HIS C 232 -60.65 7.12 26.72
CA HIS C 232 -60.61 6.79 28.14
C HIS C 232 -59.17 6.65 28.61
N GLN C 233 -58.99 6.71 29.94
CA GLN C 233 -57.68 6.67 30.55
C GLN C 233 -57.23 5.26 30.92
N LYS C 234 -57.73 4.25 30.23
CA LYS C 234 -57.25 2.88 30.41
C LYS C 234 -56.12 2.53 29.46
N ARG C 235 -55.71 3.46 28.62
CA ARG C 235 -54.53 3.28 27.78
C ARG C 235 -53.28 3.87 28.42
N LYS C 236 -53.37 4.34 29.67
CA LYS C 236 -52.19 4.79 30.38
C LYS C 236 -51.26 3.62 30.69
N ALA C 237 -51.82 2.47 31.07
CA ALA C 237 -51.02 1.27 31.28
C ALA C 237 -50.60 0.64 29.97
N LEU C 238 -51.21 1.05 28.85
CA LEU C 238 -50.82 0.53 27.55
C LEU C 238 -49.49 1.12 27.14
N LYS C 239 -49.16 2.32 27.65
CA LYS C 239 -47.98 3.05 27.22
C LYS C 239 -46.69 2.33 27.60
N THR C 240 -46.64 1.76 28.81
CA THR C 240 -45.47 1.02 29.23
C THR C 240 -45.25 -0.23 28.39
N THR C 241 -46.34 -0.93 28.08
CA THR C 241 -46.24 -2.12 27.25
C THR C 241 -45.80 -1.80 25.83
N VAL C 242 -46.34 -0.72 25.25
CA VAL C 242 -45.93 -0.40 23.88
C VAL C 242 -44.51 0.10 23.82
N ILE C 243 -44.07 0.89 24.81
CA ILE C 243 -42.68 1.33 24.74
C ILE C 243 -41.76 0.16 25.03
N LEU C 244 -42.22 -0.83 25.81
CA LEU C 244 -41.43 -2.03 26.04
C LEU C 244 -41.24 -2.83 24.76
N ILE C 245 -42.32 -3.06 24.02
CA ILE C 245 -42.21 -3.90 22.82
C ILE C 245 -41.44 -3.16 21.72
N LEU C 246 -41.63 -1.84 21.60
CA LEU C 246 -40.90 -1.12 20.57
C LEU C 246 -39.42 -0.99 20.89
N ALA C 247 -39.08 -0.77 22.17
CA ALA C 247 -37.66 -0.77 22.55
C ALA C 247 -37.05 -2.14 22.39
N PHE C 248 -37.83 -3.19 22.63
CA PHE C 248 -37.35 -4.55 22.45
C PHE C 248 -37.05 -4.85 20.99
N PHE C 249 -37.92 -4.40 20.10
CA PHE C 249 -37.68 -4.68 18.68
C PHE C 249 -36.58 -3.80 18.13
N ALA C 250 -36.49 -2.55 18.57
CA ALA C 250 -35.39 -1.68 18.16
C ALA C 250 -34.05 -2.18 18.71
N CYS C 251 -34.09 -2.87 19.83
CA CYS C 251 -32.93 -3.62 20.30
C CYS C 251 -32.59 -4.76 19.35
N TRP C 252 -33.51 -5.70 19.17
CA TRP C 252 -33.20 -6.98 18.56
C TRP C 252 -33.17 -6.95 17.04
N LEU C 253 -33.51 -5.82 16.44
CA LEU C 253 -33.80 -5.80 15.01
C LEU C 253 -32.60 -5.77 14.05
N PRO C 254 -31.58 -4.89 14.19
CA PRO C 254 -30.47 -4.92 13.21
C PRO C 254 -29.68 -6.21 13.21
N TYR C 255 -29.64 -6.90 14.36
CA TYR C 255 -29.16 -8.28 14.39
C TYR C 255 -30.01 -9.19 13.53
N TYR C 256 -31.32 -8.98 13.51
CA TYR C 256 -32.19 -9.85 12.72
C TYR C 256 -31.95 -9.64 11.24
N ILE C 257 -31.81 -8.38 10.80
CA ILE C 257 -31.49 -8.16 9.38
C ILE C 257 -30.08 -8.64 9.04
N GLY C 258 -29.13 -8.48 9.96
CA GLY C 258 -27.78 -8.94 9.71
C GLY C 258 -27.68 -10.46 9.59
N ILE C 259 -28.40 -11.17 10.44
CA ILE C 259 -28.40 -12.62 10.33
C ILE C 259 -29.26 -13.08 9.16
N SER C 260 -30.23 -12.26 8.72
CA SER C 260 -30.93 -12.57 7.48
C SER C 260 -30.00 -12.51 6.30
N ILE C 261 -29.13 -11.50 6.25
CA ILE C 261 -28.15 -11.41 5.18
C ILE C 261 -27.11 -12.52 5.29
N ASP C 262 -26.71 -12.85 6.52
CA ASP C 262 -25.73 -13.91 6.71
C ASP C 262 -26.29 -15.29 6.41
N SER C 263 -27.61 -15.47 6.50
CA SER C 263 -28.21 -16.70 6.00
C SER C 263 -28.40 -16.63 4.49
N PHE C 264 -28.62 -15.42 3.97
CA PHE C 264 -28.87 -15.24 2.55
C PHE C 264 -27.61 -15.35 1.72
N ILE C 265 -26.43 -15.23 2.34
CA ILE C 265 -25.18 -15.28 1.60
C ILE C 265 -24.87 -16.71 1.14
N LEU C 266 -25.45 -17.70 1.79
CA LEU C 266 -25.20 -19.08 1.42
C LEU C 266 -26.13 -19.50 0.29
N LEU C 267 -25.87 -20.69 -0.24
CA LEU C 267 -26.45 -21.21 -1.50
C LEU C 267 -26.20 -20.25 -2.67
N GLU C 268 -25.00 -19.63 -2.65
CA GLU C 268 -24.33 -18.94 -3.77
C GLU C 268 -25.21 -17.91 -4.52
N ILE C 269 -26.11 -17.22 -3.80
CA ILE C 269 -26.79 -16.08 -4.41
C ILE C 269 -25.81 -14.93 -4.61
N ILE C 270 -25.05 -14.60 -3.58
CA ILE C 270 -23.88 -13.73 -3.72
C ILE C 270 -22.67 -14.51 -3.27
N LYS C 271 -21.67 -14.60 -4.15
CA LYS C 271 -20.42 -15.26 -3.83
C LYS C 271 -19.20 -14.36 -4.00
N GLN C 272 -19.37 -13.19 -4.63
CA GLN C 272 -18.25 -12.30 -4.89
C GLN C 272 -17.79 -11.54 -3.65
N GLY C 273 -18.66 -11.36 -2.66
CA GLY C 273 -18.33 -10.55 -1.50
C GLY C 273 -17.74 -11.31 -0.33
N CYS C 274 -16.51 -11.79 -0.46
CA CYS C 274 -15.84 -12.42 0.67
C CYS C 274 -15.47 -11.39 1.73
N GLU C 275 -14.92 -10.26 1.31
CA GLU C 275 -14.68 -9.15 2.22
C GLU C 275 -16.00 -8.59 2.73
N PHE C 276 -17.03 -8.61 1.88
CA PHE C 276 -18.37 -8.24 2.32
C PHE C 276 -18.89 -9.22 3.37
N GLU C 277 -18.55 -10.51 3.22
CA GLU C 277 -18.95 -11.49 4.22
C GLU C 277 -18.23 -11.28 5.55
N ASN C 278 -16.95 -10.91 5.50
CA ASN C 278 -16.23 -10.58 6.72
C ASN C 278 -16.77 -9.32 7.37
N THR C 279 -17.22 -8.36 6.55
CA THR C 279 -17.88 -7.17 7.08
C THR C 279 -19.20 -7.54 7.73
N VAL C 280 -19.91 -8.51 7.15
CA VAL C 280 -21.14 -9.00 7.74
C VAL C 280 -20.87 -9.68 9.07
N HIS C 281 -19.75 -10.40 9.18
CA HIS C 281 -19.36 -11.02 10.45
C HIS C 281 -19.04 -9.97 11.51
N LYS C 282 -18.31 -8.92 11.12
CA LYS C 282 -18.01 -7.85 12.07
C LYS C 282 -19.29 -7.14 12.51
N TRP C 283 -20.19 -6.89 11.56
CA TRP C 283 -21.44 -6.21 11.90
C TRP C 283 -22.36 -7.11 12.69
N ILE C 284 -22.24 -8.43 12.52
CA ILE C 284 -23.11 -9.28 13.30
C ILE C 284 -22.59 -9.35 14.73
N SER C 285 -21.27 -9.26 14.93
CA SER C 285 -20.75 -9.14 16.30
C SER C 285 -21.19 -7.83 16.96
N ILE C 286 -21.10 -6.73 16.21
CA ILE C 286 -21.52 -5.43 16.75
C ILE C 286 -23.03 -5.38 16.99
N THR C 287 -23.83 -6.06 16.16
CA THR C 287 -25.26 -6.03 16.41
C THR C 287 -25.67 -7.00 17.50
N GLU C 288 -24.89 -8.06 17.78
CA GLU C 288 -25.09 -8.78 19.03
C GLU C 288 -24.82 -7.88 20.23
N ALA C 289 -23.75 -7.10 20.13
CA ALA C 289 -23.40 -6.17 21.19
C ALA C 289 -24.50 -5.14 21.41
N LEU C 290 -25.10 -4.66 20.32
CA LEU C 290 -26.19 -3.71 20.45
C LEU C 290 -27.48 -4.38 20.90
N ALA C 291 -27.72 -5.61 20.47
CA ALA C 291 -29.01 -6.24 20.69
C ALA C 291 -29.09 -7.01 22.00
N PHE C 292 -28.01 -7.05 22.77
CA PHE C 292 -28.15 -7.59 24.12
C PHE C 292 -28.66 -6.56 25.12
N PHE C 293 -29.15 -5.39 24.67
CA PHE C 293 -29.61 -4.35 25.58
C PHE C 293 -30.97 -4.65 26.20
N HIS C 294 -31.67 -5.69 25.75
CA HIS C 294 -33.05 -5.88 26.17
C HIS C 294 -33.17 -6.30 27.63
N CYS C 295 -32.12 -6.91 28.19
CA CYS C 295 -32.16 -7.24 29.60
C CYS C 295 -31.99 -6.02 30.48
N CYS C 296 -31.39 -4.96 29.95
CA CYS C 296 -31.24 -3.73 30.71
C CYS C 296 -32.57 -3.02 30.89
N LEU C 297 -33.37 -2.95 29.83
CA LEU C 297 -34.52 -2.06 29.82
C LEU C 297 -35.72 -2.59 30.61
N ASN C 298 -35.78 -3.90 30.86
CA ASN C 298 -36.91 -4.43 31.61
C ASN C 298 -37.03 -3.89 33.05
N PRO C 299 -35.96 -3.71 33.83
CA PRO C 299 -36.10 -2.94 35.06
C PRO C 299 -35.91 -1.45 34.91
N ILE C 300 -35.37 -0.98 33.79
CA ILE C 300 -35.31 0.46 33.55
C ILE C 300 -36.72 1.02 33.38
N LEU C 301 -37.61 0.27 32.74
CA LEU C 301 -39.01 0.67 32.64
C LEU C 301 -39.79 0.53 33.94
N TYR C 302 -39.21 -0.05 34.97
CA TYR C 302 -39.64 0.14 36.35
C TYR C 302 -38.93 1.25 37.10
N ALA C 303 -37.74 1.63 36.66
CA ALA C 303 -37.09 2.79 37.25
C ALA C 303 -37.76 4.08 36.81
N PHE C 304 -38.38 4.08 35.63
CA PHE C 304 -39.22 5.19 35.18
C PHE C 304 -40.67 4.72 35.14
N LEU C 305 -41.58 5.68 35.13
CA LEU C 305 -43.00 5.37 35.11
C LEU C 305 -43.66 5.94 33.86
N GLU D 26 9.77 -10.26 15.45
CA GLU D 26 9.11 -9.54 16.53
C GLU D 26 10.13 -9.05 17.55
N PRO D 27 10.69 -7.84 17.32
CA PRO D 27 11.67 -7.29 18.26
C PRO D 27 11.10 -6.99 19.64
N CYS D 28 10.08 -6.12 19.70
CA CYS D 28 9.46 -5.68 20.94
C CYS D 28 8.18 -4.93 20.57
N PHE D 29 7.51 -4.41 21.60
CA PHE D 29 6.34 -3.55 21.40
C PHE D 29 6.80 -2.12 21.16
N ARG D 30 6.18 -1.48 20.19
CA ARG D 30 6.59 -0.15 19.74
C ARG D 30 5.49 0.86 20.02
N GLU D 31 5.90 2.05 20.42
CA GLU D 31 4.95 3.10 20.81
C GLU D 31 4.64 3.98 19.62
N GLU D 32 3.38 3.94 19.17
CA GLU D 32 2.92 4.78 18.06
C GLU D 32 1.49 5.21 18.37
N ASN D 33 1.34 6.41 18.91
CA ASN D 33 0.01 6.96 19.21
C ASN D 33 -0.58 7.62 17.98
N ALA D 34 -1.89 7.44 17.79
CA ALA D 34 -2.57 8.08 16.68
C ALA D 34 -2.70 9.58 16.92
N ASN D 35 -2.72 10.34 15.84
CA ASN D 35 -2.73 11.79 15.94
C ASN D 35 -4.07 12.34 16.39
N PHE D 36 -5.15 11.58 16.23
CA PHE D 36 -6.44 12.03 16.72
C PHE D 36 -6.51 12.00 18.24
N ASN D 37 -5.66 11.21 18.89
CA ASN D 37 -5.57 11.23 20.34
C ASN D 37 -5.11 12.59 20.83
N LYS D 38 -4.07 13.14 20.18
CA LYS D 38 -3.40 14.32 20.67
C LYS D 38 -4.20 15.59 20.45
N ILE D 39 -5.31 15.55 19.71
CA ILE D 39 -6.13 16.72 19.45
C ILE D 39 -7.53 16.58 20.05
N PHE D 40 -8.11 15.38 20.02
CA PHE D 40 -9.39 15.17 20.70
C PHE D 40 -9.19 15.11 22.20
N LEU D 41 -7.98 14.78 22.64
CA LEU D 41 -7.74 14.56 24.06
C LEU D 41 -7.74 15.89 24.82
N PRO D 42 -6.89 16.89 24.50
CA PRO D 42 -6.85 18.08 25.37
C PRO D 42 -8.05 18.99 25.19
N THR D 43 -8.81 18.84 24.10
CA THR D 43 -10.10 19.52 24.01
C THR D 43 -11.05 19.01 25.07
N ILE D 44 -11.05 17.70 25.29
CA ILE D 44 -11.85 17.12 26.36
C ILE D 44 -11.37 17.58 27.72
N TYR D 45 -10.04 17.61 27.92
CA TYR D 45 -9.50 18.16 29.17
C TYR D 45 -9.88 19.63 29.36
N SER D 46 -9.90 20.42 28.30
CA SER D 46 -10.26 21.82 28.44
C SER D 46 -11.73 22.00 28.75
N ILE D 47 -12.59 21.17 28.15
CA ILE D 47 -14.02 21.23 28.42
C ILE D 47 -14.29 20.92 29.87
N ILE D 48 -13.68 19.84 30.37
CA ILE D 48 -13.95 19.46 31.74
C ILE D 48 -13.27 20.43 32.70
N PHE D 49 -12.18 21.06 32.28
CA PHE D 49 -11.56 22.09 33.11
C PHE D 49 -12.45 23.30 33.29
N LEU D 50 -13.02 23.80 32.20
CA LEU D 50 -13.86 24.98 32.31
C LEU D 50 -15.11 24.69 33.13
N THR D 51 -15.79 23.58 32.84
CA THR D 51 -17.02 23.31 33.56
C THR D 51 -16.74 22.92 35.00
N GLY D 52 -15.59 22.31 35.28
CA GLY D 52 -15.24 21.94 36.62
C GLY D 52 -14.88 23.13 37.48
N ILE D 53 -14.11 24.07 36.93
CA ILE D 53 -13.76 25.28 37.67
C ILE D 53 -15.01 26.07 38.00
N VAL D 54 -15.90 26.30 37.01
CA VAL D 54 -17.06 27.12 37.28
C VAL D 54 -18.03 26.40 38.22
N GLY D 55 -18.19 25.08 38.07
CA GLY D 55 -19.15 24.37 38.87
C GLY D 55 -18.71 24.18 40.30
N ASN D 56 -17.48 23.71 40.50
CA ASN D 56 -16.99 23.54 41.85
C ASN D 56 -16.81 24.87 42.56
N GLY D 57 -16.45 25.94 41.82
CA GLY D 57 -16.37 27.25 42.44
C GLY D 57 -17.70 27.74 42.93
N LEU D 58 -18.74 27.62 42.09
CA LEU D 58 -20.06 28.08 42.52
C LEU D 58 -20.61 27.23 43.65
N VAL D 59 -20.37 25.91 43.61
CA VAL D 59 -20.88 25.03 44.65
C VAL D 59 -20.21 25.31 46.00
N ILE D 60 -18.88 25.45 46.01
CA ILE D 60 -18.23 25.70 47.29
C ILE D 60 -18.57 27.09 47.81
N LEU D 61 -18.72 28.09 46.93
CA LEU D 61 -19.06 29.41 47.43
C LEU D 61 -20.51 29.53 47.85
N VAL D 62 -21.40 28.66 47.37
CA VAL D 62 -22.77 28.77 47.85
C VAL D 62 -22.97 27.88 49.08
N MET D 63 -22.14 26.86 49.26
CA MET D 63 -22.40 25.90 50.32
C MET D 63 -21.39 26.00 51.47
N GLY D 64 -20.09 25.86 51.19
CA GLY D 64 -19.13 25.77 52.28
C GLY D 64 -18.77 27.13 52.85
N TYR D 65 -18.70 28.14 51.99
CA TYR D 65 -18.40 29.48 52.45
C TYR D 65 -19.57 30.12 53.16
N GLN D 66 -20.79 29.66 52.92
CA GLN D 66 -21.98 30.31 53.44
C GLN D 66 -22.78 29.46 54.41
N LYS D 67 -22.50 28.16 54.51
CA LYS D 67 -23.11 27.24 55.49
C LYS D 67 -24.63 27.20 55.35
N LYS D 68 -25.09 26.91 54.13
CA LYS D 68 -26.51 26.86 53.82
C LYS D 68 -27.05 25.44 53.78
N LEU D 69 -26.55 24.57 54.66
CA LEU D 69 -26.81 23.14 54.59
C LEU D 69 -28.27 22.79 54.88
N ARG D 70 -28.76 21.76 54.20
CA ARG D 70 -30.11 21.24 54.40
C ARG D 70 -30.10 19.87 55.06
N SER D 71 -29.21 18.98 54.63
CA SER D 71 -29.08 17.65 55.18
C SER D 71 -27.61 17.30 55.29
N MET D 72 -27.38 16.12 55.86
CA MET D 72 -26.01 15.67 56.02
C MET D 72 -25.35 15.26 54.72
N THR D 73 -26.11 15.03 53.65
CA THR D 73 -25.55 14.69 52.35
C THR D 73 -24.70 15.83 51.79
N ASP D 74 -25.03 17.07 52.15
CA ASP D 74 -24.38 18.24 51.58
C ASP D 74 -22.92 18.30 51.98
N LYS D 75 -22.60 17.94 53.23
CA LYS D 75 -21.22 17.95 53.69
C LYS D 75 -20.39 16.90 52.96
N TYR D 76 -20.99 15.72 52.71
CA TYR D 76 -20.32 14.67 51.96
C TYR D 76 -20.02 15.15 50.55
N ARG D 77 -21.00 15.78 49.91
CA ARG D 77 -20.77 16.24 48.56
C ARG D 77 -19.86 17.45 48.50
N LEU D 78 -19.74 18.22 49.58
CA LEU D 78 -18.71 19.26 49.62
C LEU D 78 -17.32 18.66 49.77
N HIS D 79 -17.18 17.57 50.52
CA HIS D 79 -15.88 16.90 50.56
C HIS D 79 -15.52 16.33 49.19
N LEU D 80 -16.50 15.76 48.51
CA LEU D 80 -16.31 15.31 47.13
C LEU D 80 -15.96 16.47 46.22
N SER D 81 -16.61 17.60 46.40
CA SER D 81 -16.37 18.76 45.56
C SER D 81 -15.00 19.38 45.82
N VAL D 82 -14.52 19.35 47.06
CA VAL D 82 -13.22 19.97 47.29
C VAL D 82 -12.10 19.04 46.84
N ALA D 83 -12.30 17.72 46.92
CA ALA D 83 -11.33 16.81 46.29
C ALA D 83 -11.35 16.96 44.78
N ASP D 84 -12.54 17.13 44.22
CA ASP D 84 -12.70 17.41 42.79
C ASP D 84 -12.04 18.73 42.40
N LEU D 85 -12.11 19.73 43.28
CA LEU D 85 -11.51 21.02 42.99
C LEU D 85 -10.00 20.90 42.99
N LEU D 86 -9.44 20.20 44.00
CA LEU D 86 -8.00 19.96 44.06
C LEU D 86 -7.52 19.14 42.89
N PHE D 87 -8.38 18.30 42.33
CA PHE D 87 -8.10 17.73 41.03
C PHE D 87 -8.00 18.83 39.96
N VAL D 88 -9.03 19.68 39.87
CA VAL D 88 -9.07 20.53 38.69
C VAL D 88 -8.18 21.76 38.80
N ILE D 89 -7.40 21.94 39.86
CA ILE D 89 -6.22 22.77 39.70
C ILE D 89 -5.24 22.12 38.73
N THR D 90 -4.93 20.85 38.97
CA THR D 90 -3.81 20.21 38.27
C THR D 90 -4.21 19.57 36.96
N LEU D 91 -5.50 19.59 36.64
CA LEU D 91 -5.98 19.06 35.36
C LEU D 91 -5.33 19.65 34.10
N PRO D 92 -5.03 20.96 33.98
CA PRO D 92 -4.32 21.42 32.78
C PRO D 92 -2.90 20.93 32.64
N PHE D 93 -2.27 20.47 33.71
CA PHE D 93 -0.95 19.86 33.51
C PHE D 93 -1.09 18.54 32.78
N TRP D 94 -2.16 17.80 33.05
CA TRP D 94 -2.51 16.64 32.24
C TRP D 94 -2.83 17.06 30.82
N ALA D 95 -3.47 18.22 30.67
CA ALA D 95 -3.74 18.71 29.31
C ALA D 95 -2.46 19.05 28.56
N VAL D 96 -1.46 19.58 29.27
CA VAL D 96 -0.18 19.88 28.66
C VAL D 96 0.56 18.60 28.29
N ASP D 97 0.51 17.60 29.17
CA ASP D 97 1.14 16.31 28.90
C ASP D 97 0.45 15.58 27.75
N ALA D 98 -0.83 15.89 27.51
CA ALA D 98 -1.59 15.22 26.46
C ALA D 98 -1.05 15.52 25.07
N VAL D 99 -0.52 16.72 24.84
CA VAL D 99 -0.08 17.13 23.52
C VAL D 99 1.43 17.31 23.45
N ALA D 100 2.07 17.64 24.58
CA ALA D 100 3.48 18.00 24.53
C ALA D 100 4.27 17.36 25.66
N ASN D 101 5.50 17.82 25.84
CA ASN D 101 6.40 17.29 26.85
C ASN D 101 6.79 18.39 27.84
N TRP D 102 7.19 17.99 29.03
CA TRP D 102 7.29 18.91 30.15
C TRP D 102 8.64 19.61 30.18
N TYR D 103 8.67 20.72 30.93
CA TYR D 103 9.91 21.38 31.30
C TYR D 103 9.87 21.84 32.76
N PHE D 104 8.85 21.45 33.52
CA PHE D 104 8.67 21.98 34.87
C PHE D 104 9.59 21.29 35.87
N GLY D 105 9.43 19.99 36.04
CA GLY D 105 10.26 19.26 36.97
C GLY D 105 9.56 18.02 37.48
N ASN D 106 10.27 17.29 38.33
CA ASN D 106 9.75 16.03 38.86
C ASN D 106 8.73 16.27 39.97
N PHE D 107 8.88 17.35 40.75
CA PHE D 107 8.03 17.58 41.91
C PHE D 107 6.57 17.83 41.51
N LEU D 108 6.37 18.55 40.41
CA LEU D 108 5.02 18.76 39.91
C LEU D 108 4.42 17.47 39.38
N CYS D 109 5.25 16.59 38.81
CA CYS D 109 4.77 15.28 38.37
C CYS D 109 4.34 14.43 39.55
N LYS D 110 5.11 14.48 40.64
CA LYS D 110 4.73 13.81 41.88
C LYS D 110 3.42 14.35 42.41
N ALA D 111 3.27 15.67 42.41
CA ALA D 111 2.06 16.28 42.94
C ALA D 111 0.84 15.93 42.11
N VAL D 112 0.97 15.94 40.78
CA VAL D 112 -0.19 15.66 39.95
C VAL D 112 -0.56 14.18 40.02
N HIS D 113 0.43 13.30 40.18
CA HIS D 113 0.09 11.88 40.29
C HIS D 113 -0.56 11.57 41.63
N VAL D 114 -0.05 12.17 42.72
CA VAL D 114 -0.66 11.87 44.01
C VAL D 114 -2.03 12.52 44.11
N ILE D 115 -2.24 13.69 43.47
CA ILE D 115 -3.57 14.28 43.55
C ILE D 115 -4.55 13.49 42.69
N TYR D 116 -4.08 12.90 41.58
CA TYR D 116 -4.92 12.02 40.77
C TYR D 116 -5.36 10.81 41.56
N THR D 117 -4.41 10.16 42.25
CA THR D 117 -4.76 8.98 43.03
C THR D 117 -5.65 9.30 44.21
N VAL D 118 -5.42 10.44 44.89
CA VAL D 118 -6.22 10.70 46.07
C VAL D 118 -7.64 11.10 45.68
N ASN D 119 -7.83 11.82 44.56
CA ASN D 119 -9.20 12.14 44.20
C ASN D 119 -9.92 10.92 43.63
N LEU D 120 -9.20 10.08 42.88
CA LEU D 120 -9.80 8.87 42.32
C LEU D 120 -10.20 7.89 43.41
N TYR D 121 -9.46 7.86 44.52
CA TYR D 121 -9.86 6.97 45.61
C TYR D 121 -10.94 7.62 46.47
N SER D 122 -10.74 8.88 46.84
CA SER D 122 -11.63 9.52 47.80
C SER D 122 -13.00 9.79 47.22
N SER D 123 -13.11 9.89 45.90
CA SER D 123 -14.41 10.12 45.29
C SER D 123 -15.33 8.93 45.48
N VAL D 124 -14.84 7.73 45.18
CA VAL D 124 -15.67 6.56 45.37
C VAL D 124 -15.78 6.22 46.86
N LEU D 125 -14.82 6.63 47.69
CA LEU D 125 -14.99 6.48 49.13
C LEU D 125 -16.17 7.30 49.63
N ILE D 126 -16.20 8.59 49.29
CA ILE D 126 -17.30 9.48 49.70
C ILE D 126 -18.62 9.00 49.11
N LEU D 127 -18.59 8.49 47.88
CA LEU D 127 -19.78 7.96 47.27
C LEU D 127 -20.24 6.67 47.95
N ALA D 128 -19.34 5.97 48.64
CA ALA D 128 -19.76 4.87 49.50
C ALA D 128 -20.34 5.37 50.82
N PHE D 129 -19.74 6.42 51.40
CA PHE D 129 -20.25 6.94 52.67
C PHE D 129 -21.65 7.53 52.52
N ILE D 130 -21.94 8.16 51.39
CA ILE D 130 -23.28 8.70 51.20
C ILE D 130 -24.29 7.57 51.01
N SER D 131 -23.86 6.46 50.40
CA SER D 131 -24.74 5.30 50.25
C SER D 131 -25.06 4.67 51.59
N LEU D 132 -24.05 4.50 52.45
CA LEU D 132 -24.33 3.95 53.76
C LEU D 132 -25.07 4.96 54.63
N ASP D 133 -24.91 6.26 54.35
CA ASP D 133 -25.71 7.28 55.04
C ASP D 133 -27.18 7.14 54.69
N ARG D 134 -27.48 6.92 53.41
CA ARG D 134 -28.88 6.71 53.02
C ARG D 134 -29.42 5.40 53.56
N TYR D 135 -28.56 4.38 53.66
CA TYR D 135 -28.95 3.12 54.28
C TYR D 135 -29.30 3.32 55.75
N LEU D 136 -28.52 4.15 56.45
CA LEU D 136 -28.84 4.48 57.83
C LEU D 136 -30.08 5.36 57.90
N ALA D 137 -30.32 6.12 56.83
CA ALA D 137 -31.46 7.04 56.83
C ALA D 137 -32.78 6.31 56.71
N ILE D 138 -32.88 5.34 55.81
CA ILE D 138 -34.20 4.79 55.52
C ILE D 138 -34.46 3.52 56.34
N VAL D 139 -33.42 2.76 56.66
CA VAL D 139 -33.61 1.52 57.39
C VAL D 139 -33.73 1.78 58.88
N HIS D 140 -32.69 2.37 59.47
CA HIS D 140 -32.71 2.77 60.87
C HIS D 140 -33.16 4.23 60.96
N ALA D 141 -34.41 4.44 60.57
CA ALA D 141 -34.97 5.79 60.59
C ALA D 141 -35.23 6.27 62.01
N THR D 142 -35.57 5.35 62.91
CA THR D 142 -35.87 5.75 64.28
C THR D 142 -34.61 5.91 65.12
N ASN D 143 -33.86 4.83 65.29
CA ASN D 143 -32.73 4.83 66.22
C ASN D 143 -31.42 5.18 65.54
N SER D 144 -31.42 6.26 64.77
CA SER D 144 -30.17 6.82 64.25
C SER D 144 -30.38 8.29 63.96
N GLN D 145 -30.03 9.13 64.94
CA GLN D 145 -29.91 10.55 64.71
C GLN D 145 -28.54 11.06 65.10
N ARG D 146 -28.08 10.71 66.29
CA ARG D 146 -26.70 11.01 66.70
C ARG D 146 -25.63 10.32 65.85
N PRO D 147 -25.72 9.02 65.47
CA PRO D 147 -24.66 8.46 64.60
C PRO D 147 -24.53 9.14 63.25
N ARG D 148 -25.64 9.57 62.63
CA ARG D 148 -25.57 10.31 61.38
C ARG D 148 -24.85 11.63 61.57
N LYS D 149 -25.15 12.32 62.67
CA LYS D 149 -24.55 13.62 62.93
C LYS D 149 -23.07 13.51 63.21
N LEU D 150 -22.66 12.54 64.02
CA LEU D 150 -21.23 12.39 64.31
C LEU D 150 -20.47 11.86 63.09
N LEU D 151 -21.10 11.01 62.29
CA LEU D 151 -20.48 10.51 61.08
C LEU D 151 -20.27 11.62 60.06
N ALA D 152 -21.26 12.49 59.90
CA ALA D 152 -21.11 13.63 58.99
C ALA D 152 -20.23 14.73 59.57
N GLU D 153 -20.03 14.74 60.89
CA GLU D 153 -19.21 15.79 61.50
C GLU D 153 -17.73 15.44 61.53
N LYS D 154 -17.37 14.27 62.08
CA LYS D 154 -15.97 14.01 62.40
C LYS D 154 -15.41 12.74 61.78
N VAL D 155 -16.22 11.71 61.54
CA VAL D 155 -15.68 10.40 61.21
C VAL D 155 -15.19 10.35 59.76
N VAL D 156 -15.72 11.21 58.89
CA VAL D 156 -15.30 11.16 57.50
C VAL D 156 -13.89 11.67 57.28
N TYR D 157 -13.35 12.47 58.21
CA TYR D 157 -11.97 12.93 58.06
C TYR D 157 -10.98 11.78 58.23
N VAL D 158 -11.29 10.82 59.10
CA VAL D 158 -10.43 9.64 59.19
C VAL D 158 -10.89 8.56 58.21
N GLY D 159 -12.13 8.66 57.70
CA GLY D 159 -12.60 7.64 56.80
C GLY D 159 -12.28 7.88 55.33
N VAL D 160 -12.05 9.13 54.94
CA VAL D 160 -11.89 9.50 53.55
C VAL D 160 -10.44 9.81 53.21
N TRP D 161 -9.87 10.81 53.84
CA TRP D 161 -8.62 11.37 53.34
C TRP D 161 -7.43 10.54 53.79
N ILE D 162 -7.45 10.09 55.05
CA ILE D 162 -6.30 9.37 55.61
C ILE D 162 -6.03 8.03 54.92
N PRO D 163 -7.02 7.14 54.66
CA PRO D 163 -6.70 5.95 53.86
C PRO D 163 -6.31 6.28 52.44
N ALA D 164 -6.92 7.31 51.87
CA ALA D 164 -6.57 7.74 50.53
C ALA D 164 -5.15 8.30 50.47
N LEU D 165 -4.76 9.10 51.47
CA LEU D 165 -3.43 9.67 51.42
C LEU D 165 -2.36 8.64 51.76
N LEU D 166 -2.69 7.63 52.57
CA LEU D 166 -1.71 6.57 52.75
C LEU D 166 -1.66 5.65 51.52
N LEU D 167 -2.70 5.68 50.69
CA LEU D 167 -2.60 5.00 49.40
C LEU D 167 -1.76 5.77 48.39
N THR D 168 -1.51 7.07 48.64
CA THR D 168 -0.66 7.86 47.77
C THR D 168 0.82 7.67 48.03
N ILE D 169 1.18 7.01 49.14
CA ILE D 169 2.60 6.83 49.47
C ILE D 169 3.36 5.98 48.45
N PRO D 170 2.81 4.87 47.90
CA PRO D 170 3.54 4.23 46.78
C PRO D 170 3.69 5.10 45.54
N ASP D 171 2.78 6.05 45.33
CA ASP D 171 3.04 7.03 44.29
C ASP D 171 4.05 8.07 44.74
N PHE D 172 4.13 8.34 46.04
CA PHE D 172 4.99 9.41 46.52
C PHE D 172 6.45 8.99 46.62
N ILE D 173 6.72 7.72 46.88
CA ILE D 173 8.10 7.29 47.11
C ILE D 173 8.63 6.39 46.00
N PHE D 174 7.86 6.13 44.96
CA PHE D 174 8.37 5.33 43.86
C PHE D 174 8.34 6.02 42.51
N ALA D 175 7.33 6.85 42.25
CA ALA D 175 7.18 7.44 40.92
C ALA D 175 8.22 8.52 40.66
N ASN D 176 8.55 8.70 39.39
CA ASN D 176 9.56 9.67 38.97
C ASN D 176 9.33 10.00 37.49
N VAL D 177 9.98 11.09 37.06
CA VAL D 177 10.05 11.37 35.63
C VAL D 177 11.22 10.60 35.02
N SER D 178 11.14 10.36 33.72
CA SER D 178 12.22 9.74 32.99
C SER D 178 12.16 10.20 31.55
N GLU D 179 13.30 10.16 30.87
CA GLU D 179 13.32 10.67 29.47
C GLU D 179 13.26 9.51 28.51
N ALA D 180 12.20 9.45 27.69
CA ALA D 180 12.20 8.41 26.64
C ALA D 180 13.06 8.94 25.50
N ASP D 181 14.24 9.47 25.83
CA ASP D 181 15.20 10.01 24.82
C ASP D 181 14.14 10.95 24.22
N ASP D 182 14.15 11.13 22.90
CA ASP D 182 13.25 12.15 22.29
C ASP D 182 11.91 12.64 22.84
N ARG D 183 11.66 12.54 24.15
CA ARG D 183 10.68 13.37 24.82
C ARG D 183 10.59 13.17 26.33
N TYR D 184 9.92 14.11 26.98
CA TYR D 184 9.74 14.13 28.43
C TYR D 184 8.36 13.58 28.77
N ILE D 185 8.31 12.62 29.70
CA ILE D 185 7.05 11.98 30.06
C ILE D 185 6.89 12.05 31.58
N CYS D 186 5.74 12.52 32.04
CA CYS D 186 5.32 12.35 33.43
C CYS D 186 4.33 11.19 33.49
N ASP D 187 4.82 10.01 33.86
CA ASP D 187 3.94 8.86 34.06
C ASP D 187 4.58 7.92 35.07
N ARG D 188 3.94 6.77 35.27
CA ARG D 188 4.34 5.80 36.28
C ARG D 188 5.50 4.94 35.79
N PHE D 189 6.44 4.65 36.68
CA PHE D 189 7.58 3.78 36.39
C PHE D 189 7.78 2.84 37.57
N TYR D 190 7.42 1.54 37.38
CA TYR D 190 7.53 0.50 38.39
C TYR D 190 8.75 -0.38 38.15
N PRO D 191 9.29 -1.02 39.19
CA PRO D 191 10.46 -1.90 39.01
C PRO D 191 10.22 -3.09 38.08
N ASN D 192 9.00 -3.61 38.03
CA ASN D 192 8.70 -4.71 37.12
C ASN D 192 7.23 -4.66 36.74
N ASP D 193 6.87 -5.46 35.73
CA ASP D 193 5.49 -5.53 35.30
C ASP D 193 4.60 -6.26 36.30
N LEU D 194 5.19 -7.07 37.18
CA LEU D 194 4.41 -7.70 38.24
C LEU D 194 3.92 -6.67 39.24
N TRP D 195 4.76 -5.68 39.55
CA TRP D 195 4.34 -4.55 40.37
C TRP D 195 3.17 -3.81 39.74
N VAL D 196 3.21 -3.67 38.41
CA VAL D 196 2.16 -2.95 37.68
C VAL D 196 0.83 -3.68 37.81
N VAL D 197 0.83 -5.00 37.58
CA VAL D 197 -0.44 -5.72 37.60
C VAL D 197 -0.98 -5.85 39.01
N VAL D 198 -0.11 -6.02 40.02
CA VAL D 198 -0.66 -6.09 41.37
C VAL D 198 -1.16 -4.72 41.83
N PHE D 199 -0.54 -3.63 41.36
CA PHE D 199 -0.98 -2.31 41.79
C PHE D 199 -2.30 -1.93 41.14
N GLN D 200 -2.44 -2.21 39.84
CA GLN D 200 -3.75 -2.01 39.23
C GLN D 200 -4.80 -2.95 39.77
N PHE D 201 -4.41 -4.15 40.20
CA PHE D 201 -5.38 -5.10 40.70
C PHE D 201 -5.96 -4.62 42.02
N GLN D 202 -5.09 -4.18 42.93
CA GLN D 202 -5.59 -3.57 44.16
C GLN D 202 -6.29 -2.25 43.89
N HIS D 203 -5.89 -1.54 42.83
CA HIS D 203 -6.58 -0.31 42.43
C HIS D 203 -8.01 -0.60 42.00
N ILE D 204 -8.21 -1.67 41.24
CA ILE D 204 -9.57 -2.08 40.86
C ILE D 204 -10.36 -2.49 42.09
N MET D 205 -9.72 -3.24 43.00
CA MET D 205 -10.40 -3.68 44.23
C MET D 205 -10.81 -2.52 45.12
N VAL D 206 -10.05 -1.44 45.14
CA VAL D 206 -10.42 -0.32 45.99
C VAL D 206 -11.30 0.68 45.23
N GLY D 207 -11.25 0.69 43.90
CA GLY D 207 -11.96 1.70 43.16
C GLY D 207 -13.32 1.30 42.64
N LEU D 208 -13.47 0.08 42.16
CA LEU D 208 -14.74 -0.36 41.59
C LEU D 208 -15.41 -1.44 42.41
N ILE D 209 -14.67 -2.49 42.78
CA ILE D 209 -15.31 -3.73 43.20
C ILE D 209 -15.86 -3.61 44.61
N LEU D 210 -14.98 -3.46 45.60
CA LEU D 210 -15.41 -3.48 47.00
C LEU D 210 -16.32 -2.31 47.39
N PRO D 211 -16.05 -1.05 47.03
CA PRO D 211 -17.10 -0.03 47.21
C PRO D 211 -18.34 -0.30 46.39
N GLY D 212 -18.19 -0.94 45.22
CA GLY D 212 -19.36 -1.32 44.45
C GLY D 212 -20.21 -2.37 45.14
N ILE D 213 -19.57 -3.36 45.77
CA ILE D 213 -20.31 -4.36 46.52
C ILE D 213 -21.03 -3.73 47.71
N VAL D 214 -20.34 -2.82 48.41
CA VAL D 214 -20.95 -2.17 49.58
C VAL D 214 -22.12 -1.30 49.16
N ILE D 215 -21.93 -0.49 48.11
CA ILE D 215 -22.96 0.43 47.65
C ILE D 215 -24.16 -0.32 47.13
N LEU D 216 -23.93 -1.35 46.32
CA LEU D 216 -25.06 -2.04 45.72
C LEU D 216 -25.78 -2.92 46.73
N SER D 217 -25.06 -3.46 47.71
CA SER D 217 -25.71 -4.24 48.75
C SER D 217 -26.57 -3.36 49.64
N CYS D 218 -26.05 -2.18 50.03
CA CYS D 218 -26.87 -1.32 50.87
C CYS D 218 -28.03 -0.71 50.09
N TYR D 219 -27.88 -0.57 48.78
CA TYR D 219 -29.03 -0.13 47.99
C TYR D 219 -30.07 -1.25 47.84
N CYS D 220 -29.64 -2.51 47.79
CA CYS D 220 -30.59 -3.62 47.88
C CYS D 220 -31.39 -3.56 49.16
N ILE D 221 -30.71 -3.30 50.29
CA ILE D 221 -31.41 -3.21 51.57
C ILE D 221 -32.32 -1.98 51.60
N ILE D 222 -31.90 -0.89 50.95
CA ILE D 222 -32.71 0.33 50.89
C ILE D 222 -34.00 0.10 50.15
N ILE D 223 -33.94 -0.54 48.98
CA ILE D 223 -35.16 -0.79 48.22
C ILE D 223 -35.99 -1.88 48.88
N SER D 224 -35.34 -2.82 49.57
CA SER D 224 -36.08 -3.84 50.33
C SER D 224 -36.91 -3.22 51.44
N LYS D 225 -36.35 -2.26 52.16
CA LYS D 225 -37.12 -1.58 53.19
C LYS D 225 -38.09 -0.56 52.61
N LEU D 226 -37.82 -0.07 51.40
CA LEU D 226 -38.77 0.82 50.74
C LEU D 226 -40.00 0.06 50.27
N SER D 227 -39.84 -1.22 49.92
CA SER D 227 -40.96 -2.03 49.49
C SER D 227 -41.97 -2.28 50.62
N HIS D 228 -41.51 -2.20 51.87
CA HIS D 228 -42.40 -2.35 53.01
C HIS D 228 -43.18 -1.07 53.33
N SER D 229 -42.88 0.05 52.66
CA SER D 229 -43.45 1.34 52.99
C SER D 229 -43.94 2.06 51.73
N LYS D 230 -44.68 1.34 50.89
CA LYS D 230 -45.27 1.95 49.71
C LYS D 230 -46.51 2.78 50.03
N GLY D 231 -47.12 2.58 51.20
CA GLY D 231 -48.34 3.29 51.56
C GLY D 231 -48.13 4.78 51.81
N HIS D 232 -46.92 5.18 52.19
CA HIS D 232 -46.57 6.59 52.33
C HIS D 232 -45.30 6.82 51.53
N GLN D 233 -45.40 7.65 50.49
CA GLN D 233 -44.26 7.85 49.58
C GLN D 233 -43.41 9.04 50.02
N LYS D 234 -43.99 10.25 49.95
CA LYS D 234 -43.31 11.54 50.12
C LYS D 234 -42.02 11.60 49.32
N ARG D 235 -40.97 12.18 49.93
CA ARG D 235 -39.56 11.89 49.64
C ARG D 235 -39.39 12.29 48.17
N LYS D 236 -38.94 11.39 47.29
CA LYS D 236 -38.46 11.68 45.94
C LYS D 236 -37.09 12.37 46.06
N ALA D 237 -36.28 11.90 47.01
CA ALA D 237 -34.97 12.46 47.27
C ALA D 237 -33.82 11.49 47.07
N LEU D 238 -34.10 10.19 47.02
CA LEU D 238 -33.06 9.21 46.75
C LEU D 238 -32.61 9.23 45.30
N LYS D 239 -33.39 9.85 44.42
CA LYS D 239 -33.08 9.84 42.99
C LYS D 239 -31.80 10.60 42.69
N THR D 240 -31.48 11.63 43.49
CA THR D 240 -30.25 12.38 43.27
C THR D 240 -29.03 11.52 43.56
N THR D 241 -29.04 10.81 44.68
CA THR D 241 -27.93 9.92 45.00
C THR D 241 -27.85 8.76 44.03
N VAL D 242 -29.02 8.27 43.57
CA VAL D 242 -29.04 7.16 42.63
C VAL D 242 -28.46 7.58 41.28
N ILE D 243 -28.83 8.76 40.79
CA ILE D 243 -28.28 9.18 39.50
C ILE D 243 -26.81 9.54 39.67
N LEU D 244 -26.39 9.94 40.87
CA LEU D 244 -24.98 10.20 41.11
C LEU D 244 -24.15 8.92 41.03
N ILE D 245 -24.58 7.86 41.72
CA ILE D 245 -23.81 6.63 41.72
C ILE D 245 -23.84 5.96 40.34
N LEU D 246 -25.00 6.00 39.66
CA LEU D 246 -25.06 5.38 38.34
C LEU D 246 -24.28 6.18 37.30
N ALA D 247 -24.28 7.51 37.41
CA ALA D 247 -23.48 8.31 36.51
C ALA D 247 -22.00 8.09 36.72
N PHE D 248 -21.57 7.97 37.99
CA PHE D 248 -20.17 7.73 38.29
C PHE D 248 -19.72 6.37 37.77
N PHE D 249 -20.54 5.34 37.98
CA PHE D 249 -20.11 4.01 37.58
C PHE D 249 -20.15 3.84 36.07
N ALA D 250 -21.20 4.35 35.41
CA ALA D 250 -21.25 4.26 33.96
C ALA D 250 -20.23 5.18 33.30
N CYS D 251 -19.75 6.19 34.02
CA CYS D 251 -18.64 6.99 33.52
C CYS D 251 -17.33 6.25 33.66
N TRP D 252 -17.10 5.57 34.77
CA TRP D 252 -15.79 5.03 35.06
C TRP D 252 -15.58 3.60 34.58
N LEU D 253 -16.64 2.93 34.14
CA LEU D 253 -16.53 1.50 33.81
C LEU D 253 -15.59 1.13 32.66
N PRO D 254 -15.63 1.77 31.47
CA PRO D 254 -14.74 1.29 30.40
C PRO D 254 -13.28 1.54 30.64
N TYR D 255 -12.92 2.50 31.50
CA TYR D 255 -11.53 2.65 31.89
C TYR D 255 -11.04 1.44 32.67
N TYR D 256 -11.84 0.96 33.60
CA TYR D 256 -11.49 -0.26 34.33
C TYR D 256 -11.45 -1.47 33.42
N ILE D 257 -12.38 -1.54 32.45
CA ILE D 257 -12.39 -2.66 31.51
C ILE D 257 -11.12 -2.66 30.67
N GLY D 258 -10.73 -1.49 30.18
CA GLY D 258 -9.54 -1.40 29.37
C GLY D 258 -8.27 -1.72 30.13
N ILE D 259 -8.16 -1.24 31.37
CA ILE D 259 -6.95 -1.57 32.12
C ILE D 259 -6.97 -3.01 32.58
N SER D 260 -8.13 -3.64 32.70
CA SER D 260 -8.16 -5.07 32.98
C SER D 260 -7.70 -5.87 31.76
N ILE D 261 -8.04 -5.40 30.56
CA ILE D 261 -7.53 -6.08 29.36
C ILE D 261 -6.02 -5.89 29.25
N ASP D 262 -5.53 -4.69 29.57
CA ASP D 262 -4.09 -4.44 29.63
C ASP D 262 -3.42 -5.32 30.68
N SER D 263 -4.12 -5.59 31.77
CA SER D 263 -3.61 -6.46 32.80
C SER D 263 -3.48 -7.89 32.30
N PHE D 264 -4.50 -8.36 31.59
CA PHE D 264 -4.51 -9.73 31.12
C PHE D 264 -3.49 -9.96 30.03
N ILE D 265 -3.22 -8.96 29.19
CA ILE D 265 -2.15 -9.18 28.22
C ILE D 265 -0.80 -8.99 28.87
N LEU D 266 -0.70 -8.14 29.90
CA LEU D 266 0.58 -7.93 30.57
C LEU D 266 0.95 -9.11 31.45
N LEU D 267 -0.02 -9.89 31.91
CA LEU D 267 0.24 -11.13 32.61
C LEU D 267 0.26 -12.31 31.63
N GLU D 268 0.32 -12.00 30.33
CA GLU D 268 0.68 -12.90 29.21
C GLU D 268 -0.20 -14.15 29.11
N ILE D 269 -1.43 -14.07 29.60
CA ILE D 269 -2.37 -15.16 29.33
C ILE D 269 -2.87 -15.11 27.89
N ILE D 270 -3.16 -13.91 27.41
CA ILE D 270 -3.93 -13.73 26.18
C ILE D 270 -3.15 -12.98 25.11
N LYS D 271 -1.85 -13.22 25.02
CA LYS D 271 -0.94 -12.55 24.09
C LYS D 271 -1.43 -12.61 22.64
N GLN D 272 -1.43 -11.45 21.99
CA GLN D 272 -2.01 -11.29 20.65
C GLN D 272 -1.13 -10.53 19.69
N GLY D 273 -0.22 -9.69 20.15
CA GLY D 273 0.63 -8.89 19.29
C GLY D 273 0.69 -7.44 19.73
N CYS D 274 1.49 -6.68 18.98
CA CYS D 274 1.68 -5.28 19.32
C CYS D 274 0.47 -4.43 18.92
N GLU D 275 -0.28 -4.86 17.90
CA GLU D 275 -1.45 -4.11 17.47
C GLU D 275 -2.54 -4.13 18.53
N PHE D 276 -2.71 -5.25 19.23
CA PHE D 276 -3.64 -5.26 20.34
C PHE D 276 -3.13 -4.45 21.50
N GLU D 277 -1.82 -4.40 21.71
CA GLU D 277 -1.26 -3.64 22.82
C GLU D 277 -1.48 -2.14 22.64
N ASN D 278 -1.15 -1.61 21.46
CA ASN D 278 -1.36 -0.19 21.29
C ASN D 278 -2.83 0.15 21.02
N THR D 279 -3.63 -0.83 20.59
CA THR D 279 -5.07 -0.60 20.57
C THR D 279 -5.62 -0.47 21.98
N VAL D 280 -5.13 -1.30 22.90
CA VAL D 280 -5.52 -1.18 24.31
C VAL D 280 -5.03 0.14 24.88
N HIS D 281 -3.84 0.58 24.48
CA HIS D 281 -3.32 1.83 25.03
C HIS D 281 -4.09 3.04 24.52
N LYS D 282 -4.44 3.06 23.24
CA LYS D 282 -5.31 4.11 22.72
C LYS D 282 -6.68 4.05 23.38
N TRP D 283 -7.18 2.83 23.61
CA TRP D 283 -8.46 2.67 24.28
C TRP D 283 -8.43 3.19 25.70
N ILE D 284 -7.37 2.90 26.45
CA ILE D 284 -7.36 3.34 27.84
C ILE D 284 -7.18 4.84 27.90
N SER D 285 -6.45 5.43 26.94
CA SER D 285 -6.32 6.89 26.92
C SER D 285 -7.65 7.56 26.64
N ILE D 286 -8.39 7.07 25.63
CA ILE D 286 -9.68 7.67 25.31
C ILE D 286 -10.69 7.41 26.42
N THR D 287 -10.63 6.25 27.06
CA THR D 287 -11.61 6.00 28.10
C THR D 287 -11.30 6.74 29.38
N GLU D 288 -10.05 7.04 29.68
CA GLU D 288 -9.82 7.86 30.84
C GLU D 288 -10.18 9.32 30.55
N ALA D 289 -9.93 9.77 29.31
CA ALA D 289 -10.36 11.11 28.92
C ALA D 289 -11.88 11.26 29.00
N LEU D 290 -12.63 10.28 28.49
CA LEU D 290 -14.08 10.32 28.57
C LEU D 290 -14.56 10.01 29.98
N ALA D 291 -13.77 9.29 30.76
CA ALA D 291 -14.17 8.90 32.09
C ALA D 291 -13.88 9.97 33.11
N PHE D 292 -13.21 11.05 32.70
CA PHE D 292 -13.08 12.05 33.73
C PHE D 292 -14.27 12.97 33.85
N PHE D 293 -15.43 12.61 33.32
CA PHE D 293 -16.64 13.41 33.50
C PHE D 293 -17.16 13.37 34.93
N HIS D 294 -16.56 12.57 35.81
CA HIS D 294 -16.92 12.55 37.21
C HIS D 294 -16.66 13.88 37.91
N CYS D 295 -15.81 14.73 37.34
CA CYS D 295 -15.73 16.10 37.82
C CYS D 295 -17.05 16.83 37.57
N CYS D 296 -17.62 16.65 36.39
CA CYS D 296 -18.85 17.32 36.03
C CYS D 296 -20.02 16.36 36.21
N LEU D 297 -20.24 15.99 37.47
CA LEU D 297 -21.46 15.28 37.85
C LEU D 297 -22.16 15.86 39.06
N ASN D 298 -21.45 16.52 39.97
CA ASN D 298 -22.14 17.26 41.01
C ASN D 298 -22.86 18.49 40.45
N PRO D 299 -22.18 19.52 39.94
CA PRO D 299 -22.86 20.83 39.86
C PRO D 299 -23.91 20.93 38.77
N ILE D 300 -23.82 20.13 37.70
CA ILE D 300 -24.89 20.14 36.72
C ILE D 300 -26.14 19.49 37.29
N LEU D 301 -25.98 18.50 38.17
CA LEU D 301 -27.13 17.93 38.85
C LEU D 301 -27.65 18.84 39.95
N TYR D 302 -26.81 19.67 40.54
CA TYR D 302 -27.33 20.71 41.43
C TYR D 302 -28.10 21.78 40.66
N ALA D 303 -27.61 22.15 39.48
CA ALA D 303 -28.28 23.17 38.68
C ALA D 303 -29.60 22.65 38.13
N PHE D 304 -29.64 21.36 37.77
CA PHE D 304 -30.88 20.74 37.34
C PHE D 304 -31.76 20.33 38.50
N LEU D 305 -31.27 20.47 39.74
CA LEU D 305 -31.96 20.06 40.98
C LEU D 305 -32.34 18.59 40.95
N GLY D 306 -31.46 17.77 40.41
CA GLY D 306 -31.70 16.35 40.29
C GLY D 306 -30.58 15.50 40.85
N LYS E 1 52.40 -63.57 14.19
CA LYS E 1 50.97 -63.27 14.12
C LYS E 1 50.20 -64.13 15.11
N LYS E 2 49.46 -63.48 16.00
CA LYS E 2 48.79 -64.16 17.09
C LYS E 2 47.43 -64.69 16.65
N VAL E 3 46.94 -65.67 17.41
CA VAL E 3 45.64 -66.31 17.17
C VAL E 3 44.81 -66.19 18.45
N VAL E 4 43.55 -65.76 18.28
CA VAL E 4 42.60 -65.60 19.38
C VAL E 4 41.31 -66.31 19.01
N LEU E 5 40.45 -66.50 20.01
CA LEU E 5 39.19 -67.20 19.84
C LEU E 5 38.05 -66.33 20.31
N GLY E 6 36.86 -66.57 19.75
CA GLY E 6 35.67 -65.85 20.14
C GLY E 6 34.69 -66.68 20.92
N LYS E 7 33.76 -66.04 21.62
CA LYS E 7 32.75 -66.71 22.43
C LYS E 7 31.35 -66.26 22.04
N LYS E 8 31.11 -66.25 20.72
CA LYS E 8 29.80 -66.06 20.06
C LYS E 8 29.02 -64.83 20.57
N GLY E 9 29.73 -63.73 20.81
CA GLY E 9 29.05 -62.51 21.18
C GLY E 9 29.74 -61.64 22.21
N ASP E 10 30.86 -62.11 22.76
CA ASP E 10 31.57 -61.36 23.79
C ASP E 10 32.47 -60.30 23.15
N THR E 11 33.33 -59.70 23.95
CA THR E 11 34.25 -58.66 23.49
C THR E 11 35.65 -59.26 23.32
N VAL E 12 36.26 -59.01 22.17
CA VAL E 12 37.61 -59.48 21.88
C VAL E 12 38.50 -58.25 21.68
N GLU E 13 39.79 -58.41 21.93
CA GLU E 13 40.76 -57.32 21.83
C GLU E 13 41.82 -57.68 20.80
N LEU E 14 42.04 -56.78 19.84
CA LEU E 14 43.09 -56.92 18.84
C LEU E 14 43.95 -55.66 18.90
N THR E 15 45.21 -55.84 19.28
CA THR E 15 46.10 -54.71 19.55
C THR E 15 47.07 -54.48 18.39
N CYS E 16 47.61 -53.26 18.35
CA CYS E 16 48.64 -52.88 17.40
C CYS E 16 49.80 -52.26 18.16
N THR E 17 51.00 -52.78 17.94
CA THR E 17 52.16 -52.41 18.74
C THR E 17 52.87 -51.20 18.14
N ALA E 18 53.47 -50.40 19.02
CA ALA E 18 54.27 -49.24 18.62
C ALA E 18 55.27 -48.91 19.72
N SER E 19 56.48 -48.52 19.31
CA SER E 19 57.51 -48.06 20.23
C SER E 19 57.80 -46.59 20.07
N GLN E 20 57.02 -45.88 19.26
CA GLN E 20 57.27 -44.46 19.02
C GLN E 20 56.83 -43.59 20.19
N LYS E 21 55.76 -43.99 20.89
CA LYS E 21 55.17 -43.27 22.03
C LYS E 21 54.78 -41.84 21.64
N LYS E 22 54.16 -41.71 20.47
CA LYS E 22 53.80 -40.41 19.94
C LYS E 22 52.39 -40.35 19.34
N SER E 23 51.63 -41.44 19.41
CA SER E 23 50.28 -41.58 18.83
C SER E 23 50.28 -41.28 17.33
N ILE E 24 51.00 -42.13 16.59
CA ILE E 24 51.17 -41.96 15.15
C ILE E 24 49.92 -42.41 14.41
N GLN E 25 49.86 -42.10 13.12
CA GLN E 25 48.70 -42.44 12.30
C GLN E 25 48.62 -43.94 12.05
N PHE E 26 47.44 -44.50 12.27
CA PHE E 26 47.21 -45.93 12.07
C PHE E 26 45.82 -46.14 11.48
N HIS E 27 45.65 -47.27 10.80
CA HIS E 27 44.39 -47.63 10.17
C HIS E 27 44.06 -49.07 10.50
N TRP E 28 42.76 -49.38 10.56
CA TRP E 28 42.27 -50.72 10.83
C TRP E 28 41.61 -51.25 9.55
N LYS E 29 42.40 -51.87 8.69
CA LYS E 29 41.93 -52.47 7.46
C LYS E 29 41.83 -53.98 7.63
N ASN E 30 40.88 -54.58 6.92
CA ASN E 30 40.74 -56.03 6.91
C ASN E 30 41.52 -56.60 5.72
N SER E 31 41.28 -57.87 5.40
CA SER E 31 41.87 -58.48 4.22
C SER E 31 41.25 -58.00 2.92
N ASN E 32 40.11 -57.31 2.98
CA ASN E 32 39.45 -56.76 1.80
C ASN E 32 39.89 -55.33 1.51
N GLN E 33 40.87 -54.81 2.26
CA GLN E 33 41.34 -53.41 2.19
C GLN E 33 40.19 -52.43 2.40
N ILE E 34 39.31 -52.76 3.35
CA ILE E 34 38.18 -51.92 3.72
C ILE E 34 38.45 -51.36 5.11
N LYS E 35 38.45 -50.03 5.21
CA LYS E 35 38.76 -49.39 6.48
C LYS E 35 37.63 -49.56 7.49
N ILE E 36 38.01 -49.70 8.76
CA ILE E 36 37.07 -49.73 9.87
C ILE E 36 37.32 -48.58 10.84
N LEU E 37 38.54 -48.47 11.34
CA LEU E 37 38.95 -47.37 12.20
C LEU E 37 40.20 -46.72 11.61
N GLY E 38 40.24 -45.40 11.60
CA GLY E 38 41.36 -44.68 11.02
C GLY E 38 41.73 -43.49 11.88
N ASN E 39 43.01 -43.14 11.82
CA ASN E 39 43.57 -42.04 12.60
C ASN E 39 43.86 -40.86 11.67
N GLN E 40 43.39 -39.67 12.06
CA GLN E 40 43.68 -38.43 11.35
C GLN E 40 44.15 -37.43 12.40
N GLY E 41 45.44 -37.46 12.71
CA GLY E 41 45.99 -36.61 13.76
C GLY E 41 45.56 -37.05 15.14
N SER E 42 44.67 -36.28 15.76
CA SER E 42 44.13 -36.60 17.08
C SER E 42 42.67 -37.05 17.01
N PHE E 43 42.31 -37.77 15.96
CA PHE E 43 40.93 -38.12 15.67
C PHE E 43 40.77 -39.62 15.53
N LEU E 44 39.51 -40.04 15.36
CA LEU E 44 39.20 -41.42 15.04
C LEU E 44 37.88 -41.44 14.26
N THR E 45 37.94 -41.93 13.02
CA THR E 45 36.77 -41.99 12.16
C THR E 45 36.27 -43.42 12.04
N LYS E 46 35.05 -43.55 11.55
CA LYS E 46 34.45 -44.86 11.30
C LYS E 46 34.55 -45.17 9.81
N GLY E 47 35.27 -46.23 9.48
CA GLY E 47 35.47 -46.61 8.10
C GLY E 47 34.22 -47.19 7.47
N PRO E 48 34.15 -47.19 6.13
CA PRO E 48 32.96 -47.70 5.45
C PRO E 48 32.88 -49.23 5.46
N SER E 49 32.55 -49.80 6.62
CA SER E 49 32.50 -51.25 6.75
C SER E 49 31.19 -51.69 7.41
N LYS E 50 31.11 -52.96 7.77
CA LYS E 50 29.93 -53.53 8.41
C LYS E 50 29.96 -53.42 9.93
N LEU E 51 30.98 -52.75 10.49
CA LEU E 51 31.10 -52.61 11.94
C LEU E 51 31.07 -51.13 12.32
N ASN E 52 30.12 -50.38 11.74
CA ASN E 52 30.02 -48.95 12.05
C ASN E 52 29.55 -48.70 13.48
N ASP E 53 28.60 -49.51 13.96
CA ASP E 53 28.05 -49.36 15.30
C ASP E 53 28.52 -50.46 16.24
N ARG E 54 29.60 -51.16 15.89
CA ARG E 54 30.07 -52.28 16.69
C ARG E 54 31.52 -52.11 17.10
N ALA E 55 32.32 -51.46 16.26
CA ALA E 55 33.74 -51.33 16.51
C ALA E 55 34.01 -50.30 17.60
N ASP E 56 34.89 -50.66 18.54
CA ASP E 56 35.27 -49.76 19.63
C ASP E 56 36.72 -50.02 19.96
N SER E 57 37.29 -49.16 20.82
CA SER E 57 38.66 -49.32 21.27
C SER E 57 38.83 -48.57 22.59
N ARG E 58 39.87 -48.96 23.33
CA ARG E 58 40.27 -48.24 24.53
C ARG E 58 41.09 -47.03 24.13
N ARG E 59 40.63 -45.83 24.51
CA ARG E 59 41.13 -44.59 23.95
C ARG E 59 42.20 -43.92 24.81
N SER E 60 42.98 -44.71 25.56
CA SER E 60 43.98 -44.13 26.46
C SER E 60 45.40 -44.46 26.09
N LEU E 61 45.67 -45.57 25.42
CA LEU E 61 47.04 -46.01 25.17
C LEU E 61 47.62 -45.44 23.87
N TRP E 62 47.09 -44.31 23.38
CA TRP E 62 47.75 -43.62 22.27
C TRP E 62 49.04 -42.97 22.74
N ASP E 63 49.07 -42.46 23.97
CA ASP E 63 50.26 -41.84 24.54
C ASP E 63 51.25 -42.87 25.09
N GLN E 64 50.90 -44.15 25.07
CA GLN E 64 51.80 -45.22 25.49
C GLN E 64 52.27 -46.09 24.33
N GLY E 65 51.51 -46.17 23.24
CA GLY E 65 51.98 -46.87 22.05
C GLY E 65 51.20 -48.12 21.69
N ASN E 66 49.91 -48.15 21.98
CA ASN E 66 49.06 -49.29 21.66
C ASN E 66 47.78 -48.81 20.99
N PHE E 67 47.28 -49.60 20.05
CA PHE E 67 46.07 -49.29 19.28
C PHE E 67 45.14 -50.49 19.33
N PRO E 68 44.28 -50.56 20.35
CA PRO E 68 43.41 -51.74 20.51
C PRO E 68 42.22 -51.71 19.56
N LEU E 69 41.48 -52.82 19.57
CA LEU E 69 40.27 -52.95 18.76
C LEU E 69 39.30 -53.85 19.54
N ILE E 70 38.25 -53.24 20.09
CA ILE E 70 37.24 -53.96 20.86
C ILE E 70 36.02 -54.16 19.98
N ILE E 71 35.68 -55.41 19.69
CA ILE E 71 34.55 -55.76 18.85
C ILE E 71 33.54 -56.51 19.71
N LYS E 72 32.32 -55.98 19.79
CA LYS E 72 31.24 -56.58 20.55
C LYS E 72 30.23 -57.22 19.61
N ASN E 73 29.51 -58.22 20.15
CA ASN E 73 28.51 -59.01 19.43
C ASN E 73 29.11 -59.68 18.19
N LEU E 74 30.07 -60.58 18.45
CA LEU E 74 30.85 -61.19 17.38
C LEU E 74 30.02 -62.14 16.55
N LYS E 75 30.10 -61.98 15.23
CA LYS E 75 29.41 -62.84 14.27
C LYS E 75 30.39 -63.83 13.64
N ILE E 76 29.83 -64.92 13.12
CA ILE E 76 30.65 -65.96 12.49
C ILE E 76 31.26 -65.45 11.19
N GLU E 77 30.50 -64.65 10.43
CA GLU E 77 31.00 -64.10 9.19
C GLU E 77 32.04 -62.99 9.41
N ASP E 78 32.07 -62.40 10.60
CA ASP E 78 32.97 -61.29 10.89
C ASP E 78 34.39 -61.73 11.23
N SER E 79 34.66 -63.04 11.28
CA SER E 79 36.00 -63.54 11.55
C SER E 79 36.89 -63.27 10.34
N ASP E 80 37.75 -62.26 10.45
CA ASP E 80 38.61 -61.86 9.34
C ASP E 80 39.94 -61.39 9.90
N THR E 81 40.97 -61.49 9.06
CA THR E 81 42.28 -60.97 9.41
C THR E 81 42.31 -59.45 9.25
N TYR E 82 42.97 -58.79 10.19
CA TYR E 82 43.07 -57.33 10.18
C TYR E 82 44.52 -56.89 10.19
N ILE E 83 44.80 -55.76 9.55
CA ILE E 83 46.16 -55.26 9.43
C ILE E 83 46.23 -53.85 10.02
N CYS E 84 47.40 -53.51 10.55
CA CYS E 84 47.66 -52.22 11.15
C CYS E 84 48.78 -51.52 10.39
N GLU E 85 48.64 -50.22 10.21
CA GLU E 85 49.55 -49.41 9.42
C GLU E 85 50.31 -48.45 10.35
N VAL E 86 51.42 -48.91 10.89
CA VAL E 86 52.27 -48.10 11.76
C VAL E 86 53.69 -48.11 11.20
N GLU E 87 54.27 -46.91 11.08
CA GLU E 87 55.57 -46.65 10.45
C GLU E 87 55.57 -47.18 9.01
N ASP E 88 54.41 -47.04 8.36
CA ASP E 88 54.12 -47.49 6.99
C ASP E 88 54.37 -48.99 6.79
N GLN E 89 54.15 -49.80 7.82
CA GLN E 89 54.29 -51.24 7.72
C GLN E 89 52.92 -51.90 7.64
N LYS E 90 52.94 -53.22 7.43
CA LYS E 90 51.73 -54.03 7.41
C LYS E 90 51.93 -55.25 8.31
N GLU E 91 51.71 -55.07 9.61
CA GLU E 91 51.61 -56.22 10.50
C GLU E 91 50.20 -56.80 10.42
N GLU E 92 50.04 -58.02 10.91
CA GLU E 92 48.76 -58.71 10.80
C GLU E 92 48.31 -59.24 12.15
N VAL E 93 47.02 -59.09 12.43
CA VAL E 93 46.37 -59.68 13.58
C VAL E 93 45.19 -60.50 13.07
N GLN E 94 44.84 -61.54 13.81
CA GLN E 94 43.89 -62.53 13.33
C GLN E 94 42.84 -62.78 14.40
N LEU E 95 41.61 -63.09 13.96
CA LEU E 95 40.49 -63.30 14.86
C LEU E 95 39.67 -64.51 14.40
N LEU E 96 39.31 -65.37 15.35
CA LEU E 96 38.39 -66.49 15.13
C LEU E 96 37.16 -66.32 15.99
N VAL E 97 35.98 -66.48 15.39
CA VAL E 97 34.70 -66.45 16.09
C VAL E 97 33.98 -67.76 15.80
N PHE E 98 33.59 -68.47 16.85
CA PHE E 98 32.87 -69.73 16.70
C PHE E 98 31.97 -69.94 17.91
N GLY E 99 31.22 -71.03 17.90
CA GLY E 99 30.32 -71.34 19.00
C GLY E 99 29.75 -72.73 18.85
N LEU E 100 29.04 -73.15 19.90
CA LEU E 100 28.40 -74.46 19.94
C LEU E 100 27.04 -74.33 20.59
N THR E 101 26.03 -74.95 19.99
CA THR E 101 24.67 -74.89 20.50
C THR E 101 23.99 -76.24 20.29
N ALA E 102 22.72 -76.29 20.65
CA ALA E 102 21.91 -77.50 20.50
C ALA E 102 20.52 -77.10 20.03
N ASN E 103 19.59 -78.05 20.03
CA ASN E 103 18.22 -77.81 19.57
C ASN E 103 17.19 -77.96 20.66
N SER E 104 17.35 -78.90 21.57
CA SER E 104 16.39 -79.15 22.64
C SER E 104 16.67 -78.20 23.80
N ASP E 105 15.67 -77.40 24.17
CA ASP E 105 15.84 -76.42 25.24
C ASP E 105 15.62 -77.06 26.61
N THR E 106 14.41 -77.57 26.86
CA THR E 106 14.07 -78.16 28.15
C THR E 106 13.52 -79.58 28.08
N HIS E 107 13.01 -80.02 26.93
CA HIS E 107 12.42 -81.35 26.82
C HIS E 107 13.54 -82.38 26.65
N LEU E 108 14.14 -82.75 27.77
CA LEU E 108 15.21 -83.75 27.82
C LEU E 108 14.87 -84.75 28.91
N LEU E 109 14.15 -85.81 28.55
CA LEU E 109 13.77 -86.84 29.50
C LEU E 109 14.94 -87.79 29.75
N GLN E 110 14.77 -88.66 30.74
CA GLN E 110 15.77 -89.67 31.04
C GLN E 110 15.75 -90.76 29.97
N GLY E 111 16.92 -91.01 29.38
CA GLY E 111 17.03 -91.95 28.29
C GLY E 111 16.89 -91.37 26.91
N GLN E 112 16.93 -90.05 26.78
CA GLN E 112 16.80 -89.36 25.50
C GLN E 112 18.18 -89.06 24.91
N SER E 113 18.26 -89.10 23.59
CA SER E 113 19.52 -88.85 22.91
C SER E 113 19.89 -87.37 22.95
N LEU E 114 21.19 -87.10 22.89
CA LEU E 114 21.72 -85.75 22.90
C LEU E 114 22.24 -85.38 21.52
N THR E 115 21.97 -84.16 21.09
CA THR E 115 22.43 -83.64 19.81
C THR E 115 23.12 -82.29 20.02
N LEU E 116 24.23 -82.09 19.33
CA LEU E 116 24.99 -80.85 19.40
C LEU E 116 25.20 -80.28 18.01
N THR E 117 25.06 -78.96 17.90
CA THR E 117 25.23 -78.25 16.64
C THR E 117 26.37 -77.26 16.79
N LEU E 118 27.47 -77.51 16.09
CA LEU E 118 28.65 -76.65 16.15
C LEU E 118 28.59 -75.62 15.02
N GLU E 119 28.82 -74.36 15.38
CA GLU E 119 28.82 -73.25 14.43
C GLU E 119 30.26 -72.87 14.15
N SER E 120 30.87 -73.54 13.19
CA SER E 120 32.26 -73.27 12.84
C SER E 120 32.33 -72.37 11.61
N PRO E 121 33.23 -71.39 11.61
CA PRO E 121 33.39 -70.52 10.43
C PRO E 121 34.04 -71.28 9.28
N PRO E 122 33.79 -70.87 8.04
CA PRO E 122 34.48 -71.50 6.91
C PRO E 122 35.97 -71.19 6.90
N GLY E 123 36.74 -72.11 6.34
CA GLY E 123 38.18 -71.95 6.33
C GLY E 123 38.85 -72.22 7.65
N SER E 124 38.21 -72.98 8.53
CA SER E 124 38.75 -73.30 9.84
C SER E 124 38.67 -74.80 10.07
N SER E 125 39.51 -75.29 10.98
CA SER E 125 39.60 -76.72 11.30
C SER E 125 39.41 -76.89 12.81
N PRO E 126 38.17 -76.93 13.27
CA PRO E 126 37.92 -77.13 14.70
C PRO E 126 38.13 -78.57 15.13
N SER E 127 38.33 -78.74 16.44
CA SER E 127 38.48 -80.06 17.04
C SER E 127 37.77 -80.04 18.38
N VAL E 128 36.59 -80.64 18.43
CA VAL E 128 35.74 -80.61 19.63
C VAL E 128 36.28 -81.61 20.64
N GLN E 129 36.62 -81.12 21.83
CA GLN E 129 37.11 -81.96 22.94
C GLN E 129 36.23 -81.65 24.15
N CYS E 130 35.12 -82.38 24.27
CA CYS E 130 34.17 -82.14 25.35
C CYS E 130 34.69 -82.73 26.66
N ARG E 131 34.22 -82.14 27.76
CA ARG E 131 34.53 -82.61 29.11
C ARG E 131 33.22 -82.78 29.87
N SER E 132 33.06 -83.94 30.50
CA SER E 132 31.86 -84.27 31.24
C SER E 132 32.17 -84.47 32.72
N PRO E 133 31.22 -84.16 33.61
CA PRO E 133 31.43 -84.43 35.05
C PRO E 133 31.54 -85.92 35.37
N ARG E 134 31.04 -86.80 34.52
CA ARG E 134 31.12 -88.24 34.73
C ARG E 134 32.37 -88.85 34.09
N GLY E 135 33.36 -88.04 33.75
CA GLY E 135 34.58 -88.54 33.16
C GLY E 135 34.50 -88.87 31.69
N LYS E 136 33.41 -88.49 31.01
CA LYS E 136 33.24 -88.80 29.59
C LYS E 136 33.88 -87.68 28.76
N ASN E 137 35.19 -87.81 28.57
CA ASN E 137 35.95 -86.87 27.74
C ASN E 137 35.79 -87.31 26.28
N ILE E 138 34.62 -87.00 25.73
CA ILE E 138 34.28 -87.41 24.37
C ILE E 138 34.92 -86.47 23.37
N GLN E 139 35.69 -87.01 22.44
CA GLN E 139 36.37 -86.23 21.42
C GLN E 139 36.04 -86.80 20.05
N GLY E 140 35.89 -85.90 19.07
CA GLY E 140 35.56 -86.32 17.72
C GLY E 140 35.70 -85.21 16.70
N GLY E 141 34.78 -85.18 15.73
CA GLY E 141 34.82 -84.17 14.70
C GLY E 141 34.12 -82.88 15.09
N LYS E 142 33.23 -82.39 14.23
CA LYS E 142 32.51 -81.16 14.48
C LYS E 142 31.15 -81.39 15.12
N THR E 143 30.37 -82.34 14.61
CA THR E 143 29.05 -82.66 15.14
C THR E 143 29.16 -83.84 16.09
N LEU E 144 28.62 -83.68 17.29
CA LEU E 144 28.68 -84.70 18.34
C LEU E 144 27.28 -85.11 18.74
N SER E 145 27.05 -86.42 18.83
CA SER E 145 25.77 -86.97 19.27
C SER E 145 26.03 -88.05 20.30
N VAL E 146 25.39 -87.93 21.46
CA VAL E 146 25.53 -88.89 22.56
C VAL E 146 24.18 -89.52 22.82
N SER E 147 24.13 -90.85 22.84
CA SER E 147 22.89 -91.57 23.04
C SER E 147 22.46 -91.64 24.50
N GLN E 148 23.34 -91.30 25.44
CA GLN E 148 23.05 -91.38 26.86
C GLN E 148 22.98 -89.97 27.44
N LEU E 149 21.85 -89.65 28.08
CA LEU E 149 21.67 -88.36 28.74
C LEU E 149 20.63 -88.55 29.84
N GLU E 150 21.06 -88.49 31.09
CA GLU E 150 20.17 -88.68 32.23
C GLU E 150 20.28 -87.52 33.21
N LEU E 151 19.66 -87.67 34.39
CA LEU E 151 19.79 -86.65 35.42
C LEU E 151 21.20 -86.61 35.99
N GLN E 152 21.89 -87.74 36.04
CA GLN E 152 23.27 -87.78 36.50
C GLN E 152 24.23 -87.19 35.47
N ASP E 153 23.81 -87.07 34.21
CA ASP E 153 24.61 -86.46 33.15
C ASP E 153 24.26 -84.99 32.94
N SER E 154 23.74 -84.32 33.96
CA SER E 154 23.34 -82.93 33.86
C SER E 154 24.54 -82.02 34.13
N GLY E 155 24.27 -80.72 34.28
CA GLY E 155 25.31 -79.76 34.51
C GLY E 155 25.83 -79.15 33.22
N THR E 156 26.66 -78.12 33.38
CA THR E 156 27.25 -77.42 32.23
C THR E 156 28.47 -78.20 31.75
N TRP E 157 28.35 -78.83 30.58
CA TRP E 157 29.46 -79.57 30.01
C TRP E 157 30.48 -78.60 29.43
N THR E 158 31.74 -78.78 29.81
CA THR E 158 32.81 -77.89 29.36
C THR E 158 33.34 -78.45 28.03
N CYS E 159 32.63 -78.11 26.95
CA CYS E 159 33.01 -78.53 25.62
C CYS E 159 33.85 -77.42 24.98
N THR E 160 35.16 -77.56 25.06
CA THR E 160 36.10 -76.63 24.46
C THR E 160 36.57 -77.18 23.12
N VAL E 161 37.09 -76.28 22.29
CA VAL E 161 37.54 -76.63 20.95
C VAL E 161 39.01 -76.22 20.83
N LEU E 162 39.85 -77.16 20.40
CA LEU E 162 41.29 -76.93 20.31
C LEU E 162 41.66 -76.68 18.85
N GLN E 163 42.13 -75.47 18.57
CA GLN E 163 42.70 -75.16 17.25
C GLN E 163 43.75 -74.07 17.42
N ASN E 164 44.86 -74.23 16.69
CA ASN E 164 46.02 -73.32 16.71
C ASN E 164 46.59 -73.14 18.13
N GLN E 165 46.57 -74.24 18.89
CA GLN E 165 47.00 -74.30 20.30
C GLN E 165 46.26 -73.29 21.18
N LYS E 166 44.96 -73.14 20.91
CA LYS E 166 44.11 -72.25 21.68
C LYS E 166 42.81 -72.96 22.04
N LYS E 167 42.31 -72.69 23.24
CA LYS E 167 41.06 -73.28 23.70
C LYS E 167 40.33 -72.29 24.60
N VAL E 168 39.03 -72.16 24.37
CA VAL E 168 38.15 -71.37 25.23
C VAL E 168 36.99 -72.25 25.67
N GLU E 169 36.57 -72.07 26.91
CA GLU E 169 35.55 -72.93 27.49
C GLU E 169 34.15 -72.50 27.06
N PHE E 170 33.23 -73.46 27.08
CA PHE E 170 31.82 -73.22 26.79
C PHE E 170 30.97 -74.08 27.71
N LYS E 171 29.67 -73.84 27.72
CA LYS E 171 28.75 -74.53 28.60
C LYS E 171 27.57 -75.06 27.81
N ILE E 172 26.98 -76.13 28.32
CA ILE E 172 25.79 -76.75 27.74
C ILE E 172 24.70 -76.72 28.80
N ASP E 173 23.59 -76.06 28.49
CA ASP E 173 22.47 -75.96 29.43
C ASP E 173 21.65 -77.25 29.34
N ILE E 174 21.65 -78.03 30.41
CA ILE E 174 20.93 -79.29 30.48
C ILE E 174 19.86 -79.17 31.56
N VAL E 175 18.60 -79.30 31.16
CA VAL E 175 17.47 -79.23 32.06
C VAL E 175 16.67 -80.52 31.91
N VAL E 176 16.52 -81.25 33.01
CA VAL E 176 15.78 -82.50 32.99
C VAL E 176 14.51 -82.38 33.85
N PRO F 11 75.05 -17.49 -4.89
CA PRO F 11 75.61 -18.16 -3.71
C PRO F 11 75.16 -19.61 -3.57
N ALA F 12 75.75 -20.34 -2.63
CA ALA F 12 75.42 -21.73 -2.36
C ALA F 12 74.69 -21.82 -1.02
N TRP F 13 73.59 -22.56 -1.00
CA TRP F 13 72.76 -22.68 0.19
C TRP F 13 72.42 -24.14 0.45
N ARG F 14 72.13 -24.44 1.71
CA ARG F 14 71.65 -25.75 2.14
C ARG F 14 70.34 -25.57 2.91
N ASN F 15 69.55 -26.64 2.98
CA ASN F 15 68.29 -26.59 3.69
C ASN F 15 68.53 -26.54 5.19
N ALA F 16 67.84 -25.63 5.87
CA ALA F 16 68.02 -25.40 7.30
C ALA F 16 66.73 -25.69 8.05
N SER F 17 66.88 -26.13 9.29
CA SER F 17 65.73 -26.46 10.14
C SER F 17 65.73 -25.67 11.45
N ILE F 18 66.55 -24.62 11.55
CA ILE F 18 66.57 -23.79 12.75
C ILE F 18 65.29 -22.94 12.80
N PRO F 19 64.57 -22.92 13.92
CA PRO F 19 63.35 -22.12 14.00
C PRO F 19 63.64 -20.62 13.92
N LEU F 20 62.72 -19.90 13.28
CA LEU F 20 62.87 -18.47 13.06
C LEU F 20 62.18 -17.69 14.17
N PHE F 21 62.24 -16.36 14.08
CA PHE F 21 61.56 -15.47 15.00
C PHE F 21 60.46 -14.72 14.25
N CYS F 22 59.29 -14.62 14.86
CA CYS F 22 58.16 -13.96 14.22
C CYS F 22 58.26 -12.45 14.39
N ALA F 23 57.40 -11.74 13.67
CA ALA F 23 57.34 -10.28 13.72
C ALA F 23 55.95 -9.86 13.32
N THR F 24 55.18 -9.34 14.29
CA THR F 24 53.77 -9.04 14.09
C THR F 24 53.51 -7.55 14.22
N LYS F 25 52.48 -7.08 13.50
CA LYS F 25 52.04 -5.71 13.61
C LYS F 25 51.23 -5.48 14.89
N ASN F 26 50.48 -6.49 15.32
CA ASN F 26 49.69 -6.39 16.54
C ASN F 26 50.60 -6.39 17.76
N ARG F 27 50.12 -5.77 18.84
CA ARG F 27 50.92 -5.62 20.05
C ARG F 27 50.24 -6.30 21.23
N ASP F 28 49.76 -7.53 21.03
CA ASP F 28 49.12 -8.30 22.09
C ASP F 28 50.17 -8.94 22.99
N THR F 29 49.74 -9.83 23.89
CA THR F 29 50.65 -10.43 24.85
C THR F 29 51.58 -11.45 24.17
N TRP F 30 51.02 -12.33 23.35
CA TRP F 30 51.83 -13.33 22.65
C TRP F 30 52.73 -12.69 21.60
N GLY F 31 52.22 -11.64 20.94
CA GLY F 31 53.04 -10.91 19.98
C GLY F 31 54.19 -10.17 20.60
N THR F 32 54.01 -9.65 21.82
CA THR F 32 55.11 -8.99 22.52
C THR F 32 56.10 -10.03 23.05
N ILE F 33 55.60 -11.16 23.55
CA ILE F 33 56.46 -12.17 24.16
C ILE F 33 57.30 -12.88 23.10
N GLN F 34 56.68 -13.31 22.01
CA GLN F 34 57.35 -14.19 21.06
C GLN F 34 57.88 -13.48 19.82
N CYS F 35 57.28 -12.37 19.41
CA CYS F 35 57.65 -11.70 18.16
C CYS F 35 58.31 -10.36 18.43
N LEU F 36 59.11 -9.90 17.45
CA LEU F 36 59.84 -8.64 17.45
C LEU F 36 59.00 -7.55 16.78
N PRO F 37 59.20 -6.29 17.18
CA PRO F 37 58.52 -5.18 16.48
C PRO F 37 59.09 -4.99 15.07
N ASP F 38 58.23 -5.16 14.07
CA ASP F 38 58.64 -5.12 12.69
C ASP F 38 58.48 -3.71 12.11
N ASN F 39 59.28 -3.42 11.08
CA ASN F 39 59.22 -2.16 10.38
C ASN F 39 58.69 -2.31 8.96
N ASP F 40 58.16 -3.51 8.61
CA ASP F 40 57.57 -3.83 7.31
C ASP F 40 58.55 -3.61 6.16
N ASP F 41 59.78 -4.08 6.36
CA ASP F 41 60.82 -3.99 5.33
C ASP F 41 60.81 -5.26 4.49
N TYR F 42 59.80 -5.35 3.62
CA TYR F 42 59.60 -6.51 2.76
C TYR F 42 60.29 -6.25 1.42
N GLN F 43 61.35 -7.02 1.14
CA GLN F 43 62.08 -6.90 -0.11
C GLN F 43 62.14 -8.27 -0.78
N GLU F 44 61.77 -8.31 -2.06
CA GLU F 44 61.74 -9.55 -2.84
C GLU F 44 62.64 -9.40 -4.05
N ILE F 45 63.57 -10.35 -4.21
CA ILE F 45 64.52 -10.35 -5.32
C ILE F 45 64.35 -11.65 -6.08
N ALA F 46 64.10 -11.54 -7.39
CA ALA F 46 64.00 -12.72 -8.24
C ALA F 46 65.39 -13.27 -8.55
N LEU F 47 65.56 -14.58 -8.39
CA LEU F 47 66.82 -15.25 -8.64
C LEU F 47 66.62 -16.38 -9.64
N ASN F 48 67.54 -16.49 -10.60
CA ASN F 48 67.42 -17.45 -11.70
C ASN F 48 68.08 -18.78 -11.29
N VAL F 49 67.40 -19.48 -10.38
CA VAL F 49 67.82 -20.79 -9.92
C VAL F 49 66.63 -21.73 -9.91
N THR F 50 66.93 -23.03 -9.87
CA THR F 50 65.92 -24.07 -9.78
C THR F 50 66.12 -24.82 -8.47
N GLU F 51 65.07 -24.86 -7.64
CA GLU F 51 65.13 -25.52 -6.35
C GLU F 51 63.83 -26.27 -6.10
N ALA F 52 63.90 -27.26 -5.21
CA ALA F 52 62.75 -28.07 -4.87
C ALA F 52 62.00 -27.44 -3.70
N PHE F 53 60.68 -27.34 -3.84
CA PHE F 53 59.82 -26.75 -2.82
C PHE F 53 58.66 -27.70 -2.55
N ASP F 54 58.46 -28.06 -1.28
CA ASP F 54 57.38 -28.94 -0.86
C ASP F 54 56.57 -28.24 0.23
N ALA F 55 55.25 -28.24 0.06
CA ALA F 55 54.38 -27.60 1.04
C ALA F 55 54.29 -28.40 2.34
N TRP F 56 54.11 -29.72 2.22
CA TRP F 56 53.97 -30.56 3.40
C TRP F 56 55.31 -30.81 4.09
N ASN F 57 56.38 -30.99 3.31
CA ASN F 57 57.70 -31.24 3.88
C ASN F 57 58.50 -29.94 4.00
N ASN F 58 57.93 -29.02 4.78
CA ASN F 58 58.54 -27.73 5.05
C ASN F 58 58.64 -27.52 6.55
N THR F 59 59.84 -27.22 7.03
CA THR F 59 60.03 -26.97 8.46
C THR F 59 59.44 -25.63 8.88
N VAL F 60 59.34 -24.70 7.93
CA VAL F 60 58.74 -23.40 8.22
C VAL F 60 57.25 -23.54 8.50
N THR F 61 56.58 -24.44 7.76
CA THR F 61 55.16 -24.73 8.03
C THR F 61 54.98 -25.40 9.38
N GLU F 62 55.91 -26.28 9.77
CA GLU F 62 55.85 -26.92 11.08
C GLU F 62 56.03 -25.90 12.21
N GLN F 63 56.97 -24.96 12.03
CA GLN F 63 57.16 -23.91 13.02
C GLN F 63 55.96 -22.96 13.05
N ALA F 64 55.31 -22.74 11.90
CA ALA F 64 54.10 -21.92 11.86
C ALA F 64 52.96 -22.60 12.61
N VAL F 65 52.81 -23.92 12.44
CA VAL F 65 51.78 -24.68 13.15
C VAL F 65 52.05 -24.65 14.66
N GLU F 66 53.32 -24.81 15.05
CA GLU F 66 53.69 -24.76 16.47
C GLU F 66 53.42 -23.39 17.08
N ASP F 67 53.77 -22.32 16.35
CA ASP F 67 53.56 -20.97 16.87
C ASP F 67 52.08 -20.60 16.92
N VAL F 68 51.29 -21.05 15.93
CA VAL F 68 49.86 -20.80 15.93
C VAL F 68 49.18 -21.56 17.07
N TRP F 69 49.61 -22.79 17.34
CA TRP F 69 49.06 -23.54 18.45
C TRP F 69 49.45 -22.94 19.80
N ASN F 70 50.68 -22.41 19.90
CA ASN F 70 51.09 -21.72 21.12
C ASN F 70 50.31 -20.44 21.33
N LEU F 71 50.04 -19.70 20.24
CA LEU F 71 49.20 -18.50 20.32
C LEU F 71 47.77 -18.85 20.73
N PHE F 72 47.25 -19.98 20.23
CA PHE F 72 45.93 -20.46 20.61
C PHE F 72 45.89 -20.86 22.08
N GLU F 73 46.96 -21.46 22.59
CA GLU F 73 46.98 -21.87 23.99
C GLU F 73 47.15 -20.67 24.92
N THR F 74 47.89 -19.63 24.49
CA THR F 74 48.17 -18.52 25.38
C THR F 74 47.10 -17.43 25.34
N SER F 75 46.53 -17.13 24.17
CA SER F 75 45.60 -16.01 24.06
C SER F 75 44.23 -16.37 24.66
N ILE F 76 43.56 -17.36 24.09
CA ILE F 76 42.30 -17.84 24.64
C ILE F 76 42.59 -19.02 25.57
N LYS F 77 42.02 -18.97 26.76
CA LYS F 77 42.33 -19.94 27.81
C LYS F 77 41.13 -20.83 28.09
N PRO F 78 41.23 -22.15 27.85
CA PRO F 78 40.14 -23.04 28.27
C PRO F 78 40.14 -23.25 29.77
N CYS F 79 38.95 -23.53 30.30
CA CYS F 79 38.83 -23.76 31.74
C CYS F 79 39.34 -25.14 32.13
N VAL F 80 39.21 -26.12 31.24
CA VAL F 80 39.67 -27.48 31.50
C VAL F 80 40.49 -27.93 30.30
N LYS F 81 41.76 -28.28 30.55
CA LYS F 81 42.64 -28.87 29.54
C LYS F 81 42.73 -30.37 29.78
N LEU F 82 42.70 -31.14 28.70
CA LEU F 82 42.52 -32.58 28.79
C LEU F 82 43.57 -33.32 27.97
N THR F 83 43.93 -34.51 28.45
CA THR F 83 44.87 -35.44 27.84
C THR F 83 44.21 -36.81 27.72
N PRO F 84 44.62 -37.63 26.72
CA PRO F 84 43.93 -38.91 26.51
C PRO F 84 44.21 -39.98 27.56
N LEU F 85 43.46 -39.96 28.66
CA LEU F 85 43.53 -41.00 29.68
C LEU F 85 42.11 -41.43 30.07
N CYS F 86 41.85 -42.74 30.01
CA CYS F 86 40.51 -43.26 30.24
C CYS F 86 40.25 -43.46 31.72
N VAL F 87 39.07 -43.03 32.17
CA VAL F 87 38.61 -43.21 33.54
C VAL F 87 37.24 -43.86 33.51
N ALA F 88 36.76 -44.23 34.69
CA ALA F 88 35.41 -44.79 34.85
C ALA F 88 34.42 -43.64 34.79
N MET F 89 34.03 -43.27 33.57
CA MET F 89 33.13 -42.15 33.34
C MET F 89 31.69 -42.63 33.47
N ASN F 90 30.94 -41.97 34.36
CA ASN F 90 29.52 -42.30 34.59
C ASN F 90 28.69 -41.09 34.16
N CYS F 91 28.04 -41.21 33.01
CA CYS F 91 27.25 -40.13 32.44
C CYS F 91 25.78 -40.50 32.43
N THR F 92 24.93 -39.52 32.73
CA THR F 92 23.49 -39.68 32.67
C THR F 92 22.99 -39.02 31.39
N ARG F 93 22.27 -39.78 30.56
CA ARG F 93 21.83 -39.32 29.26
C ARG F 93 20.62 -38.40 29.43
N ASN F 94 20.85 -37.10 29.26
CA ASN F 94 19.76 -36.12 29.28
C ASN F 94 19.21 -36.00 27.86
N MET F 95 18.20 -36.79 27.55
CA MET F 95 17.63 -36.87 26.21
C MET F 95 16.79 -35.63 25.96
N THR F 96 17.40 -34.61 25.39
CA THR F 96 16.72 -33.37 25.04
C THR F 96 15.98 -33.60 23.73
N THR F 97 14.71 -33.99 23.82
CA THR F 97 13.91 -34.33 22.65
C THR F 97 13.41 -33.06 21.98
N SER F 98 13.69 -32.94 20.68
CA SER F 98 13.19 -31.83 19.86
C SER F 98 12.60 -32.42 18.59
N THR F 99 11.27 -32.53 18.54
CA THR F 99 10.59 -33.16 17.43
C THR F 99 10.56 -32.19 16.26
N GLY F 100 11.28 -32.52 15.19
CA GLY F 100 11.29 -31.68 14.01
C GLY F 100 10.04 -31.83 13.18
N THR F 101 9.79 -30.82 12.34
CA THR F 101 8.63 -30.80 11.47
C THR F 101 8.99 -31.44 10.13
N THR F 102 8.12 -31.27 9.14
CA THR F 102 8.36 -31.82 7.82
C THR F 102 9.46 -31.04 7.10
N ASP F 103 10.08 -31.69 6.13
CA ASP F 103 11.21 -31.12 5.39
C ASP F 103 10.64 -30.32 4.22
N THR F 104 10.63 -29.00 4.36
CA THR F 104 10.19 -28.13 3.28
C THR F 104 11.22 -28.08 2.17
N GLN F 105 10.77 -28.23 0.93
CA GLN F 105 11.64 -28.25 -0.23
C GLN F 105 11.74 -26.91 -0.95
N ASN F 106 11.12 -25.86 -0.40
CA ASN F 106 11.19 -24.54 -1.01
C ASN F 106 12.56 -23.92 -0.79
N ILE F 107 13.00 -23.14 -1.76
CA ILE F 107 14.32 -22.51 -1.74
C ILE F 107 14.18 -21.10 -1.16
N THR F 108 14.89 -20.83 -0.07
CA THR F 108 14.86 -19.53 0.59
C THR F 108 16.28 -18.99 0.70
N ILE F 109 16.46 -17.72 0.35
CA ILE F 109 17.73 -17.04 0.48
C ILE F 109 17.58 -16.00 1.59
N ILE F 110 18.42 -16.11 2.62
CA ILE F 110 18.32 -15.28 3.81
C ILE F 110 19.53 -14.37 3.88
N ASN F 111 19.28 -13.07 3.90
CA ASN F 111 20.30 -12.03 4.05
C ASN F 111 20.35 -11.57 5.51
N ASP F 112 21.07 -10.48 5.75
CA ASP F 112 21.16 -9.93 7.10
C ASP F 112 19.87 -9.22 7.53
N THR F 113 18.98 -8.90 6.60
CA THR F 113 17.75 -8.16 6.88
C THR F 113 16.52 -9.05 6.93
N SER F 114 16.71 -10.37 7.04
CA SER F 114 15.58 -11.30 7.12
C SER F 114 14.91 -11.20 8.50
N PRO F 115 13.59 -11.46 8.57
CA PRO F 115 12.89 -11.30 9.85
C PRO F 115 13.26 -12.32 10.92
N CYS F 116 13.65 -13.53 10.53
CA CYS F 116 13.99 -14.55 11.52
C CYS F 116 15.44 -14.51 11.95
N VAL F 117 16.21 -13.53 11.47
CA VAL F 117 17.61 -13.43 11.84
C VAL F 117 17.77 -12.82 13.23
N ARG F 118 17.15 -11.66 13.46
CA ARG F 118 17.38 -10.91 14.68
C ARG F 118 16.66 -11.51 15.88
N ALA F 119 15.47 -12.07 15.66
CA ALA F 119 14.72 -12.68 16.75
C ALA F 119 15.27 -14.04 17.15
N ASP F 120 16.06 -14.68 16.28
CA ASP F 120 16.71 -15.98 16.51
C ASP F 120 15.70 -17.10 16.80
N ASN F 121 14.49 -16.99 16.26
CA ASN F 121 13.49 -18.04 16.34
C ASN F 121 13.31 -18.75 15.00
N CYS F 122 14.34 -18.74 14.17
CA CYS F 122 14.26 -19.26 12.82
C CYS F 122 14.53 -20.76 12.83
N THR F 123 14.56 -21.37 11.64
CA THR F 123 14.76 -22.80 11.51
C THR F 123 16.24 -23.11 11.72
N GLY F 124 16.59 -23.56 12.92
CA GLY F 124 17.93 -23.93 13.25
C GLY F 124 18.09 -25.43 13.48
N LEU F 125 19.20 -25.79 14.13
CA LEU F 125 19.45 -27.17 14.45
C LEU F 125 18.58 -27.66 15.60
N LYS F 126 18.51 -28.98 15.71
CA LYS F 126 18.04 -29.61 16.93
C LYS F 126 19.06 -29.36 18.04
N GLU F 127 18.58 -29.36 19.29
CA GLU F 127 19.48 -29.21 20.42
C GLU F 127 20.34 -30.46 20.58
N GLU F 128 21.65 -30.26 20.65
CA GLU F 128 22.58 -31.38 20.80
C GLU F 128 22.42 -32.00 22.18
N GLU F 129 22.64 -33.32 22.25
CA GLU F 129 22.33 -34.09 23.44
C GLU F 129 23.34 -33.79 24.56
N MET F 130 22.81 -33.64 25.77
CA MET F 130 23.62 -33.35 26.95
C MET F 130 23.79 -34.61 27.79
N VAL F 131 25.00 -34.78 28.34
CA VAL F 131 25.28 -35.82 29.33
C VAL F 131 26.01 -35.18 30.51
N ASP F 132 25.62 -35.56 31.72
CA ASP F 132 26.24 -35.08 32.94
C ASP F 132 27.12 -36.19 33.48
N CYS F 133 28.44 -35.99 33.41
CA CYS F 133 29.41 -37.04 33.72
C CYS F 133 30.14 -36.72 35.01
N GLN F 134 30.25 -37.71 35.88
CA GLN F 134 31.03 -37.63 37.11
C GLN F 134 32.16 -38.66 37.04
N PHE F 135 33.38 -38.21 37.30
CA PHE F 135 34.54 -39.07 37.13
C PHE F 135 35.64 -38.63 38.09
N ASN F 136 36.46 -39.59 38.52
CA ASN F 136 37.54 -39.34 39.46
C ASN F 136 38.86 -39.33 38.71
N MET F 137 39.61 -38.24 38.86
CA MET F 137 40.91 -38.09 38.20
C MET F 137 41.72 -37.05 38.96
N THR F 138 43.03 -37.26 38.98
CA THR F 138 43.94 -36.31 39.63
C THR F 138 44.03 -35.04 38.80
N GLY F 139 43.71 -33.90 39.42
CA GLY F 139 43.75 -32.62 38.75
C GLY F 139 44.99 -31.82 39.04
N LEU F 140 44.84 -30.74 39.81
CA LEU F 140 46.00 -29.94 40.19
C LEU F 140 46.87 -30.67 41.21
N GLU F 141 46.24 -31.26 42.22
CA GLU F 141 46.99 -32.04 43.21
C GLU F 141 47.24 -33.44 42.68
N ARG F 142 48.50 -33.86 42.74
CA ARG F 142 48.88 -35.14 42.15
C ARG F 142 48.47 -36.33 43.02
N ASP F 143 48.44 -36.16 44.34
CA ASP F 143 48.18 -37.25 45.26
C ASP F 143 46.70 -37.41 45.62
N LYS F 144 45.82 -36.60 45.03
CA LYS F 144 44.40 -36.66 45.34
C LYS F 144 43.60 -36.75 44.06
N ARG F 145 42.54 -37.57 44.09
CA ARG F 145 41.63 -37.73 42.96
C ARG F 145 40.37 -36.92 43.22
N LYS F 146 39.94 -36.15 42.23
CA LYS F 146 38.85 -35.21 42.38
C LYS F 146 37.71 -35.56 41.43
N GLN F 147 36.49 -35.25 41.86
CA GLN F 147 35.28 -35.49 41.07
C GLN F 147 34.81 -34.18 40.44
N TYR F 148 34.61 -34.20 39.13
CA TYR F 148 34.27 -33.01 38.37
C TYR F 148 32.88 -33.17 37.75
N THR F 149 32.17 -32.05 37.65
CA THR F 149 30.82 -32.01 37.10
C THR F 149 30.80 -31.08 35.90
N GLU F 150 30.56 -31.64 34.72
CA GLU F 150 30.49 -30.86 33.48
C GLU F 150 29.49 -31.50 32.53
N ALA F 151 29.03 -30.71 31.57
CA ALA F 151 28.08 -31.17 30.57
C ALA F 151 28.82 -31.42 29.26
N TRP F 152 28.67 -32.63 28.72
CA TRP F 152 29.37 -33.07 27.52
C TRP F 152 28.35 -33.36 26.40
N TYR F 153 28.84 -33.91 25.31
CA TYR F 153 28.03 -34.17 24.12
C TYR F 153 27.97 -35.67 23.86
N SER F 154 26.90 -36.09 23.18
CA SER F 154 26.68 -37.51 22.90
C SER F 154 27.60 -38.03 21.79
N LYS F 155 28.03 -37.15 20.89
CA LYS F 155 28.94 -37.56 19.83
C LYS F 155 30.37 -37.76 20.30
N ASP F 156 30.69 -37.33 21.52
CA ASP F 156 32.01 -37.54 22.11
C ASP F 156 31.97 -38.57 23.24
N VAL F 157 30.86 -39.27 23.42
CA VAL F 157 30.70 -40.27 24.48
C VAL F 157 30.19 -41.56 23.86
N ILE F 158 30.91 -42.66 24.09
CA ILE F 158 30.51 -43.98 23.63
C ILE F 158 30.19 -44.83 24.85
N CYS F 159 28.99 -45.38 24.90
CA CYS F 159 28.53 -46.18 26.02
C CYS F 159 28.42 -47.65 25.62
N ASP F 160 28.92 -48.53 26.49
CA ASP F 160 28.85 -49.96 26.22
C ASP F 160 27.42 -50.47 26.32
N ASN F 161 26.65 -49.97 27.28
CA ASN F 161 25.25 -50.36 27.46
C ASN F 161 24.38 -49.13 27.25
N ASN F 162 23.65 -49.09 26.14
CA ASN F 162 22.77 -47.99 25.82
C ASN F 162 21.34 -48.21 26.29
N THR F 163 21.03 -49.37 26.88
CA THR F 163 19.69 -49.62 27.37
C THR F 163 19.40 -48.85 28.64
N SER F 164 20.37 -48.78 29.55
CA SER F 164 20.23 -48.04 30.79
C SER F 164 20.62 -46.58 30.59
N SER F 165 19.98 -45.70 31.37
CA SER F 165 20.26 -44.27 31.26
C SER F 165 21.65 -43.94 31.82
N ARG F 166 22.01 -44.55 32.94
CA ARG F 166 23.32 -44.34 33.56
C ARG F 166 24.08 -45.67 33.55
N SER F 167 25.28 -45.65 32.97
CA SER F 167 26.10 -46.86 32.86
C SER F 167 27.54 -46.43 32.66
N LYS F 168 28.44 -47.42 32.68
CA LYS F 168 29.85 -47.18 32.45
C LYS F 168 30.09 -46.92 30.97
N CYS F 169 30.68 -45.77 30.65
CA CYS F 169 30.91 -45.36 29.27
C CYS F 169 32.35 -44.93 29.09
N TYR F 170 32.86 -45.12 27.88
CA TYR F 170 34.22 -44.72 27.52
C TYR F 170 34.14 -43.51 26.59
N MET F 171 34.76 -42.42 27.01
CA MET F 171 34.69 -41.17 26.25
C MET F 171 35.51 -41.27 24.96
N ASN F 172 35.02 -40.61 23.91
CA ASN F 172 35.79 -40.51 22.68
C ASN F 172 37.06 -39.72 22.91
N HIS F 173 38.20 -40.34 22.53
CA HIS F 173 39.59 -39.98 22.78
C HIS F 173 40.02 -40.09 24.25
N CYS F 174 39.06 -40.35 25.15
CA CYS F 174 39.24 -40.32 26.61
C CYS F 174 40.01 -39.09 27.09
N ASN F 175 39.60 -37.93 26.59
CA ASN F 175 40.16 -36.67 27.07
C ASN F 175 39.45 -36.34 28.39
N THR F 176 39.92 -36.99 29.46
CA THR F 176 39.28 -36.93 30.77
C THR F 176 40.14 -36.38 31.89
N SER F 177 41.46 -36.28 31.69
CA SER F 177 42.34 -35.78 32.76
C SER F 177 42.21 -34.27 32.85
N VAL F 178 41.59 -33.79 33.93
CA VAL F 178 41.23 -32.39 34.07
C VAL F 178 42.44 -31.59 34.52
N ILE F 179 42.80 -30.57 33.75
CA ILE F 179 43.83 -29.60 34.13
C ILE F 179 43.13 -28.24 34.15
N THR F 180 42.77 -27.79 35.34
CA THR F 180 42.06 -26.52 35.48
C THR F 180 43.00 -25.34 35.29
N GLU F 181 42.50 -24.31 34.62
CA GLU F 181 43.23 -23.07 34.42
C GLU F 181 42.31 -21.89 34.68
N SER F 182 42.91 -20.74 35.01
CA SER F 182 42.15 -19.52 35.20
C SER F 182 41.71 -18.99 33.84
N CYS F 183 40.50 -19.36 33.42
CA CYS F 183 40.03 -19.07 32.07
C CYS F 183 39.40 -17.68 32.00
N ASP F 184 40.02 -16.81 31.21
CA ASP F 184 39.46 -15.52 30.84
C ASP F 184 39.38 -15.47 29.32
N LYS F 185 38.22 -15.10 28.79
CA LYS F 185 37.97 -15.15 27.35
C LYS F 185 38.48 -13.88 26.67
N HIS F 186 39.80 -13.74 26.68
CA HIS F 186 40.49 -12.68 25.95
C HIS F 186 40.85 -13.24 24.58
N TYR F 187 39.90 -13.13 23.65
CA TYR F 187 40.13 -13.60 22.29
C TYR F 187 41.12 -12.69 21.58
N TRP F 188 42.07 -13.29 20.87
CA TRP F 188 42.98 -12.51 20.07
C TRP F 188 42.35 -12.21 18.72
N ASP F 189 42.53 -10.98 18.25
CA ASP F 189 41.92 -10.53 17.00
C ASP F 189 42.79 -10.99 15.83
N ALA F 190 42.53 -10.45 14.64
CA ALA F 190 43.26 -10.82 13.43
C ALA F 190 44.64 -10.20 13.47
N MET F 191 45.51 -10.81 14.28
CA MET F 191 46.89 -10.37 14.35
C MET F 191 47.65 -10.81 13.12
N ARG F 192 48.60 -9.98 12.71
CA ARG F 192 49.22 -10.22 11.43
C ARG F 192 50.73 -10.27 11.55
N PHE F 193 51.27 -11.46 11.42
CA PHE F 193 52.68 -11.73 11.65
C PHE F 193 53.37 -12.18 10.37
N ARG F 194 54.71 -12.17 10.42
CA ARG F 194 55.55 -12.58 9.30
C ARG F 194 56.84 -13.18 9.83
N TYR F 195 57.35 -14.18 9.11
CA TYR F 195 58.66 -14.75 9.43
C TYR F 195 59.78 -14.03 8.69
N CYS F 196 60.68 -13.43 9.47
CA CYS F 196 61.90 -12.82 8.97
C CYS F 196 63.07 -13.72 9.33
N ALA F 197 63.93 -13.99 8.35
CA ALA F 197 65.08 -14.84 8.60
C ALA F 197 66.12 -14.11 9.44
N PRO F 198 66.86 -14.82 10.28
CA PRO F 198 68.03 -14.24 10.96
C PRO F 198 69.14 -13.97 9.96
N PRO F 199 70.12 -13.12 10.31
CA PRO F 199 71.26 -12.90 9.42
C PRO F 199 72.05 -14.18 9.15
N GLY F 200 72.50 -14.33 7.91
CA GLY F 200 73.04 -15.58 7.44
C GLY F 200 72.02 -16.55 6.90
N PHE F 201 70.76 -16.15 6.80
CA PHE F 201 69.68 -17.02 6.31
C PHE F 201 68.82 -16.25 5.32
N ALA F 202 68.17 -17.01 4.43
CA ALA F 202 67.26 -16.44 3.45
C ALA F 202 66.03 -17.34 3.34
N LEU F 203 64.96 -16.77 2.79
CA LEU F 203 63.68 -17.46 2.62
C LEU F 203 63.30 -17.42 1.14
N LEU F 204 63.68 -18.48 0.42
CA LEU F 204 63.39 -18.55 -1.01
C LEU F 204 61.91 -18.88 -1.23
N ARG F 205 61.28 -18.15 -2.15
CA ARG F 205 59.86 -18.28 -2.41
C ARG F 205 59.64 -18.85 -3.81
N CYS F 206 58.84 -19.91 -3.90
CA CYS F 206 58.48 -20.52 -5.18
C CYS F 206 57.26 -19.77 -5.74
N ASN F 207 57.53 -18.81 -6.63
CA ASN F 207 56.48 -17.98 -7.21
C ASN F 207 55.90 -18.56 -8.50
N ASP F 208 55.96 -19.88 -8.66
CA ASP F 208 55.41 -20.52 -9.85
C ASP F 208 53.88 -20.50 -9.81
N THR F 209 53.27 -20.15 -10.94
CA THR F 209 51.80 -20.15 -11.01
C THR F 209 51.23 -21.55 -11.06
N ASN F 210 52.01 -22.52 -11.54
CA ASN F 210 51.60 -23.91 -11.59
C ASN F 210 52.15 -24.73 -10.43
N TYR F 211 52.67 -24.06 -9.39
CA TYR F 211 53.18 -24.74 -8.20
C TYR F 211 52.02 -25.34 -7.42
N SER F 212 51.92 -26.67 -7.43
CA SER F 212 50.85 -27.39 -6.75
C SER F 212 51.28 -27.95 -5.39
N GLY F 213 52.16 -27.24 -4.69
CA GLY F 213 52.62 -27.66 -3.38
C GLY F 213 53.71 -28.70 -3.37
N PHE F 214 54.03 -29.30 -4.52
CA PHE F 214 55.09 -30.31 -4.61
C PHE F 214 55.68 -30.21 -6.01
N ALA F 215 56.77 -29.46 -6.13
CA ALA F 215 57.45 -29.26 -7.40
C ALA F 215 58.93 -29.55 -7.21
N PRO F 216 59.46 -30.64 -7.81
CA PRO F 216 60.91 -30.86 -7.76
C PRO F 216 61.71 -29.84 -8.55
N ASN F 217 61.10 -29.17 -9.53
CA ASN F 217 61.77 -28.14 -10.34
C ASN F 217 60.88 -26.91 -10.37
N CYS F 218 61.03 -26.04 -9.36
CA CYS F 218 60.38 -24.74 -9.34
C CYS F 218 61.35 -23.74 -9.96
N SER F 219 61.07 -23.33 -11.20
CA SER F 219 61.97 -22.43 -11.92
C SER F 219 61.80 -20.98 -11.53
N LYS F 220 60.77 -20.64 -10.76
CA LYS F 220 60.51 -19.27 -10.31
C LYS F 220 60.83 -19.20 -8.82
N VAL F 221 62.07 -18.87 -8.50
CA VAL F 221 62.54 -18.75 -7.12
C VAL F 221 62.78 -17.27 -6.85
N VAL F 222 62.09 -16.74 -5.83
CA VAL F 222 62.22 -15.34 -5.44
C VAL F 222 62.86 -15.30 -4.07
N ALA F 223 64.01 -14.64 -3.96
CA ALA F 223 64.73 -14.55 -2.71
C ALA F 223 64.19 -13.38 -1.89
N ALA F 224 63.88 -13.63 -0.62
CA ALA F 224 63.39 -12.61 0.27
C ALA F 224 63.91 -12.88 1.67
N THR F 225 64.37 -11.81 2.34
CA THR F 225 64.85 -11.94 3.72
C THR F 225 63.73 -12.21 4.70
N CYS F 226 62.49 -11.84 4.35
CA CYS F 226 61.33 -12.02 5.20
C CYS F 226 60.20 -12.61 4.37
N THR F 227 59.29 -13.30 5.04
CA THR F 227 58.09 -13.77 4.35
C THR F 227 57.03 -12.67 4.33
N ARG F 228 55.98 -12.92 3.57
CA ARG F 228 54.85 -12.00 3.50
C ARG F 228 54.00 -12.12 4.76
N MET F 229 52.90 -11.40 4.76
CA MET F 229 51.97 -11.44 5.86
C MET F 229 51.25 -12.80 5.91
N MET F 230 51.00 -13.31 7.12
CA MET F 230 50.48 -14.68 7.30
C MET F 230 49.29 -14.69 8.26
N GLU F 231 48.25 -15.47 7.92
CA GLU F 231 47.00 -15.47 8.68
C GLU F 231 47.00 -16.52 9.78
N THR F 232 46.47 -16.14 10.94
CA THR F 232 46.34 -17.05 12.08
C THR F 232 44.88 -17.32 12.42
N GLN F 233 43.99 -17.30 11.44
CA GLN F 233 42.59 -17.64 11.68
C GLN F 233 42.42 -19.14 11.46
N SER F 234 42.49 -19.89 12.55
CA SER F 234 42.39 -21.35 12.49
C SER F 234 40.92 -21.75 12.37
N SER F 235 40.59 -22.44 11.28
CA SER F 235 39.22 -22.87 11.05
C SER F 235 39.24 -24.15 10.22
N THR F 236 38.15 -24.90 10.32
CA THR F 236 37.97 -26.12 9.54
C THR F 236 37.12 -25.84 8.31
N TRP F 237 37.25 -26.73 7.31
CA TRP F 237 36.42 -26.86 6.12
C TRP F 237 36.59 -25.72 5.11
N PHE F 238 37.33 -24.68 5.46
CA PHE F 238 37.47 -23.48 4.63
C PHE F 238 38.75 -22.77 5.06
N GLY F 239 38.96 -21.58 4.51
CA GLY F 239 40.07 -20.72 4.92
C GLY F 239 39.68 -19.26 4.85
N PHE F 240 39.82 -18.55 5.97
CA PHE F 240 39.35 -17.18 6.08
C PHE F 240 40.53 -16.22 6.12
N ASN F 241 40.50 -15.24 5.20
CA ASN F 241 41.52 -14.18 5.07
C ASN F 241 42.92 -14.75 4.85
N GLY F 242 43.01 -15.83 4.05
CA GLY F 242 44.30 -16.32 3.63
C GLY F 242 44.96 -15.36 2.67
N THR F 243 46.24 -15.08 2.90
CA THR F 243 46.93 -14.00 2.19
C THR F 243 47.38 -14.39 0.79
N ARG F 244 47.23 -15.65 0.39
CA ARG F 244 47.58 -16.07 -0.96
C ARG F 244 46.35 -16.18 -1.86
N ALA F 245 45.33 -15.37 -1.59
CA ALA F 245 44.11 -15.38 -2.39
C ALA F 245 44.31 -14.43 -3.56
N GLU F 246 44.76 -14.97 -4.68
CA GLU F 246 44.90 -14.20 -5.92
C GLU F 246 43.57 -14.18 -6.65
N ASN F 247 43.56 -13.63 -7.86
CA ASN F 247 42.35 -13.61 -8.68
C ASN F 247 42.27 -14.83 -9.59
N ARG F 248 42.44 -16.00 -9.00
CA ARG F 248 42.43 -17.28 -9.72
C ARG F 248 42.20 -18.39 -8.71
N THR F 249 42.05 -19.61 -9.23
CA THR F 249 41.88 -20.80 -8.40
C THR F 249 42.99 -21.78 -8.73
N TYR F 250 43.67 -22.27 -7.70
CA TYR F 250 44.70 -23.29 -7.86
C TYR F 250 44.57 -24.33 -6.75
N ILE F 251 44.93 -25.57 -7.07
CA ILE F 251 44.74 -26.71 -6.19
C ILE F 251 46.12 -27.33 -5.92
N TYR F 252 46.48 -27.44 -4.64
CA TYR F 252 47.69 -28.17 -4.28
C TYR F 252 47.45 -29.67 -4.28
N TRP F 253 48.54 -30.43 -4.33
CA TRP F 253 48.47 -31.89 -4.32
C TRP F 253 49.63 -32.44 -3.52
N HIS F 254 49.35 -33.46 -2.71
CA HIS F 254 50.36 -34.15 -1.93
C HIS F 254 50.72 -35.45 -2.64
N GLY F 255 52.03 -35.72 -2.75
CA GLY F 255 52.50 -36.76 -3.64
C GLY F 255 52.27 -38.18 -3.16
N LYS F 256 51.82 -38.37 -1.92
CA LYS F 256 51.62 -39.72 -1.39
C LYS F 256 50.18 -40.07 -1.07
N ASN F 257 49.29 -39.10 -0.88
CA ASN F 257 47.90 -39.37 -0.57
C ASN F 257 47.01 -38.39 -1.31
N ASN F 258 45.76 -38.31 -0.89
CA ASN F 258 44.76 -37.45 -1.52
C ASN F 258 44.54 -36.13 -0.78
N ARG F 259 45.51 -35.69 0.02
CA ARG F 259 45.41 -34.43 0.75
C ARG F 259 45.68 -33.27 -0.19
N THR F 260 44.62 -32.51 -0.51
CA THR F 260 44.70 -31.39 -1.42
C THR F 260 44.35 -30.10 -0.69
N ILE F 261 44.99 -29.01 -1.11
CA ILE F 261 44.66 -27.67 -0.63
C ILE F 261 44.21 -26.85 -1.84
N ILE F 262 43.00 -26.29 -1.75
CA ILE F 262 42.39 -25.55 -2.84
C ILE F 262 42.25 -24.10 -2.41
N SER F 263 42.97 -23.21 -3.07
CA SER F 263 42.74 -21.78 -2.89
C SER F 263 41.56 -21.33 -3.74
N LEU F 264 41.10 -20.11 -3.49
CA LEU F 264 39.88 -19.62 -4.13
C LEU F 264 40.15 -18.29 -4.83
N ASN F 265 39.15 -17.86 -5.60
CA ASN F 265 39.21 -16.65 -6.40
C ASN F 265 38.57 -15.50 -5.64
N ASN F 266 39.22 -14.34 -5.65
CA ASN F 266 38.68 -13.15 -5.00
C ASN F 266 37.68 -12.40 -5.86
N PHE F 267 37.52 -12.78 -7.13
CA PHE F 267 36.59 -12.08 -8.01
C PHE F 267 35.14 -12.40 -7.67
N TYR F 268 34.88 -13.56 -7.06
CA TYR F 268 33.53 -13.98 -6.72
C TYR F 268 33.06 -13.46 -5.38
N ASN F 269 33.91 -12.68 -4.67
CA ASN F 269 33.60 -12.02 -3.40
C ASN F 269 33.17 -13.03 -2.32
N LEU F 270 33.97 -14.09 -2.16
CA LEU F 270 33.66 -15.15 -1.20
C LEU F 270 33.89 -14.63 0.20
N THR F 271 32.83 -14.14 0.83
CA THR F 271 32.90 -13.54 2.16
C THR F 271 32.02 -14.31 3.12
N MET F 272 32.46 -14.32 4.37
CA MET F 272 31.81 -15.04 5.44
C MET F 272 31.25 -14.03 6.43
N HIS F 273 30.05 -14.33 6.94
CA HIS F 273 29.44 -13.51 7.99
C HIS F 273 28.75 -14.43 9.00
N CYS F 274 29.28 -14.48 10.21
CA CYS F 274 28.67 -15.24 11.31
C CYS F 274 28.19 -14.30 12.40
N LYS F 275 26.93 -14.45 12.80
CA LYS F 275 26.35 -13.61 13.83
C LYS F 275 25.46 -14.46 14.74
N ARG F 276 25.69 -14.35 16.04
CA ARG F 276 24.84 -14.98 17.03
C ARG F 276 24.02 -13.92 17.75
N PRO F 277 22.70 -13.91 17.61
CA PRO F 277 21.89 -12.94 18.36
C PRO F 277 21.81 -13.31 19.83
N GLY F 278 21.51 -12.30 20.65
CA GLY F 278 21.34 -12.51 22.07
C GLY F 278 19.94 -12.16 22.53
N ASN F 279 19.81 -11.72 23.77
CA ASN F 279 18.52 -11.26 24.28
C ASN F 279 18.17 -9.92 23.64
N LYS F 280 17.04 -9.88 22.95
CA LYS F 280 16.57 -8.63 22.36
C LYS F 280 16.13 -7.67 23.46
N THR F 281 16.50 -6.41 23.31
CA THR F 281 16.30 -5.42 24.36
C THR F 281 15.40 -4.29 23.87
N VAL F 282 14.97 -3.48 24.82
CA VAL F 282 14.12 -2.32 24.59
C VAL F 282 14.74 -1.21 25.46
N LEU F 283 14.09 -0.05 25.54
CA LEU F 283 14.53 1.01 26.45
C LEU F 283 14.56 0.47 27.89
N PRO F 284 15.59 0.80 28.67
CA PRO F 284 15.73 0.22 30.00
C PRO F 284 14.68 0.65 31.03
N ILE F 285 14.34 -0.31 31.89
CA ILE F 285 13.15 -0.40 32.76
C ILE F 285 11.89 0.07 32.02
N MET F 286 11.55 1.38 32.12
CA MET F 286 10.37 2.05 31.51
C MET F 286 9.06 1.28 31.66
N SER F 287 8.93 0.51 32.73
CA SER F 287 7.74 -0.30 32.98
C SER F 287 6.90 0.41 34.03
N GLY F 288 5.64 0.65 33.71
CA GLY F 288 4.77 1.34 34.62
C GLY F 288 3.31 1.12 34.27
N PHE F 289 2.46 1.99 34.84
CA PHE F 289 1.03 1.90 34.60
C PHE F 289 0.70 2.17 33.13
N LYS F 290 1.40 3.12 32.52
CA LYS F 290 1.28 3.37 31.10
C LYS F 290 2.64 3.22 30.43
N PHE F 291 2.58 2.89 29.13
CA PHE F 291 3.74 2.79 28.23
C PHE F 291 4.74 1.75 28.72
N HIS F 292 4.29 0.50 28.77
CA HIS F 292 5.09 -0.62 29.24
C HIS F 292 5.39 -1.56 28.09
N SER F 293 6.64 -2.01 27.99
CA SER F 293 7.08 -2.91 26.94
C SER F 293 7.76 -4.13 27.54
N LYS F 294 7.79 -5.21 26.77
CA LYS F 294 8.35 -6.48 27.20
C LYS F 294 9.42 -6.91 26.21
N PRO F 295 10.65 -7.16 26.65
CA PRO F 295 11.72 -7.56 25.72
C PRO F 295 11.61 -9.05 25.38
N VAL F 296 12.55 -9.51 24.57
CA VAL F 296 12.59 -10.89 24.11
C VAL F 296 13.88 -11.52 24.64
N ILE F 297 13.73 -12.63 25.37
CA ILE F 297 14.87 -13.34 25.92
C ILE F 297 15.41 -14.30 24.86
N ASN F 298 16.66 -14.71 25.03
CA ASN F 298 17.27 -15.71 24.15
C ASN F 298 17.06 -17.09 24.77
N LYS F 299 16.19 -17.89 24.16
CA LYS F 299 15.88 -19.21 24.69
C LYS F 299 17.04 -20.18 24.49
N LYS F 300 17.72 -20.10 23.35
CA LYS F 300 18.89 -20.93 23.07
C LYS F 300 20.11 -20.03 23.00
N PRO F 301 20.94 -19.97 24.05
CA PRO F 301 22.18 -19.18 23.98
C PRO F 301 23.22 -19.82 23.08
N ARG F 302 23.04 -21.08 22.72
CA ARG F 302 24.00 -21.79 21.89
C ARG F 302 23.72 -21.70 20.40
N GLN F 303 22.53 -21.30 19.99
CA GLN F 303 22.16 -21.27 18.58
C GLN F 303 22.71 -20.01 17.94
N ALA F 304 23.41 -20.17 16.81
CA ALA F 304 24.01 -19.07 16.09
C ALA F 304 23.65 -19.17 14.61
N TRP F 305 24.20 -18.25 13.81
CA TRP F 305 23.97 -18.22 12.37
C TRP F 305 25.26 -17.86 11.65
N CYS F 306 25.40 -18.36 10.42
CA CYS F 306 26.62 -18.13 9.64
C CYS F 306 26.22 -18.05 8.18
N TRP F 307 26.35 -16.87 7.58
CA TRP F 307 26.04 -16.67 6.18
C TRP F 307 27.31 -16.55 5.37
N PHE F 308 27.39 -17.32 4.29
CA PHE F 308 28.50 -17.24 3.34
C PHE F 308 28.00 -16.50 2.11
N LYS F 309 28.65 -15.39 1.77
CA LYS F 309 28.20 -14.50 0.72
C LYS F 309 29.14 -14.54 -0.47
N GLY F 310 28.61 -14.18 -1.63
CA GLY F 310 29.36 -14.12 -2.86
C GLY F 310 28.86 -15.11 -3.89
N GLU F 311 29.52 -15.09 -5.04
CA GLU F 311 29.21 -16.01 -6.14
C GLU F 311 29.86 -17.36 -5.83
N TRP F 312 29.19 -18.13 -4.98
CA TRP F 312 29.77 -19.36 -4.45
C TRP F 312 29.79 -20.49 -5.46
N LYS F 313 28.70 -20.66 -6.22
CA LYS F 313 28.63 -21.77 -7.18
C LYS F 313 29.59 -21.57 -8.35
N GLU F 314 29.78 -20.31 -8.77
CA GLU F 314 30.78 -20.02 -9.80
C GLU F 314 32.19 -20.32 -9.30
N ALA F 315 32.46 -20.00 -8.04
CA ALA F 315 33.75 -20.34 -7.44
C ALA F 315 33.95 -21.85 -7.36
N MET F 316 32.89 -22.59 -7.02
CA MET F 316 33.04 -24.04 -6.90
C MET F 316 33.17 -24.72 -8.24
N GLN F 317 32.51 -24.20 -9.29
CA GLN F 317 32.75 -24.78 -10.62
C GLN F 317 34.11 -24.36 -11.16
N GLU F 318 34.65 -23.21 -10.72
CA GLU F 318 36.04 -22.90 -11.01
C GLU F 318 36.99 -23.87 -10.32
N VAL F 319 36.65 -24.29 -9.10
CA VAL F 319 37.43 -25.31 -8.39
C VAL F 319 37.37 -26.64 -9.13
N LYS F 320 36.18 -27.01 -9.64
CA LYS F 320 36.03 -28.22 -10.44
C LYS F 320 36.84 -28.14 -11.74
N GLU F 321 36.84 -26.97 -12.38
CA GLU F 321 37.64 -26.78 -13.58
C GLU F 321 39.14 -26.83 -13.29
N THR F 322 39.56 -26.35 -12.12
CA THR F 322 40.97 -26.44 -11.73
C THR F 322 41.36 -27.88 -11.43
N LEU F 323 40.46 -28.66 -10.82
CA LEU F 323 40.72 -30.07 -10.58
C LEU F 323 40.80 -30.84 -11.90
N ALA F 324 39.95 -30.49 -12.87
CA ALA F 324 40.06 -31.07 -14.21
C ALA F 324 41.34 -30.61 -14.91
N LYS F 325 41.83 -29.42 -14.57
CA LYS F 325 43.10 -28.93 -15.12
C LYS F 325 44.30 -29.66 -14.52
N HIS F 326 44.15 -30.16 -13.29
CA HIS F 326 45.29 -30.73 -12.56
C HIS F 326 45.75 -32.04 -13.18
N PRO F 327 47.05 -32.24 -13.39
CA PRO F 327 47.52 -33.46 -14.04
C PRO F 327 47.48 -34.69 -13.15
N ARG F 328 47.36 -34.53 -11.83
CA ARG F 328 47.32 -35.66 -10.92
C ARG F 328 45.90 -36.11 -10.61
N TYR F 329 44.91 -35.57 -11.32
CA TYR F 329 43.53 -36.01 -11.19
C TYR F 329 43.28 -37.17 -12.17
N LYS F 330 42.98 -38.34 -11.63
CA LYS F 330 42.88 -39.56 -12.43
C LYS F 330 41.47 -39.82 -12.96
N GLY F 331 40.52 -38.93 -12.67
CA GLY F 331 39.17 -39.08 -13.18
C GLY F 331 39.01 -38.46 -14.57
N ASN F 332 37.76 -38.43 -15.02
CA ASN F 332 37.44 -37.86 -16.32
C ASN F 332 37.50 -36.34 -16.25
N ARG F 333 38.53 -35.74 -16.85
CA ARG F 333 38.71 -34.30 -16.82
C ARG F 333 37.82 -33.57 -17.81
N SER F 334 37.19 -34.27 -18.75
CA SER F 334 36.32 -33.62 -19.73
C SER F 334 34.99 -33.20 -19.14
N ARG F 335 34.62 -33.74 -17.98
CA ARG F 335 33.36 -33.41 -17.31
C ARG F 335 33.63 -33.00 -15.87
N THR F 336 32.87 -32.01 -15.40
CA THR F 336 32.96 -31.55 -14.02
C THR F 336 31.72 -31.88 -13.21
N GLU F 337 30.68 -32.45 -13.83
CA GLU F 337 29.48 -32.81 -13.09
C GLU F 337 29.71 -34.00 -12.17
N ASN F 338 30.60 -34.92 -12.56
CA ASN F 338 30.94 -36.04 -11.69
C ASN F 338 31.80 -35.59 -10.51
N ILE F 339 32.46 -34.45 -10.61
CA ILE F 339 33.23 -33.89 -9.50
C ILE F 339 32.24 -33.29 -8.51
N LYS F 340 32.11 -33.90 -7.34
CA LYS F 340 31.14 -33.49 -6.34
C LYS F 340 31.83 -33.30 -5.00
N PHE F 341 31.26 -32.41 -4.18
CA PHE F 341 31.77 -32.08 -2.86
C PHE F 341 30.89 -32.80 -1.84
N LYS F 342 31.48 -33.76 -1.13
CA LYS F 342 30.73 -34.59 -0.20
C LYS F 342 31.22 -34.40 1.23
N ALA F 343 30.28 -34.46 2.16
CA ALA F 343 30.59 -34.41 3.59
C ALA F 343 30.95 -35.81 4.08
N PRO F 344 31.75 -35.91 5.14
CA PRO F 344 31.99 -37.22 5.77
C PRO F 344 30.74 -37.77 6.43
N GLY F 345 30.74 -39.10 6.60
CA GLY F 345 29.58 -39.78 7.13
C GLY F 345 29.35 -39.52 8.61
N ARG F 346 28.18 -39.93 9.08
CA ARG F 346 27.80 -39.72 10.46
C ARG F 346 28.57 -40.64 11.40
N GLY F 347 28.57 -40.28 12.68
CA GLY F 347 29.40 -40.93 13.67
C GLY F 347 30.84 -40.46 13.68
N SER F 348 31.18 -39.47 12.86
CA SER F 348 32.54 -38.97 12.74
C SER F 348 32.76 -37.82 13.71
N ASP F 349 33.84 -37.08 13.49
CA ASP F 349 34.23 -35.99 14.37
C ASP F 349 33.25 -34.83 14.26
N PRO F 350 32.98 -34.12 15.35
CA PRO F 350 32.24 -32.85 15.22
C PRO F 350 33.01 -31.78 14.46
N GLU F 351 34.34 -31.80 14.52
CA GLU F 351 35.15 -30.84 13.77
C GLU F 351 35.26 -31.20 12.30
N ALA F 352 35.18 -32.49 11.96
CA ALA F 352 35.31 -32.91 10.57
C ALA F 352 33.97 -32.93 9.84
N ALA F 353 32.87 -33.18 10.55
CA ALA F 353 31.56 -33.16 9.90
C ALA F 353 30.95 -31.76 9.95
N TYR F 354 30.96 -31.13 11.11
CA TYR F 354 30.45 -29.77 11.26
C TYR F 354 31.60 -28.78 11.25
N MET F 355 31.26 -27.50 11.31
CA MET F 355 32.27 -26.45 11.34
C MET F 355 33.01 -26.39 12.66
N TRP F 356 34.22 -25.84 12.62
CA TRP F 356 34.96 -25.43 13.80
C TRP F 356 35.69 -24.14 13.46
N THR F 357 35.30 -23.05 14.10
CA THR F 357 35.97 -21.75 13.93
C THR F 357 35.71 -20.93 15.17
N ASN F 358 36.60 -19.98 15.43
CA ASN F 358 36.51 -19.12 16.60
C ASN F 358 35.88 -17.79 16.21
N CYS F 359 34.79 -17.44 16.90
CA CYS F 359 34.10 -16.16 16.69
C CYS F 359 34.12 -15.40 18.00
N ARG F 360 35.21 -14.65 18.22
CA ARG F 360 35.44 -13.78 19.38
C ARG F 360 35.34 -14.55 20.70
N GLY F 361 36.11 -15.64 20.79
CA GLY F 361 36.19 -16.43 22.00
C GLY F 361 35.24 -17.61 22.07
N GLU F 362 34.34 -17.74 21.12
CA GLU F 362 33.37 -18.82 21.09
C GLU F 362 33.54 -19.64 19.82
N PHE F 363 33.21 -20.94 19.89
CA PHE F 363 33.54 -21.90 18.85
C PHE F 363 32.29 -22.44 18.14
N LEU F 364 32.14 -22.09 16.87
CA LEU F 364 30.93 -22.35 16.10
C LEU F 364 30.94 -23.75 15.50
N TYR F 365 29.80 -24.44 15.58
CA TYR F 365 29.63 -25.76 14.97
C TYR F 365 28.35 -25.73 14.16
N CYS F 366 28.50 -25.80 12.83
CA CYS F 366 27.37 -25.63 11.91
C CYS F 366 27.22 -26.88 11.04
N ASN F 367 25.97 -27.34 10.90
CA ASN F 367 25.69 -28.48 10.04
C ASN F 367 25.82 -28.07 8.58
N MET F 368 26.53 -28.88 7.81
CA MET F 368 26.77 -28.60 6.40
C MET F 368 25.85 -29.36 5.47
N THR F 369 24.57 -29.50 5.82
CA THR F 369 23.61 -30.07 4.90
C THR F 369 23.13 -29.03 3.89
N TRP F 370 22.66 -27.87 4.39
CA TRP F 370 21.94 -26.92 3.54
C TRP F 370 22.87 -26.22 2.57
N PHE F 371 24.04 -25.79 3.03
CA PHE F 371 24.98 -25.08 2.15
C PHE F 371 25.58 -26.02 1.11
N LEU F 372 25.88 -27.27 1.49
CA LEU F 372 26.43 -28.22 0.54
C LEU F 372 25.39 -28.64 -0.49
N ASN F 373 24.12 -28.74 -0.08
CA ASN F 373 23.07 -29.02 -1.05
C ASN F 373 22.77 -27.82 -1.94
N TRP F 374 22.94 -26.60 -1.41
CA TRP F 374 22.69 -25.40 -2.21
C TRP F 374 23.80 -25.18 -3.23
N VAL F 375 25.04 -25.51 -2.87
CA VAL F 375 26.15 -25.43 -3.82
C VAL F 375 26.00 -26.50 -4.90
N ASP F 376 25.79 -27.75 -4.50
CA ASP F 376 25.81 -28.86 -5.45
C ASP F 376 24.49 -29.02 -6.19
N ASN F 377 23.45 -28.25 -5.81
CA ASN F 377 22.11 -28.29 -6.41
C ASN F 377 21.50 -29.69 -6.33
N ARG F 378 21.70 -30.36 -5.20
CA ARG F 378 21.14 -31.69 -4.97
C ARG F 378 19.66 -31.55 -4.74
N THR F 379 18.85 -31.84 -5.77
CA THR F 379 17.41 -31.70 -5.67
C THR F 379 16.82 -32.78 -4.77
N GLY F 380 15.68 -32.46 -4.15
CA GLY F 380 15.04 -33.35 -3.21
C GLY F 380 15.43 -33.16 -1.76
N GLN F 381 16.37 -32.24 -1.48
CA GLN F 381 16.77 -31.98 -0.11
C GLN F 381 16.65 -30.49 0.19
N LYS F 382 17.20 -30.05 1.32
CA LYS F 382 17.09 -28.66 1.75
C LYS F 382 18.30 -27.87 1.26
N GLN F 383 18.05 -26.82 0.48
CA GLN F 383 19.11 -25.99 -0.09
C GLN F 383 18.96 -24.58 0.42
N ARG F 384 19.98 -24.10 1.15
CA ARG F 384 19.99 -22.74 1.65
C ARG F 384 21.43 -22.23 1.68
N ASN F 385 21.58 -20.91 1.57
CA ASN F 385 22.89 -20.28 1.47
C ASN F 385 23.60 -20.11 2.80
N TYR F 386 23.03 -20.60 3.89
CA TYR F 386 23.67 -20.53 5.19
C TYR F 386 23.68 -21.90 5.84
N ALA F 387 24.09 -21.96 7.11
CA ALA F 387 24.14 -23.20 7.86
C ALA F 387 23.58 -22.95 9.25
N PRO F 388 22.82 -23.90 9.81
CA PRO F 388 22.35 -23.74 11.19
C PRO F 388 23.46 -24.11 12.17
N CYS F 389 23.74 -23.22 13.10
CA CYS F 389 24.93 -23.31 13.93
C CYS F 389 24.58 -23.48 15.40
N HIS F 390 25.43 -24.23 16.11
CA HIS F 390 25.35 -24.45 17.53
C HIS F 390 26.73 -24.21 18.14
N ILE F 391 26.79 -23.60 19.32
CA ILE F 391 28.07 -23.27 19.93
C ILE F 391 28.52 -24.53 20.67
N ARG F 392 29.82 -24.70 20.83
CA ARG F 392 30.36 -25.76 21.66
C ARG F 392 31.49 -25.20 22.52
N GLN F 393 31.37 -25.38 23.84
CA GLN F 393 32.44 -25.05 24.75
C GLN F 393 33.53 -26.12 24.78
N ILE F 394 33.29 -27.26 24.15
CA ILE F 394 34.22 -28.38 24.15
C ILE F 394 34.67 -28.62 22.71
N ILE F 395 35.96 -28.44 22.46
CA ILE F 395 36.53 -28.62 21.12
C ILE F 395 37.70 -29.58 21.22
N ASN F 396 38.06 -30.18 20.08
CA ASN F 396 39.20 -31.07 19.99
C ASN F 396 40.48 -30.25 19.81
N THR F 397 41.60 -30.94 19.63
CA THR F 397 42.89 -30.31 19.41
C THR F 397 43.43 -30.75 18.05
N TRP F 398 43.78 -29.78 17.21
CA TRP F 398 44.25 -30.06 15.86
C TRP F 398 45.75 -30.32 15.78
N HIS F 399 46.52 -29.88 16.77
CA HIS F 399 47.96 -30.11 16.79
C HIS F 399 48.33 -31.27 17.71
N ARG F 400 47.97 -31.19 18.98
CA ARG F 400 48.23 -32.23 19.95
C ARG F 400 47.00 -33.12 20.07
N VAL F 401 47.05 -34.07 21.01
CA VAL F 401 45.94 -34.98 21.29
C VAL F 401 45.30 -34.55 22.61
N GLY F 402 44.04 -34.18 22.56
CA GLY F 402 43.33 -33.76 23.75
C GLY F 402 42.07 -33.00 23.39
N LYS F 403 41.44 -32.44 24.43
CA LYS F 403 40.26 -31.60 24.28
C LYS F 403 40.37 -30.42 25.23
N ASN F 404 39.62 -29.37 24.92
CA ASN F 404 39.62 -28.14 25.71
C ASN F 404 38.20 -27.74 26.02
N VAL F 405 37.91 -27.47 27.28
CA VAL F 405 36.58 -27.04 27.74
C VAL F 405 36.66 -25.59 28.17
N TYR F 406 35.74 -24.77 27.66
CA TYR F 406 35.78 -23.32 27.81
C TYR F 406 34.66 -22.84 28.72
N LEU F 407 34.55 -21.52 28.83
CA LEU F 407 33.50 -20.88 29.62
C LEU F 407 32.15 -21.02 28.94
N PRO F 408 31.06 -20.85 29.69
CA PRO F 408 29.77 -20.63 29.06
C PRO F 408 29.79 -19.34 28.25
N PRO F 409 29.04 -19.29 27.16
CA PRO F 409 29.17 -18.16 26.21
C PRO F 409 28.69 -16.84 26.77
N ARG F 410 29.31 -15.77 26.28
CA ARG F 410 28.96 -14.43 26.69
C ARG F 410 27.62 -14.00 26.09
N GLU F 411 26.88 -13.20 26.82
CA GLU F 411 25.58 -12.72 26.37
C GLU F 411 25.77 -11.55 25.40
N GLY F 412 24.65 -11.04 24.88
CA GLY F 412 24.69 -9.92 23.98
C GLY F 412 24.86 -10.32 22.54
N GLU F 413 25.36 -9.38 21.74
CA GLU F 413 25.53 -9.58 20.32
C GLU F 413 26.93 -10.12 20.04
N LEU F 414 26.99 -11.17 19.21
CA LEU F 414 28.24 -11.81 18.83
C LEU F 414 28.28 -11.90 17.31
N THR F 415 29.14 -11.10 16.68
CA THR F 415 29.24 -11.08 15.23
C THR F 415 30.70 -11.24 14.79
N CYS F 416 30.87 -11.82 13.61
CA CYS F 416 32.19 -12.01 13.01
C CYS F 416 32.08 -11.82 11.51
N ASN F 417 33.16 -11.32 10.90
CA ASN F 417 33.17 -11.07 9.47
C ASN F 417 34.57 -11.36 8.92
N SER F 418 34.63 -12.16 7.86
CA SER F 418 35.88 -12.48 7.18
C SER F 418 35.56 -12.86 5.74
N THR F 419 36.62 -13.02 4.94
CA THR F 419 36.49 -13.40 3.55
C THR F 419 37.04 -14.80 3.36
N VAL F 420 36.25 -15.68 2.74
CA VAL F 420 36.69 -17.05 2.49
C VAL F 420 37.71 -17.06 1.37
N THR F 421 38.85 -17.72 1.60
CA THR F 421 39.99 -17.62 0.70
C THR F 421 40.49 -18.98 0.22
N SER F 422 40.21 -20.05 0.97
CA SER F 422 40.73 -21.36 0.62
C SER F 422 39.81 -22.45 1.16
N ILE F 423 40.15 -23.70 0.83
CA ILE F 423 39.31 -24.87 1.10
C ILE F 423 40.19 -26.00 1.63
N ILE F 424 39.78 -26.61 2.74
CA ILE F 424 40.41 -27.82 3.26
C ILE F 424 39.55 -29.01 2.86
N ALA F 425 40.10 -29.91 2.06
CA ALA F 425 39.35 -31.06 1.55
C ALA F 425 40.30 -32.15 1.13
N ASN F 426 39.73 -33.32 0.84
CA ASN F 426 40.44 -34.45 0.27
C ASN F 426 39.66 -34.95 -0.95
N ILE F 427 40.37 -35.26 -2.03
CA ILE F 427 39.75 -35.61 -3.31
C ILE F 427 40.11 -37.05 -3.64
N ASP F 428 39.11 -37.93 -3.61
CA ASP F 428 39.30 -39.34 -3.95
C ASP F 428 38.99 -39.56 -5.42
N THR F 429 39.85 -40.30 -6.11
CA THR F 429 39.71 -40.56 -7.53
C THR F 429 39.22 -42.00 -7.73
N GLY F 430 38.06 -42.15 -8.34
CA GLY F 430 37.51 -43.46 -8.63
C GLY F 430 36.54 -43.43 -9.79
N ASP F 431 35.41 -44.14 -9.67
CA ASP F 431 34.35 -44.03 -10.67
C ASP F 431 33.71 -42.66 -10.64
N GLN F 432 33.50 -42.10 -9.44
CA GLN F 432 33.05 -40.74 -9.25
C GLN F 432 34.05 -39.99 -8.38
N THR F 433 34.10 -38.68 -8.54
CA THR F 433 35.04 -37.83 -7.82
C THR F 433 34.34 -37.27 -6.60
N ASP F 434 34.64 -37.85 -5.43
CA ASP F 434 34.05 -37.42 -4.16
C ASP F 434 35.08 -36.56 -3.43
N ILE F 435 34.90 -35.24 -3.51
CA ILE F 435 35.75 -34.31 -2.77
C ILE F 435 35.24 -34.29 -1.33
N THR F 436 35.97 -34.96 -0.44
CA THR F 436 35.57 -35.09 0.95
C THR F 436 36.29 -34.04 1.78
N PHE F 437 35.52 -33.19 2.46
CA PHE F 437 36.10 -32.13 3.28
C PHE F 437 36.71 -32.72 4.56
N SER F 438 37.85 -32.17 4.95
CA SER F 438 38.56 -32.64 6.14
C SER F 438 38.77 -31.48 7.11
N ALA F 439 39.25 -31.81 8.29
CA ALA F 439 39.53 -30.84 9.35
C ALA F 439 41.02 -30.57 9.47
N GLU F 440 41.76 -30.58 8.37
CA GLU F 440 43.20 -30.35 8.37
C GLU F 440 43.45 -28.85 8.47
N VAL F 441 43.49 -28.36 9.71
CA VAL F 441 43.71 -26.93 9.96
C VAL F 441 45.13 -26.53 9.56
N ALA F 442 46.10 -27.45 9.69
CA ALA F 442 47.49 -27.20 9.33
C ALA F 442 47.69 -27.00 7.83
N GLU F 443 46.75 -27.44 7.00
CA GLU F 443 46.86 -27.26 5.56
C GLU F 443 46.72 -25.80 5.13
N LEU F 444 46.08 -24.96 5.94
CA LEU F 444 46.04 -23.53 5.65
C LEU F 444 47.43 -22.91 5.76
N TYR F 445 48.17 -23.25 6.81
CA TYR F 445 49.52 -22.73 6.96
C TYR F 445 50.50 -23.41 6.01
N ARG F 446 50.21 -24.65 5.62
CA ARG F 446 50.99 -25.30 4.58
C ARG F 446 50.74 -24.67 3.21
N LEU F 447 49.52 -24.17 2.98
CA LEU F 447 49.24 -23.35 1.80
C LEU F 447 50.01 -22.04 1.86
N GLU F 448 49.94 -21.34 3.00
CA GLU F 448 50.48 -19.99 3.09
C GLU F 448 52.00 -19.97 3.12
N LEU F 449 52.63 -21.04 3.61
CA LEU F 449 54.08 -21.08 3.74
C LEU F 449 54.72 -22.23 2.97
N GLY F 450 54.00 -22.79 2.00
CA GLY F 450 54.57 -23.86 1.20
C GLY F 450 55.55 -23.39 0.15
N ASP F 451 55.33 -22.19 -0.39
CA ASP F 451 56.26 -21.64 -1.37
C ASP F 451 57.55 -21.18 -0.71
N TYR F 452 57.48 -20.72 0.53
CA TYR F 452 58.67 -20.32 1.25
C TYR F 452 59.38 -21.52 1.84
N LYS F 453 60.71 -21.51 1.73
CA LYS F 453 61.54 -22.59 2.26
C LYS F 453 62.81 -21.98 2.82
N LEU F 454 63.12 -22.32 4.07
CA LEU F 454 64.29 -21.76 4.74
C LEU F 454 65.57 -22.40 4.20
N VAL F 455 66.53 -21.56 3.83
CA VAL F 455 67.83 -22.02 3.36
C VAL F 455 68.91 -21.32 4.18
N GLU F 456 70.08 -21.95 4.25
CA GLU F 456 71.21 -21.44 5.01
C GLU F 456 72.37 -21.19 4.07
N ILE F 457 72.77 -19.92 3.96
CA ILE F 457 73.87 -19.53 3.08
C ILE F 457 75.20 -19.97 3.68
N LYS G 1 25.16 32.49 -72.73
CA LYS G 1 24.19 32.60 -71.64
C LYS G 1 23.63 34.02 -71.55
N LYS G 2 22.49 34.15 -70.88
CA LYS G 2 21.81 35.43 -70.71
C LYS G 2 22.01 35.94 -69.30
N VAL G 3 22.13 37.26 -69.17
CA VAL G 3 22.37 37.92 -67.90
C VAL G 3 21.28 38.95 -67.66
N VAL G 4 20.79 39.04 -66.43
CA VAL G 4 19.75 39.97 -66.04
C VAL G 4 20.27 40.86 -64.92
N LEU G 5 19.50 41.88 -64.57
CA LEU G 5 19.88 42.85 -63.57
C LEU G 5 18.81 42.94 -62.49
N GLY G 6 19.25 43.03 -61.24
CA GLY G 6 18.35 43.19 -60.11
C GLY G 6 18.30 44.64 -59.64
N LYS G 7 17.17 45.00 -59.03
CA LYS G 7 16.94 46.37 -58.58
C LYS G 7 17.14 46.52 -57.07
N LYS G 8 17.98 45.66 -56.47
CA LYS G 8 18.41 45.72 -55.08
C LYS G 8 17.22 45.65 -54.10
N GLY G 9 16.53 44.51 -54.13
CA GLY G 9 15.45 44.28 -53.20
C GLY G 9 14.24 43.59 -53.78
N ASP G 10 14.05 43.69 -55.09
CA ASP G 10 12.90 43.11 -55.74
C ASP G 10 13.18 41.65 -56.10
N THR G 11 12.29 41.04 -56.88
CA THR G 11 12.43 39.66 -57.29
C THR G 11 12.95 39.57 -58.72
N VAL G 12 13.71 38.50 -58.99
CA VAL G 12 14.28 38.26 -60.31
C VAL G 12 13.93 36.83 -60.71
N GLU G 13 13.76 36.61 -62.01
CA GLU G 13 13.36 35.31 -62.54
C GLU G 13 14.49 34.72 -63.38
N LEU G 14 14.86 33.48 -63.07
CA LEU G 14 15.91 32.75 -63.78
C LEU G 14 15.27 31.46 -64.31
N THR G 15 14.68 31.55 -65.49
CA THR G 15 13.94 30.42 -66.07
C THR G 15 14.90 29.36 -66.60
N CYS G 16 14.41 28.11 -66.59
CA CYS G 16 15.12 26.98 -67.15
C CYS G 16 14.44 26.53 -68.44
N THR G 17 15.15 25.72 -69.22
CA THR G 17 14.65 25.23 -70.49
C THR G 17 14.60 23.71 -70.48
N ALA G 18 13.43 23.16 -70.81
CA ALA G 18 13.25 21.72 -70.88
C ALA G 18 12.10 21.42 -71.84
N SER G 19 12.28 20.41 -72.68
CA SER G 19 11.27 20.01 -73.66
C SER G 19 10.82 18.57 -73.47
N GLN G 20 11.15 17.94 -72.34
CA GLN G 20 10.78 16.54 -72.13
C GLN G 20 9.30 16.39 -71.78
N LYS G 21 8.70 17.42 -71.17
CA LYS G 21 7.29 17.44 -70.73
C LYS G 21 6.99 16.28 -69.79
N LYS G 22 7.91 16.00 -68.87
CA LYS G 22 7.79 14.89 -67.94
C LYS G 22 7.81 15.36 -66.48
N SER G 23 8.19 16.62 -66.23
CA SER G 23 8.48 17.18 -64.90
C SER G 23 9.52 16.32 -64.19
N ILE G 24 10.71 16.26 -64.79
CA ILE G 24 11.82 15.47 -64.29
C ILE G 24 12.48 16.15 -63.10
N GLN G 25 13.38 15.43 -62.42
CA GLN G 25 14.11 15.99 -61.29
C GLN G 25 15.10 17.04 -61.77
N PHE G 26 15.07 18.21 -61.11
CA PHE G 26 15.94 19.32 -61.46
C PHE G 26 16.69 19.79 -60.23
N HIS G 27 17.89 20.32 -60.45
CA HIS G 27 18.75 20.78 -59.36
C HIS G 27 19.17 22.22 -59.62
N TRP G 28 19.31 22.98 -58.54
CA TRP G 28 19.80 24.35 -58.58
C TRP G 28 21.13 24.40 -57.84
N LYS G 29 22.21 24.62 -58.59
CA LYS G 29 23.56 24.65 -58.04
C LYS G 29 24.22 25.97 -58.38
N ASN G 30 24.96 26.52 -57.43
CA ASN G 30 25.69 27.76 -57.64
C ASN G 30 27.11 27.43 -58.13
N SER G 31 27.99 28.43 -58.14
CA SER G 31 29.37 28.23 -58.59
C SER G 31 30.23 27.48 -57.58
N ASN G 32 29.79 27.36 -56.33
CA ASN G 32 30.55 26.67 -55.29
C ASN G 32 30.03 25.27 -55.02
N GLN G 33 29.13 24.76 -55.87
CA GLN G 33 28.50 23.43 -55.75
C GLN G 33 27.79 23.26 -54.40
N ILE G 34 26.95 24.24 -54.08
CA ILE G 34 26.17 24.24 -52.84
C ILE G 34 24.70 24.12 -53.21
N LYS G 35 24.01 23.17 -52.58
CA LYS G 35 22.60 22.92 -52.89
C LYS G 35 21.72 24.05 -52.35
N ILE G 36 20.80 24.52 -53.18
CA ILE G 36 19.86 25.57 -52.80
C ILE G 36 18.44 25.03 -52.92
N LEU G 37 18.06 24.64 -54.13
CA LEU G 37 16.75 24.07 -54.40
C LEU G 37 16.92 22.83 -55.26
N GLY G 38 15.97 21.90 -55.13
CA GLY G 38 16.06 20.66 -55.86
C GLY G 38 14.72 19.97 -55.94
N ASN G 39 14.74 18.76 -56.51
CA ASN G 39 13.54 17.96 -56.69
C ASN G 39 13.79 16.56 -56.13
N GLN G 40 12.81 16.03 -55.41
CA GLN G 40 12.82 14.66 -54.91
C GLN G 40 11.47 14.06 -55.29
N GLY G 41 11.37 13.54 -56.51
CA GLY G 41 10.08 13.10 -57.00
C GLY G 41 9.23 14.29 -57.39
N SER G 42 8.27 14.64 -56.54
CA SER G 42 7.45 15.84 -56.70
C SER G 42 7.60 16.75 -55.49
N PHE G 43 8.82 16.94 -55.02
CA PHE G 43 9.10 17.66 -53.78
C PHE G 43 10.15 18.73 -54.00
N LEU G 44 10.37 19.55 -52.98
CA LEU G 44 11.48 20.49 -52.91
C LEU G 44 12.28 20.22 -51.65
N THR G 45 13.57 19.93 -51.82
CA THR G 45 14.49 19.74 -50.70
C THR G 45 15.43 20.94 -50.67
N LYS G 46 15.26 21.80 -49.70
CA LYS G 46 16.06 23.02 -49.60
C LYS G 46 17.44 22.66 -49.05
N GLY G 47 18.47 22.86 -49.88
CA GLY G 47 19.81 22.50 -49.51
C GLY G 47 20.44 23.45 -48.52
N PRO G 48 21.57 23.06 -47.93
CA PRO G 48 22.24 23.90 -46.92
C PRO G 48 22.97 25.11 -47.52
N SER G 49 22.19 26.14 -47.84
CA SER G 49 22.75 27.37 -48.40
C SER G 49 22.25 28.58 -47.62
N LYS G 50 22.56 29.78 -48.10
CA LYS G 50 22.13 31.02 -47.45
C LYS G 50 20.88 31.61 -48.08
N LEU G 51 20.23 30.87 -48.98
CA LEU G 51 19.00 31.32 -49.63
C LEU G 51 17.85 30.38 -49.34
N ASN G 52 17.72 29.96 -48.08
CA ASN G 52 16.64 29.05 -47.70
C ASN G 52 15.31 29.77 -47.65
N ASP G 53 15.29 31.02 -47.18
CA ASP G 53 14.07 31.81 -47.07
C ASP G 53 13.91 32.81 -48.21
N ARG G 54 14.81 32.79 -49.19
CA ARG G 54 14.75 33.73 -50.31
C ARG G 54 14.50 33.07 -51.66
N ALA G 55 14.96 31.84 -51.87
CA ALA G 55 14.79 31.17 -53.15
C ALA G 55 13.40 30.56 -53.25
N ASP G 56 12.70 30.87 -54.35
CA ASP G 56 11.38 30.32 -54.62
C ASP G 56 11.27 30.07 -56.12
N SER G 57 10.10 29.60 -56.55
CA SER G 57 9.88 29.26 -57.94
C SER G 57 8.41 29.36 -58.28
N ARG G 58 8.12 29.72 -59.53
CA ARG G 58 6.77 29.66 -60.08
C ARG G 58 6.61 28.28 -60.70
N ARG G 59 5.88 27.41 -60.00
CA ARG G 59 5.87 25.99 -60.30
C ARG G 59 4.68 25.57 -61.16
N SER G 60 4.02 26.52 -61.82
CA SER G 60 2.97 26.19 -62.78
C SER G 60 3.53 25.57 -64.04
N LEU G 61 4.75 25.96 -64.43
CA LEU G 61 5.37 25.50 -65.67
C LEU G 61 6.25 24.27 -65.44
N TRP G 62 5.98 23.51 -64.37
CA TRP G 62 6.65 22.22 -64.19
C TRP G 62 6.26 21.24 -65.28
N ASP G 63 4.96 21.19 -65.61
CA ASP G 63 4.49 20.36 -66.72
C ASP G 63 4.69 21.02 -68.07
N GLN G 64 4.96 22.34 -68.10
CA GLN G 64 5.22 23.01 -69.37
C GLN G 64 6.66 22.82 -69.81
N GLY G 65 7.61 22.87 -68.87
CA GLY G 65 9.01 22.63 -69.20
C GLY G 65 9.94 23.76 -68.87
N ASN G 66 9.56 24.63 -67.94
CA ASN G 66 10.40 25.74 -67.51
C ASN G 66 10.40 25.82 -65.99
N PHE G 67 11.60 25.95 -65.41
CA PHE G 67 11.77 26.02 -63.97
C PHE G 67 12.41 27.34 -63.59
N PRO G 68 11.64 28.34 -63.17
CA PRO G 68 12.24 29.61 -62.77
C PRO G 68 12.87 29.54 -61.38
N LEU G 69 13.70 30.54 -61.10
CA LEU G 69 14.34 30.69 -59.80
C LEU G 69 14.06 32.10 -59.30
N ILE G 70 13.17 32.23 -58.33
CA ILE G 70 12.74 33.52 -57.82
C ILE G 70 13.47 33.79 -56.51
N ILE G 71 14.26 34.86 -56.48
CA ILE G 71 15.02 35.26 -55.30
C ILE G 71 14.54 36.64 -54.88
N LYS G 72 14.08 36.76 -53.64
CA LYS G 72 13.62 38.03 -53.10
C LYS G 72 14.66 38.62 -52.16
N ASN G 73 14.57 39.94 -51.97
CA ASN G 73 15.49 40.74 -51.15
C ASN G 73 16.95 40.58 -51.61
N LEU G 74 17.19 41.00 -52.85
CA LEU G 74 18.52 40.87 -53.45
C LEU G 74 19.50 41.85 -52.80
N LYS G 75 20.72 41.39 -52.61
CA LYS G 75 21.79 42.17 -52.01
C LYS G 75 23.00 42.21 -52.95
N ILE G 76 24.04 42.91 -52.50
CA ILE G 76 25.26 43.04 -53.30
C ILE G 76 26.01 41.71 -53.35
N GLU G 77 26.07 41.00 -52.23
CA GLU G 77 26.85 39.77 -52.13
C GLU G 77 26.12 38.55 -52.66
N ASP G 78 24.87 38.69 -53.10
CA ASP G 78 24.08 37.57 -53.59
C ASP G 78 24.24 37.34 -55.10
N SER G 79 25.13 38.09 -55.75
CA SER G 79 25.32 37.96 -57.19
C SER G 79 26.25 36.78 -57.46
N ASP G 80 25.70 35.71 -58.06
CA ASP G 80 26.48 34.53 -58.38
C ASP G 80 25.81 33.81 -59.54
N THR G 81 26.58 32.96 -60.21
CA THR G 81 26.07 32.19 -61.33
C THR G 81 25.40 30.91 -60.85
N TYR G 82 24.38 30.48 -61.60
CA TYR G 82 23.63 29.27 -61.27
C TYR G 82 23.47 28.42 -62.52
N ILE G 83 23.37 27.11 -62.32
CA ILE G 83 23.22 26.15 -63.40
C ILE G 83 21.96 25.33 -63.17
N CYS G 84 21.23 25.07 -64.25
CA CYS G 84 20.04 24.23 -64.22
C CYS G 84 20.40 22.82 -64.69
N GLU G 85 19.97 21.82 -63.92
CA GLU G 85 20.34 20.43 -64.15
C GLU G 85 19.09 19.66 -64.59
N VAL G 86 18.82 19.66 -65.90
CA VAL G 86 17.75 18.86 -66.47
C VAL G 86 18.32 18.01 -67.61
N GLU G 87 17.97 16.72 -67.60
CA GLU G 87 18.34 15.73 -68.64
C GLU G 87 19.86 15.63 -68.83
N ASP G 88 20.59 15.65 -67.70
CA ASP G 88 22.06 15.59 -67.65
C ASP G 88 22.70 16.72 -68.45
N GLN G 89 22.10 17.90 -68.41
CA GLN G 89 22.60 19.07 -69.10
C GLN G 89 22.72 20.21 -68.10
N LYS G 90 23.67 21.12 -68.36
CA LYS G 90 23.91 22.27 -67.51
C LYS G 90 23.64 23.54 -68.30
N GLU G 91 22.71 24.36 -67.82
CA GLU G 91 22.37 25.64 -68.44
C GLU G 91 22.77 26.73 -67.46
N GLU G 92 23.87 27.41 -67.75
CA GLU G 92 24.40 28.43 -66.85
C GLU G 92 23.60 29.71 -66.97
N VAL G 93 23.20 30.26 -65.82
CA VAL G 93 22.45 31.51 -65.73
C VAL G 93 23.29 32.48 -64.92
N GLN G 94 23.49 33.69 -65.45
CA GLN G 94 24.29 34.72 -64.81
C GLN G 94 23.37 35.78 -64.21
N LEU G 95 23.61 36.13 -62.96
CA LEU G 95 22.81 37.12 -62.23
C LEU G 95 23.73 38.17 -61.63
N LEU G 96 23.42 39.44 -61.89
CA LEU G 96 24.18 40.56 -61.36
C LEU G 96 23.23 41.52 -60.66
N VAL G 97 23.55 41.87 -59.42
CA VAL G 97 22.74 42.78 -58.61
C VAL G 97 23.59 44.00 -58.25
N PHE G 98 23.06 45.19 -58.51
CA PHE G 98 23.74 46.43 -58.20
C PHE G 98 22.71 47.45 -57.71
N GLY G 99 23.19 48.64 -57.37
CA GLY G 99 22.30 49.68 -56.88
C GLY G 99 23.00 51.01 -56.81
N LEU G 100 22.22 52.03 -56.46
CA LEU G 100 22.73 53.39 -56.36
C LEU G 100 21.90 54.15 -55.34
N THR G 101 22.57 54.87 -54.44
CA THR G 101 21.90 55.63 -53.40
C THR G 101 22.79 56.80 -52.99
N ALA G 102 22.19 57.75 -52.27
CA ALA G 102 22.87 58.95 -51.80
C ALA G 102 22.95 58.93 -50.28
N ASN G 103 23.50 60.02 -49.72
CA ASN G 103 23.65 60.16 -48.28
C ASN G 103 22.81 61.27 -47.68
N SER G 104 22.39 62.25 -48.49
CA SER G 104 21.56 63.35 -48.01
C SER G 104 20.10 63.03 -48.33
N ASP G 105 19.26 63.01 -47.30
CA ASP G 105 17.86 62.63 -47.49
C ASP G 105 17.01 63.80 -47.99
N THR G 106 16.94 64.87 -47.20
CA THR G 106 16.09 66.01 -47.53
C THR G 106 16.79 67.36 -47.47
N HIS G 107 17.96 67.47 -46.83
CA HIS G 107 18.66 68.75 -46.69
C HIS G 107 19.50 68.99 -47.95
N LEU G 108 18.81 69.42 -49.01
CA LEU G 108 19.44 69.74 -50.28
C LEU G 108 18.99 71.15 -50.67
N LEU G 109 19.74 72.14 -50.21
CA LEU G 109 19.40 73.54 -50.48
C LEU G 109 19.86 73.96 -51.87
N GLN G 110 19.51 75.19 -52.24
CA GLN G 110 19.89 75.71 -53.55
C GLN G 110 21.37 76.06 -53.58
N GLY G 111 22.06 75.63 -54.63
CA GLY G 111 23.48 75.88 -54.77
C GLY G 111 24.38 74.91 -54.05
N GLN G 112 23.82 73.90 -53.40
CA GLN G 112 24.62 72.93 -52.67
C GLN G 112 25.18 71.86 -53.61
N SER G 113 26.28 71.25 -53.20
CA SER G 113 26.88 70.17 -53.98
C SER G 113 26.06 68.89 -53.84
N LEU G 114 26.15 68.04 -54.86
CA LEU G 114 25.44 66.78 -54.89
C LEU G 114 26.42 65.63 -54.72
N THR G 115 26.08 64.70 -53.83
CA THR G 115 26.91 63.54 -53.53
C THR G 115 26.15 62.26 -53.85
N LEU G 116 26.85 61.29 -54.44
CA LEU G 116 26.27 59.99 -54.78
C LEU G 116 27.21 58.89 -54.30
N THR G 117 26.61 57.73 -54.02
CA THR G 117 27.37 56.56 -53.54
C THR G 117 26.89 55.35 -54.34
N LEU G 118 27.63 55.00 -55.40
CA LEU G 118 27.29 53.85 -56.22
C LEU G 118 27.77 52.58 -55.54
N GLU G 119 26.83 51.67 -55.25
CA GLU G 119 27.15 50.39 -54.63
C GLU G 119 27.18 49.33 -55.72
N SER G 120 28.36 48.79 -56.00
CA SER G 120 28.56 47.84 -57.08
C SER G 120 29.25 46.59 -56.54
N PRO G 121 28.92 45.42 -57.07
CA PRO G 121 29.62 44.20 -56.66
C PRO G 121 31.04 44.18 -57.23
N PRO G 122 31.96 43.50 -56.56
CA PRO G 122 33.32 43.37 -57.12
C PRO G 122 33.34 42.49 -58.36
N GLY G 123 34.35 42.72 -59.20
CA GLY G 123 34.46 42.00 -60.43
C GLY G 123 33.57 42.50 -61.56
N SER G 124 33.04 43.72 -61.44
CA SER G 124 32.18 44.30 -62.45
C SER G 124 32.64 45.71 -62.77
N SER G 125 32.32 46.17 -63.98
CA SER G 125 32.71 47.48 -64.47
C SER G 125 31.48 48.24 -64.94
N PRO G 126 30.78 48.91 -64.02
CA PRO G 126 29.59 49.67 -64.39
C PRO G 126 29.94 50.97 -65.09
N SER G 127 28.95 51.52 -65.78
CA SER G 127 29.08 52.80 -66.48
C SER G 127 27.81 53.60 -66.24
N VAL G 128 27.91 54.66 -65.44
CA VAL G 128 26.74 55.43 -65.05
C VAL G 128 26.39 56.43 -66.16
N GLN G 129 25.16 56.36 -66.64
CA GLN G 129 24.64 57.28 -67.66
C GLN G 129 23.31 57.81 -67.15
N CYS G 130 23.36 58.88 -66.36
CA CYS G 130 22.16 59.48 -65.79
C CYS G 130 21.44 60.34 -66.83
N ARG G 131 20.12 60.36 -66.74
CA ARG G 131 19.28 61.17 -67.61
C ARG G 131 18.51 62.19 -66.77
N SER G 132 18.50 63.43 -67.22
CA SER G 132 17.86 64.53 -66.51
C SER G 132 16.67 65.06 -67.31
N PRO G 133 15.63 65.56 -66.64
CA PRO G 133 14.53 66.22 -67.36
C PRO G 133 14.94 67.50 -68.09
N ARG G 134 16.04 68.12 -67.69
CA ARG G 134 16.55 69.31 -68.36
C ARG G 134 17.49 68.99 -69.52
N GLY G 135 17.69 67.71 -69.82
CA GLY G 135 18.57 67.32 -70.92
C GLY G 135 20.02 67.16 -70.56
N LYS G 136 20.34 66.97 -69.28
CA LYS G 136 21.73 66.80 -68.84
C LYS G 136 22.05 65.32 -68.78
N ASN G 137 22.68 64.80 -69.84
CA ASN G 137 23.10 63.41 -69.90
C ASN G 137 24.58 63.35 -69.55
N ILE G 138 24.87 63.44 -68.25
CA ILE G 138 26.24 63.43 -67.77
C ILE G 138 26.75 61.99 -67.74
N GLN G 139 27.90 61.76 -68.37
CA GLN G 139 28.51 60.45 -68.43
C GLN G 139 29.90 60.49 -67.81
N GLY G 140 30.25 59.46 -67.04
CA GLY G 140 31.53 59.40 -66.38
C GLY G 140 31.88 58.02 -65.88
N GLY G 141 32.54 57.95 -64.73
CA GLY G 141 32.94 56.68 -64.15
C GLY G 141 31.91 56.07 -63.24
N LYS G 142 32.32 55.64 -62.05
CA LYS G 142 31.40 55.03 -61.09
C LYS G 142 30.85 56.05 -60.10
N THR G 143 31.72 56.85 -59.50
CA THR G 143 31.30 57.87 -58.54
C THR G 143 31.08 59.18 -59.27
N LEU G 144 29.87 59.74 -59.15
CA LEU G 144 29.50 60.97 -59.83
C LEU G 144 29.14 62.03 -58.79
N SER G 145 29.75 63.20 -58.91
CA SER G 145 29.48 64.33 -58.03
C SER G 145 29.14 65.55 -58.87
N VAL G 146 28.03 66.21 -58.55
CA VAL G 146 27.56 67.38 -59.25
C VAL G 146 27.68 68.58 -58.33
N SER G 147 28.34 69.64 -58.81
CA SER G 147 28.54 70.84 -58.01
C SER G 147 27.33 71.78 -58.02
N GLN G 148 26.34 71.52 -58.85
CA GLN G 148 25.15 72.37 -58.97
C GLN G 148 23.90 71.58 -58.64
N LEU G 149 23.10 72.10 -57.72
CA LEU G 149 21.82 71.49 -57.37
C LEU G 149 20.90 72.60 -56.88
N GLU G 150 19.84 72.88 -57.64
CA GLU G 150 18.93 73.98 -57.31
C GLU G 150 17.49 73.49 -57.22
N LEU G 151 16.55 74.43 -57.13
CA LEU G 151 15.14 74.07 -57.08
C LEU G 151 14.64 73.51 -58.40
N GLN G 152 15.18 74.01 -59.52
CA GLN G 152 14.76 73.54 -60.84
C GLN G 152 15.37 72.20 -61.22
N ASP G 153 16.35 71.70 -60.45
CA ASP G 153 17.00 70.43 -60.73
C ASP G 153 16.50 69.32 -59.81
N SER G 154 15.25 69.39 -59.37
CA SER G 154 14.68 68.37 -58.49
C SER G 154 13.99 67.30 -59.33
N GLY G 155 13.23 66.43 -58.68
CA GLY G 155 12.51 65.36 -59.35
C GLY G 155 13.29 64.05 -59.32
N THR G 156 12.65 63.02 -59.88
CA THR G 156 13.22 61.69 -59.92
C THR G 156 14.08 61.56 -61.17
N TRP G 157 15.39 61.57 -60.99
CA TRP G 157 16.32 61.42 -62.10
C TRP G 157 16.39 59.96 -62.53
N THR G 158 16.48 59.76 -63.85
CA THR G 158 16.57 58.41 -64.43
C THR G 158 18.03 58.10 -64.65
N CYS G 159 18.64 57.42 -63.68
CA CYS G 159 20.04 57.02 -63.75
C CYS G 159 20.11 55.53 -64.09
N THR G 160 20.81 55.20 -65.17
CA THR G 160 20.93 53.83 -65.63
C THR G 160 22.39 53.44 -65.76
N VAL G 161 22.64 52.13 -65.83
CA VAL G 161 23.98 51.58 -65.94
C VAL G 161 24.02 50.67 -67.16
N LEU G 162 24.94 50.94 -68.08
CA LEU G 162 25.13 50.13 -69.27
C LEU G 162 26.23 49.11 -68.99
N GLN G 163 25.89 47.83 -69.06
CA GLN G 163 26.85 46.75 -68.80
C GLN G 163 26.37 45.51 -69.54
N ASN G 164 27.17 45.07 -70.54
CA ASN G 164 26.88 43.91 -71.39
C ASN G 164 25.52 44.04 -72.07
N GLN G 165 25.27 45.23 -72.64
CA GLN G 165 24.06 45.57 -73.40
C GLN G 165 22.78 45.42 -72.58
N LYS G 166 22.88 45.60 -71.26
CA LYS G 166 21.73 45.52 -70.36
C LYS G 166 21.69 46.76 -69.50
N LYS G 167 20.49 47.31 -69.32
CA LYS G 167 20.32 48.51 -68.52
C LYS G 167 18.92 48.53 -67.90
N VAL G 168 18.84 49.01 -66.67
CA VAL G 168 17.57 49.13 -65.94
C VAL G 168 17.48 50.53 -65.35
N GLU G 169 16.27 50.91 -64.97
CA GLU G 169 15.99 52.23 -64.43
C GLU G 169 15.93 52.19 -62.91
N PHE G 170 16.11 53.37 -62.31
CA PHE G 170 16.05 53.54 -60.87
C PHE G 170 15.40 54.89 -60.56
N LYS G 171 15.22 55.17 -59.27
CA LYS G 171 14.62 56.41 -58.82
C LYS G 171 15.47 57.03 -57.72
N ILE G 172 15.68 58.34 -57.80
CA ILE G 172 16.42 59.10 -56.81
C ILE G 172 15.49 60.19 -56.27
N ASP G 173 15.32 60.21 -54.95
CA ASP G 173 14.43 61.18 -54.31
C ASP G 173 15.23 62.42 -53.92
N ILE G 174 14.88 63.55 -54.51
CA ILE G 174 15.53 64.83 -54.24
C ILE G 174 14.49 65.77 -53.67
N VAL G 175 14.73 66.28 -52.46
CA VAL G 175 13.83 67.20 -51.79
C VAL G 175 14.58 68.50 -51.55
N VAL G 176 14.04 69.60 -52.05
CA VAL G 176 14.65 70.91 -51.88
C VAL G 176 13.76 71.80 -51.03
N PRO H 11 19.76 -22.87 -71.83
CA PRO H 11 19.22 -22.16 -72.99
C PRO H 11 19.67 -20.70 -73.03
N ALA H 12 19.35 -20.01 -74.14
CA ALA H 12 19.70 -18.61 -74.33
C ALA H 12 18.45 -17.76 -74.15
N TRP H 13 18.57 -16.69 -73.35
CA TRP H 13 17.47 -15.80 -73.07
C TRP H 13 17.88 -14.36 -73.27
N ARG H 14 16.93 -13.54 -73.69
CA ARG H 14 17.16 -12.12 -73.93
C ARG H 14 16.21 -11.28 -73.08
N ASN H 15 16.50 -10.00 -72.99
CA ASN H 15 15.73 -9.09 -72.15
C ASN H 15 14.36 -8.81 -72.75
N ALA H 16 13.41 -8.46 -71.88
CA ALA H 16 12.06 -8.15 -72.29
C ALA H 16 11.50 -7.05 -71.41
N SER H 17 10.47 -6.36 -71.92
CA SER H 17 9.82 -5.27 -71.19
C SER H 17 8.30 -5.45 -71.15
N ILE H 18 7.81 -6.63 -71.49
CA ILE H 18 6.36 -6.89 -71.44
C ILE H 18 5.94 -7.09 -69.99
N PRO H 19 4.93 -6.36 -69.51
CA PRO H 19 4.45 -6.59 -68.14
C PRO H 19 3.79 -7.96 -67.97
N LEU H 20 3.95 -8.52 -66.78
CA LEU H 20 3.44 -9.83 -66.45
C LEU H 20 2.00 -9.75 -65.95
N PHE H 21 1.44 -10.89 -65.58
CA PHE H 21 0.14 -10.97 -64.93
C PHE H 21 0.32 -11.36 -63.47
N CYS H 22 -0.52 -10.79 -62.61
CA CYS H 22 -0.37 -10.92 -61.17
C CYS H 22 -1.33 -11.95 -60.60
N ALA H 23 -0.86 -12.72 -59.62
CA ALA H 23 -1.65 -13.73 -58.95
C ALA H 23 -1.73 -13.37 -57.46
N THR H 24 -2.92 -13.00 -57.00
CA THR H 24 -3.14 -12.56 -55.64
C THR H 24 -3.97 -13.56 -54.85
N LYS H 25 -3.90 -13.44 -53.52
CA LYS H 25 -4.67 -14.28 -52.62
C LYS H 25 -5.90 -13.58 -52.05
N ASN H 26 -5.83 -12.27 -51.86
CA ASN H 26 -7.01 -11.53 -51.41
C ASN H 26 -8.01 -11.39 -52.54
N ARG H 27 -9.29 -11.28 -52.17
CA ARG H 27 -10.36 -11.26 -53.15
C ARG H 27 -11.16 -9.98 -53.09
N ASP H 28 -10.46 -8.84 -53.05
CA ASP H 28 -11.11 -7.53 -53.08
C ASP H 28 -11.53 -7.19 -54.50
N THR H 29 -12.04 -5.97 -54.70
CA THR H 29 -12.52 -5.56 -56.02
C THR H 29 -11.37 -5.39 -57.00
N TRP H 30 -10.31 -4.68 -56.57
CA TRP H 30 -9.16 -4.46 -57.45
C TRP H 30 -8.37 -5.74 -57.67
N GLY H 31 -8.29 -6.60 -56.65
CA GLY H 31 -7.60 -7.87 -56.79
C GLY H 31 -8.30 -8.82 -57.74
N THR H 32 -9.63 -8.81 -57.74
CA THR H 32 -10.36 -9.64 -58.70
C THR H 32 -10.38 -9.03 -60.10
N ILE H 33 -10.41 -7.70 -60.22
CA ILE H 33 -10.45 -7.08 -61.54
C ILE H 33 -9.10 -7.18 -62.25
N GLN H 34 -7.99 -6.86 -61.56
CA GLN H 34 -6.72 -6.70 -62.27
C GLN H 34 -5.77 -7.87 -62.07
N CYS H 35 -6.05 -8.76 -61.12
CA CYS H 35 -5.14 -9.86 -60.81
C CYS H 35 -5.88 -11.18 -60.88
N LEU H 36 -5.11 -12.24 -61.13
CA LEU H 36 -5.60 -13.60 -61.09
C LEU H 36 -5.56 -14.12 -59.65
N PRO H 37 -6.29 -15.20 -59.35
CA PRO H 37 -6.07 -15.88 -58.08
C PRO H 37 -4.70 -16.55 -58.03
N ASP H 38 -4.18 -16.67 -56.81
CA ASP H 38 -2.88 -17.29 -56.55
C ASP H 38 -3.09 -18.66 -55.93
N ASN H 39 -2.41 -19.67 -56.48
CA ASN H 39 -2.54 -21.05 -56.03
C ASN H 39 -1.27 -21.58 -55.38
N ASP H 40 -0.31 -20.70 -55.05
CA ASP H 40 0.97 -21.03 -54.40
C ASP H 40 1.77 -22.06 -55.19
N ASP H 41 1.78 -21.91 -56.53
CA ASP H 41 2.53 -22.81 -57.39
C ASP H 41 3.92 -22.21 -57.66
N TYR H 42 4.69 -22.11 -56.59
CA TYR H 42 6.02 -21.50 -56.62
C TYR H 42 7.05 -22.61 -56.80
N GLN H 43 7.58 -22.73 -58.01
CA GLN H 43 8.61 -23.71 -58.34
C GLN H 43 9.89 -22.98 -58.72
N GLU H 44 11.01 -23.38 -58.12
CA GLU H 44 12.30 -22.74 -58.33
C GLU H 44 13.28 -23.75 -58.92
N ILE H 45 13.98 -23.34 -59.97
CA ILE H 45 15.00 -24.17 -60.61
C ILE H 45 16.32 -23.40 -60.55
N ALA H 46 17.34 -24.01 -59.94
CA ALA H 46 18.65 -23.37 -59.83
C ALA H 46 19.43 -23.54 -61.12
N LEU H 47 20.08 -22.47 -61.54
CA LEU H 47 20.87 -22.45 -62.76
C LEU H 47 22.30 -22.04 -62.46
N ASN H 48 23.25 -22.72 -63.10
CA ASN H 48 24.67 -22.39 -62.96
C ASN H 48 25.12 -21.46 -64.09
N VAL H 49 24.49 -20.29 -64.13
CA VAL H 49 24.76 -19.28 -65.15
C VAL H 49 25.09 -17.96 -64.47
N THR H 50 25.73 -17.08 -65.23
CA THR H 50 26.09 -15.74 -64.77
C THR H 50 25.31 -14.72 -65.58
N GLU H 51 24.57 -13.86 -64.89
CA GLU H 51 23.73 -12.86 -65.54
C GLU H 51 23.86 -11.53 -64.80
N ALA H 52 23.46 -10.45 -65.47
CA ALA H 52 23.49 -9.12 -64.91
C ALA H 52 22.11 -8.73 -64.38
N PHE H 53 22.06 -8.32 -63.12
CA PHE H 53 20.81 -7.94 -62.47
C PHE H 53 20.92 -6.51 -61.95
N ASP H 54 19.87 -5.73 -62.18
CA ASP H 54 19.81 -4.35 -61.71
C ASP H 54 18.53 -4.16 -60.92
N ALA H 55 18.66 -3.72 -59.67
CA ALA H 55 17.50 -3.51 -58.82
C ALA H 55 16.74 -2.24 -59.17
N TRP H 56 17.37 -1.31 -59.87
CA TRP H 56 16.75 -0.05 -60.26
C TRP H 56 16.34 -0.01 -61.72
N ASN H 57 17.20 -0.50 -62.62
CA ASN H 57 16.91 -0.49 -64.05
C ASN H 57 16.32 -1.83 -64.48
N ASN H 58 15.11 -2.09 -63.98
CA ASN H 58 14.38 -3.31 -64.30
C ASN H 58 12.94 -2.96 -64.62
N THR H 59 12.36 -3.64 -65.62
CA THR H 59 10.98 -3.39 -65.99
C THR H 59 10.01 -4.01 -64.97
N VAL H 60 10.44 -5.07 -64.28
CA VAL H 60 9.60 -5.70 -63.27
C VAL H 60 9.40 -4.78 -62.08
N THR H 61 10.45 -4.02 -61.71
CA THR H 61 10.36 -3.06 -60.62
C THR H 61 9.39 -1.93 -60.96
N GLU H 62 9.45 -1.42 -62.19
CA GLU H 62 8.56 -0.35 -62.61
C GLU H 62 7.12 -0.84 -62.73
N GLN H 63 6.93 -2.08 -63.20
CA GLN H 63 5.60 -2.66 -63.25
C GLN H 63 5.01 -2.87 -61.85
N ALA H 64 5.85 -3.31 -60.91
CA ALA H 64 5.40 -3.48 -59.53
C ALA H 64 5.03 -2.14 -58.89
N VAL H 65 5.86 -1.11 -59.10
CA VAL H 65 5.58 0.21 -58.53
C VAL H 65 4.33 0.81 -59.15
N GLU H 66 4.12 0.60 -60.46
CA GLU H 66 2.91 1.07 -61.13
C GLU H 66 1.66 0.36 -60.62
N ASP H 67 1.75 -0.96 -60.37
CA ASP H 67 0.61 -1.69 -59.82
C ASP H 67 0.30 -1.28 -58.40
N VAL H 68 1.33 -1.00 -57.60
CA VAL H 68 1.13 -0.52 -56.23
C VAL H 68 0.50 0.87 -56.23
N TRP H 69 0.93 1.74 -57.15
CA TRP H 69 0.33 3.07 -57.25
C TRP H 69 -1.12 3.00 -57.73
N ASN H 70 -1.40 2.07 -58.65
CA ASN H 70 -2.78 1.85 -59.11
C ASN H 70 -3.65 1.34 -57.97
N LEU H 71 -3.12 0.43 -57.15
CA LEU H 71 -3.84 -0.05 -55.98
C LEU H 71 -4.09 1.06 -54.98
N PHE H 72 -3.12 1.95 -54.80
CA PHE H 72 -3.29 3.08 -53.87
C PHE H 72 -4.34 4.06 -54.37
N GLU H 73 -4.37 4.31 -55.69
CA GLU H 73 -5.34 5.25 -56.21
C GLU H 73 -6.74 4.65 -56.24
N THR H 74 -6.86 3.35 -56.52
CA THR H 74 -8.17 2.73 -56.64
C THR H 74 -8.76 2.35 -55.28
N SER H 75 -7.92 1.97 -54.31
CA SER H 75 -8.41 1.48 -53.04
C SER H 75 -8.96 2.61 -52.17
N ILE H 76 -8.11 3.56 -51.82
CA ILE H 76 -8.53 4.76 -51.11
C ILE H 76 -8.68 5.85 -52.18
N LYS H 77 -9.88 6.22 -52.52
CA LYS H 77 -10.08 7.26 -53.55
C LYS H 77 -9.89 8.69 -52.92
N PRO H 78 -9.04 9.63 -53.40
CA PRO H 78 -9.17 10.93 -52.93
C PRO H 78 -10.42 11.64 -53.22
N CYS H 79 -10.78 12.47 -52.26
CA CYS H 79 -11.87 13.39 -52.41
C CYS H 79 -11.51 14.47 -53.41
N VAL H 80 -10.27 14.95 -53.39
CA VAL H 80 -9.79 15.98 -54.30
C VAL H 80 -8.54 15.47 -55.00
N LYS H 81 -8.52 15.53 -56.32
CA LYS H 81 -7.34 15.21 -57.12
C LYS H 81 -6.75 16.49 -57.68
N LEU H 82 -5.44 16.66 -57.50
CA LEU H 82 -4.77 17.93 -57.81
C LEU H 82 -3.63 17.71 -58.79
N THR H 83 -3.56 18.59 -59.82
CA THR H 83 -2.57 18.64 -60.89
C THR H 83 -1.75 19.92 -60.77
N PRO H 84 -0.48 19.94 -61.25
CA PRO H 84 0.36 21.14 -61.05
C PRO H 84 -0.06 22.37 -61.86
N LEU H 85 -0.55 23.39 -61.16
CA LEU H 85 -0.86 24.70 -61.76
C LEU H 85 -0.94 25.72 -60.64
N CYS H 86 -0.11 26.77 -60.73
CA CYS H 86 -0.15 27.82 -59.72
C CYS H 86 -1.39 28.69 -59.91
N VAL H 87 -2.18 28.81 -58.86
CA VAL H 87 -3.43 29.56 -58.90
C VAL H 87 -3.39 30.59 -57.77
N ALA H 88 -3.58 31.87 -58.12
CA ALA H 88 -3.60 32.93 -57.12
C ALA H 88 -4.85 32.81 -56.26
N MET H 89 -4.67 32.99 -54.95
CA MET H 89 -5.75 32.81 -54.00
C MET H 89 -5.48 33.67 -52.77
N ASN H 90 -6.55 33.96 -52.04
CA ASN H 90 -6.48 34.73 -50.80
C ASN H 90 -6.64 33.79 -49.62
N CYS H 91 -5.70 33.84 -48.68
CA CYS H 91 -5.66 32.91 -47.56
C CYS H 91 -5.54 33.68 -46.25
N THR H 92 -6.27 33.22 -45.24
CA THR H 92 -6.17 33.76 -43.89
C THR H 92 -5.42 32.77 -43.00
N ARG H 93 -4.78 33.30 -41.97
CA ARG H 93 -3.94 32.51 -41.08
C ARG H 93 -4.61 32.40 -39.72
N ASN H 94 -5.11 31.21 -39.39
CA ASN H 94 -5.69 30.91 -38.08
C ASN H 94 -4.60 30.30 -37.22
N MET H 95 -4.01 31.09 -36.34
CA MET H 95 -2.87 30.66 -35.54
C MET H 95 -3.35 29.84 -34.36
N THR H 96 -3.02 28.55 -34.35
CA THR H 96 -3.31 27.67 -33.22
C THR H 96 -2.12 27.71 -32.28
N THR H 97 -2.13 28.67 -31.36
CA THR H 97 -1.00 28.92 -30.48
C THR H 97 -1.19 28.16 -29.17
N SER H 98 -0.27 27.25 -28.88
CA SER H 98 -0.21 26.54 -27.60
C SER H 98 1.18 26.68 -27.03
N THR H 99 1.26 27.19 -25.80
CA THR H 99 2.56 27.45 -25.17
C THR H 99 3.10 26.18 -24.53
N GLY H 100 4.37 25.90 -24.77
CA GLY H 100 5.02 24.76 -24.17
C GLY H 100 5.65 25.10 -22.82
N THR H 101 5.76 24.08 -21.98
CA THR H 101 6.34 24.24 -20.65
C THR H 101 7.85 23.98 -20.72
N THR H 102 8.47 23.84 -19.55
CA THR H 102 9.90 23.56 -19.50
C THR H 102 10.18 22.13 -19.94
N ASP H 103 11.28 21.96 -20.67
CA ASP H 103 11.64 20.66 -21.22
C ASP H 103 12.25 19.79 -20.13
N THR H 104 11.64 18.62 -19.91
CA THR H 104 12.12 17.67 -18.92
C THR H 104 12.94 16.59 -19.62
N GLN H 105 14.15 16.35 -19.12
CA GLN H 105 15.11 15.44 -19.75
C GLN H 105 15.09 14.04 -19.15
N ASN H 106 14.17 13.76 -18.24
CA ASN H 106 14.10 12.44 -17.62
C ASN H 106 13.57 11.41 -18.62
N ILE H 107 14.08 10.19 -18.52
CA ILE H 107 13.69 9.13 -19.45
C ILE H 107 12.36 8.53 -19.00
N THR H 108 11.46 8.32 -19.95
CA THR H 108 10.16 7.69 -19.71
C THR H 108 9.95 6.61 -20.77
N ILE H 109 10.18 5.35 -20.41
CA ILE H 109 9.90 4.22 -21.30
C ILE H 109 8.41 3.95 -21.21
N ILE H 110 7.64 4.53 -22.12
CA ILE H 110 6.18 4.51 -22.07
C ILE H 110 5.68 3.34 -22.91
N ASN H 111 4.93 2.43 -22.27
CA ASN H 111 4.36 1.27 -22.92
C ASN H 111 2.89 1.50 -23.21
N ASP H 112 2.20 0.45 -23.64
CA ASP H 112 0.77 0.54 -23.96
C ASP H 112 -0.12 0.57 -22.73
N THR H 113 0.41 0.26 -21.55
CA THR H 113 -0.38 0.21 -20.32
C THR H 113 -0.33 1.51 -19.54
N SER H 114 0.24 2.57 -20.13
CA SER H 114 0.32 3.87 -19.47
C SER H 114 -1.06 4.54 -19.43
N PRO H 115 -1.34 5.33 -18.39
CA PRO H 115 -2.66 5.99 -18.31
C PRO H 115 -2.84 7.15 -19.27
N CYS H 116 -1.77 7.70 -19.84
CA CYS H 116 -1.96 8.86 -20.71
C CYS H 116 -2.40 8.47 -22.12
N VAL H 117 -1.99 7.30 -22.61
CA VAL H 117 -2.37 6.89 -23.96
C VAL H 117 -3.84 6.48 -24.04
N ARG H 118 -4.39 5.91 -22.96
CA ARG H 118 -5.75 5.40 -23.00
C ARG H 118 -6.79 6.52 -22.96
N ALA H 119 -6.53 7.56 -22.18
CA ALA H 119 -7.42 8.72 -22.17
C ALA H 119 -7.22 9.61 -23.38
N ASP H 120 -6.13 9.40 -24.14
CA ASP H 120 -5.75 10.19 -25.32
C ASP H 120 -5.60 11.67 -24.93
N ASN H 121 -4.98 11.92 -23.78
CA ASN H 121 -4.71 13.25 -23.28
C ASN H 121 -3.23 13.38 -22.90
N CYS H 122 -2.38 12.72 -23.66
CA CYS H 122 -0.96 12.59 -23.35
C CYS H 122 -0.17 13.51 -24.27
N THR H 123 0.99 13.96 -23.78
CA THR H 123 1.73 15.05 -24.44
C THR H 123 2.37 14.56 -25.73
N GLY H 124 1.96 15.13 -26.85
CA GLY H 124 2.43 14.77 -28.17
C GLY H 124 2.85 16.00 -28.97
N LEU H 125 2.57 15.94 -30.27
CA LEU H 125 2.99 16.99 -31.19
C LEU H 125 2.13 18.24 -31.04
N LYS H 126 2.65 19.36 -31.54
CA LYS H 126 1.96 20.63 -31.48
C LYS H 126 0.80 20.67 -32.49
N GLU H 127 -0.13 21.59 -32.25
CA GLU H 127 -1.22 21.85 -33.19
C GLU H 127 -0.71 22.84 -34.23
N GLU H 128 -0.49 22.36 -35.45
CA GLU H 128 0.00 23.23 -36.52
C GLU H 128 -1.10 24.18 -36.97
N GLU H 129 -0.68 25.35 -37.45
CA GLU H 129 -1.59 26.44 -37.80
C GLU H 129 -2.28 26.10 -39.13
N MET H 130 -3.58 25.87 -39.08
CA MET H 130 -4.33 25.56 -40.29
C MET H 130 -4.69 26.83 -41.05
N VAL H 131 -4.75 26.71 -42.38
CA VAL H 131 -4.93 27.85 -43.27
C VAL H 131 -6.19 27.62 -44.11
N ASP H 132 -7.07 28.61 -44.11
CA ASP H 132 -8.25 28.61 -44.96
C ASP H 132 -7.99 29.44 -46.21
N CYS H 133 -8.30 28.90 -47.37
CA CYS H 133 -8.06 29.57 -48.64
C CYS H 133 -9.31 29.50 -49.51
N GLN H 134 -9.51 30.56 -50.32
CA GLN H 134 -10.60 30.63 -51.27
C GLN H 134 -10.04 30.86 -52.66
N PHE H 135 -10.58 30.14 -53.64
CA PHE H 135 -10.05 30.16 -54.99
C PHE H 135 -11.15 29.83 -55.98
N ASN H 136 -11.09 30.45 -57.16
CA ASN H 136 -12.11 30.30 -58.20
C ASN H 136 -11.48 29.65 -59.42
N MET H 137 -11.87 28.41 -59.70
CA MET H 137 -11.41 27.69 -60.88
C MET H 137 -12.56 26.91 -61.50
N THR H 138 -12.32 26.40 -62.70
CA THR H 138 -13.24 25.47 -63.34
C THR H 138 -13.13 24.11 -62.65
N GLY H 139 -14.29 23.57 -62.25
CA GLY H 139 -14.31 22.28 -61.58
C GLY H 139 -14.58 21.14 -62.54
N LEU H 140 -15.71 20.47 -62.39
CA LEU H 140 -16.12 19.46 -63.36
C LEU H 140 -16.47 20.09 -64.70
N GLU H 141 -17.16 21.22 -64.67
CA GLU H 141 -17.42 21.99 -65.88
C GLU H 141 -16.16 22.76 -66.28
N ARG H 142 -15.81 22.69 -67.57
CA ARG H 142 -14.55 23.25 -68.04
C ARG H 142 -14.59 24.75 -68.25
N ASP H 143 -15.76 25.38 -68.24
CA ASP H 143 -15.89 26.79 -68.57
C ASP H 143 -16.50 27.65 -67.47
N LYS H 144 -16.95 27.05 -66.37
CA LYS H 144 -17.59 27.79 -65.29
C LYS H 144 -16.71 27.75 -64.05
N ARG H 145 -16.39 28.93 -63.51
CA ARG H 145 -15.52 29.02 -62.35
C ARG H 145 -16.32 28.81 -61.07
N LYS H 146 -15.80 27.97 -60.18
CA LYS H 146 -16.45 27.61 -58.94
C LYS H 146 -15.51 27.84 -57.77
N GLN H 147 -16.08 28.13 -56.61
CA GLN H 147 -15.32 28.47 -55.41
C GLN H 147 -15.32 27.30 -54.43
N TYR H 148 -14.17 27.07 -53.80
CA TYR H 148 -14.02 26.03 -52.79
C TYR H 148 -13.23 26.59 -51.61
N THR H 149 -13.41 25.95 -50.45
CA THR H 149 -12.73 26.35 -49.23
C THR H 149 -12.31 25.08 -48.49
N GLU H 150 -11.00 24.80 -48.46
CA GLU H 150 -10.46 23.63 -47.81
C GLU H 150 -9.26 24.03 -46.95
N ALA H 151 -8.98 23.21 -45.94
CA ALA H 151 -7.95 23.51 -44.96
C ALA H 151 -6.58 23.05 -45.43
N TRP H 152 -5.57 23.87 -45.16
CA TRP H 152 -4.18 23.55 -45.46
C TRP H 152 -3.32 23.90 -44.24
N TYR H 153 -2.19 23.21 -44.11
CA TYR H 153 -1.33 23.39 -42.94
C TYR H 153 -0.45 24.63 -43.11
N SER H 154 0.45 24.83 -42.15
CA SER H 154 1.38 25.95 -42.21
C SER H 154 2.73 25.59 -42.81
N LYS H 155 3.04 24.29 -42.90
CA LYS H 155 4.31 23.84 -43.44
C LYS H 155 4.27 23.56 -44.93
N ASP H 156 3.10 23.72 -45.57
CA ASP H 156 2.97 23.51 -47.00
C ASP H 156 2.50 24.77 -47.73
N VAL H 157 2.65 25.94 -47.11
CA VAL H 157 2.19 27.18 -47.70
C VAL H 157 3.37 28.14 -47.86
N ILE H 158 3.28 28.99 -48.86
CA ILE H 158 4.24 30.08 -49.08
C ILE H 158 3.44 31.34 -49.37
N CYS H 159 3.67 32.39 -48.58
CA CYS H 159 2.94 33.64 -48.70
C CYS H 159 3.87 34.76 -49.13
N ASP H 160 3.34 35.67 -49.97
CA ASP H 160 4.11 36.80 -50.43
C ASP H 160 4.35 37.82 -49.31
N ASN H 161 3.31 38.11 -48.52
CA ASN H 161 3.40 39.06 -47.42
C ASN H 161 3.08 38.32 -46.13
N ASN H 162 4.10 38.09 -45.31
CA ASN H 162 3.93 37.39 -44.05
C ASN H 162 3.49 38.30 -42.91
N THR H 163 3.53 39.62 -43.10
CA THR H 163 3.13 40.54 -42.04
C THR H 163 1.62 40.62 -41.89
N SER H 164 0.88 40.53 -43.00
CA SER H 164 -0.56 40.61 -42.98
C SER H 164 -1.17 39.23 -42.77
N SER H 165 -2.34 39.22 -42.11
CA SER H 165 -3.04 37.97 -41.89
C SER H 165 -3.65 37.43 -43.18
N ARG H 166 -4.18 38.32 -44.02
CA ARG H 166 -4.74 37.96 -45.31
C ARG H 166 -3.87 38.53 -46.41
N SER H 167 -3.36 37.64 -47.28
CA SER H 167 -2.51 38.05 -48.39
C SER H 167 -2.58 36.99 -49.46
N LYS H 168 -2.07 37.33 -50.65
CA LYS H 168 -2.03 36.40 -51.76
C LYS H 168 -0.91 35.38 -51.53
N CYS H 169 -1.27 34.10 -51.47
CA CYS H 169 -0.33 33.04 -51.15
C CYS H 169 -0.47 31.90 -52.15
N TYR H 170 0.57 31.08 -52.22
CA TYR H 170 0.59 29.89 -53.05
C TYR H 170 0.83 28.65 -52.18
N MET H 171 0.30 27.53 -52.63
CA MET H 171 0.63 26.26 -52.00
C MET H 171 2.03 25.83 -52.44
N ASN H 172 2.61 24.90 -51.69
CA ASN H 172 3.84 24.26 -52.15
C ASN H 172 3.54 23.35 -53.33
N HIS H 173 4.45 23.36 -54.31
CA HIS H 173 4.49 22.58 -55.55
C HIS H 173 3.40 22.95 -56.55
N CYS H 174 2.51 23.90 -56.20
CA CYS H 174 1.44 24.41 -57.08
C CYS H 174 0.51 23.32 -57.62
N ASN H 175 0.26 22.29 -56.81
CA ASN H 175 -0.77 21.31 -57.15
C ASN H 175 -2.11 21.84 -56.65
N THR H 176 -2.61 22.85 -57.36
CA THR H 176 -3.78 23.61 -56.93
C THR H 176 -4.86 23.62 -58.00
N SER H 177 -5.21 22.45 -58.52
CA SER H 177 -6.31 22.31 -59.49
C SER H 177 -7.24 21.22 -58.98
N VAL H 178 -8.37 21.63 -58.40
CA VAL H 178 -9.25 20.70 -57.70
C VAL H 178 -10.08 19.91 -58.70
N ILE H 179 -10.00 18.59 -58.61
CA ILE H 179 -10.89 17.68 -59.33
C ILE H 179 -11.71 16.92 -58.30
N THR H 180 -13.02 17.10 -58.32
CA THR H 180 -13.88 16.55 -57.29
C THR H 180 -14.15 15.07 -57.54
N GLU H 181 -14.41 14.35 -56.45
CA GLU H 181 -14.73 12.93 -56.50
C GLU H 181 -15.51 12.56 -55.25
N SER H 182 -16.62 11.83 -55.43
CA SER H 182 -17.39 11.34 -54.30
C SER H 182 -16.61 10.26 -53.57
N CYS H 183 -16.12 10.59 -52.38
CA CYS H 183 -15.17 9.76 -51.67
C CYS H 183 -15.83 9.09 -50.47
N ASP H 184 -15.55 7.80 -50.30
CA ASP H 184 -15.99 7.01 -49.16
C ASP H 184 -14.77 6.41 -48.47
N LYS H 185 -14.82 6.29 -47.15
CA LYS H 185 -13.68 5.87 -46.36
C LYS H 185 -13.49 4.37 -46.49
N HIS H 186 -12.75 3.96 -47.52
CA HIS H 186 -12.40 2.58 -47.76
C HIS H 186 -10.90 2.39 -47.57
N TYR H 187 -10.49 1.22 -47.11
CA TYR H 187 -9.09 0.88 -46.97
C TYR H 187 -8.87 -0.58 -47.32
N TRP H 188 -7.65 -0.88 -47.79
CA TRP H 188 -7.28 -2.25 -48.14
C TRP H 188 -6.59 -2.92 -46.97
N ASP H 189 -6.79 -4.23 -46.85
CA ASP H 189 -6.23 -5.01 -45.76
C ASP H 189 -4.85 -5.54 -46.16
N ALA H 190 -4.32 -6.49 -45.39
CA ALA H 190 -3.00 -7.05 -45.65
C ALA H 190 -3.07 -7.94 -46.88
N MET H 191 -2.70 -7.38 -48.02
CA MET H 191 -2.85 -8.05 -49.30
C MET H 191 -1.48 -8.55 -49.75
N ARG H 192 -1.46 -9.70 -50.41
CA ARG H 192 -0.23 -10.26 -50.96
C ARG H 192 -0.49 -10.75 -52.37
N PHE H 193 0.51 -10.62 -53.24
CA PHE H 193 0.41 -11.15 -54.60
C PHE H 193 1.79 -11.58 -55.06
N ARG H 194 1.85 -12.13 -56.27
CA ARG H 194 3.10 -12.50 -56.91
C ARG H 194 2.96 -12.31 -58.41
N TYR H 195 4.09 -12.15 -59.08
CA TYR H 195 4.13 -11.90 -60.51
C TYR H 195 4.47 -13.21 -61.23
N CYS H 196 3.43 -13.90 -61.70
CA CYS H 196 3.62 -15.13 -62.46
C CYS H 196 3.90 -14.80 -63.91
N ALA H 197 4.91 -15.47 -64.48
CA ALA H 197 5.27 -15.21 -65.86
C ALA H 197 4.31 -15.94 -66.80
N PRO H 198 4.03 -15.36 -67.98
CA PRO H 198 3.28 -16.08 -69.00
C PRO H 198 4.10 -17.22 -69.58
N PRO H 199 3.46 -18.23 -70.17
CA PRO H 199 4.22 -19.30 -70.83
C PRO H 199 5.01 -18.78 -72.02
N GLY H 200 6.17 -19.39 -72.24
CA GLY H 200 7.15 -18.87 -73.17
C GLY H 200 8.09 -17.84 -72.59
N PHE H 201 7.99 -17.56 -71.29
CA PHE H 201 8.85 -16.59 -70.63
C PHE H 201 9.30 -17.18 -69.29
N ALA H 202 10.45 -16.67 -68.81
CA ALA H 202 11.03 -17.13 -67.57
C ALA H 202 11.48 -15.95 -66.73
N LEU H 203 11.55 -16.17 -65.43
CA LEU H 203 11.99 -15.16 -64.47
C LEU H 203 13.25 -15.66 -63.76
N LEU H 204 14.28 -14.83 -63.72
CA LEU H 204 15.56 -15.17 -63.11
C LEU H 204 15.73 -14.41 -61.80
N ARG H 205 16.14 -15.11 -60.76
CA ARG H 205 16.33 -14.53 -59.44
C ARG H 205 17.79 -14.67 -59.02
N CYS H 206 18.41 -13.55 -58.67
CA CYS H 206 19.79 -13.56 -58.18
C CYS H 206 19.78 -13.96 -56.71
N ASN H 207 20.40 -15.11 -56.41
CA ASN H 207 20.26 -15.74 -55.10
C ASN H 207 21.52 -15.66 -54.25
N ASP H 208 22.48 -14.81 -54.60
CA ASP H 208 23.70 -14.70 -53.82
C ASP H 208 23.46 -13.93 -52.52
N THR H 209 24.28 -14.23 -51.52
CA THR H 209 24.17 -13.54 -50.24
C THR H 209 24.82 -12.16 -50.27
N ASN H 210 25.71 -11.90 -51.23
CA ASN H 210 26.41 -10.63 -51.33
C ASN H 210 25.76 -9.67 -52.33
N TYR H 211 24.45 -9.79 -52.55
CA TYR H 211 23.75 -8.87 -53.43
C TYR H 211 23.58 -7.52 -52.73
N SER H 212 23.97 -6.44 -53.42
CA SER H 212 23.88 -5.09 -52.88
C SER H 212 23.13 -4.17 -53.83
N GLY H 213 22.12 -4.70 -54.51
CA GLY H 213 21.37 -3.92 -55.49
C GLY H 213 21.91 -4.00 -56.90
N PHE H 214 23.22 -3.81 -57.05
CA PHE H 214 23.89 -3.88 -58.34
C PHE H 214 24.72 -5.17 -58.39
N ALA H 215 24.66 -5.85 -59.54
CA ALA H 215 25.39 -7.09 -59.73
C ALA H 215 25.64 -7.33 -61.22
N PRO H 216 26.80 -6.92 -61.75
CA PRO H 216 27.14 -7.28 -63.14
C PRO H 216 27.41 -8.76 -63.32
N ASN H 217 27.79 -9.47 -62.26
CA ASN H 217 28.05 -10.92 -62.32
C ASN H 217 27.34 -11.57 -61.14
N CYS H 218 26.29 -12.34 -61.43
CA CYS H 218 25.51 -13.03 -60.41
C CYS H 218 25.80 -14.53 -60.53
N SER H 219 26.51 -15.08 -59.54
CA SER H 219 26.90 -16.48 -59.57
C SER H 219 25.80 -17.44 -59.15
N LYS H 220 24.72 -16.93 -58.56
CA LYS H 220 23.62 -17.77 -58.08
C LYS H 220 22.32 -17.25 -58.71
N VAL H 221 21.98 -17.79 -59.88
CA VAL H 221 20.77 -17.41 -60.61
C VAL H 221 19.79 -18.56 -60.50
N VAL H 222 18.59 -18.28 -60.01
CA VAL H 222 17.55 -19.29 -59.81
C VAL H 222 16.37 -18.92 -60.70
N ALA H 223 15.97 -19.84 -61.57
CA ALA H 223 14.85 -19.62 -62.48
C ALA H 223 13.54 -19.99 -61.80
N ALA H 224 12.48 -19.26 -62.15
CA ALA H 224 11.15 -19.51 -61.63
C ALA H 224 10.12 -18.98 -62.62
N THR H 225 8.90 -19.49 -62.48
CA THR H 225 7.78 -19.01 -63.28
C THR H 225 6.96 -17.94 -62.58
N CYS H 226 7.10 -17.80 -61.27
CA CYS H 226 6.39 -16.79 -60.49
C CYS H 226 7.34 -16.18 -59.48
N THR H 227 6.98 -15.01 -58.97
CA THR H 227 7.79 -14.33 -57.97
C THR H 227 7.38 -14.77 -56.57
N ARG H 228 8.02 -14.17 -55.57
CA ARG H 228 7.84 -14.56 -54.18
C ARG H 228 6.73 -13.73 -53.53
N MET H 229 6.65 -13.82 -52.20
CA MET H 229 5.65 -13.11 -51.43
C MET H 229 5.97 -11.61 -51.40
N MET H 230 4.94 -10.77 -51.40
CA MET H 230 5.11 -9.33 -51.41
C MET H 230 4.22 -8.65 -50.38
N GLU H 231 4.58 -7.40 -50.07
CA GLU H 231 3.83 -6.54 -49.16
C GLU H 231 3.67 -5.17 -49.80
N THR H 232 2.46 -4.60 -49.71
CA THR H 232 2.18 -3.28 -50.30
C THR H 232 1.86 -2.22 -49.27
N GLN H 233 2.53 -2.26 -48.13
CA GLN H 233 2.35 -1.24 -47.10
C GLN H 233 3.28 -0.08 -47.40
N SER H 234 2.70 1.07 -47.73
CA SER H 234 3.49 2.27 -48.01
C SER H 234 4.07 2.82 -46.72
N SER H 235 5.35 3.14 -46.73
CA SER H 235 6.00 3.73 -45.58
C SER H 235 7.19 4.56 -46.05
N THR H 236 7.35 5.73 -45.44
CA THR H 236 8.58 6.49 -45.54
C THR H 236 9.40 6.25 -44.27
N TRP H 237 10.73 6.25 -44.44
CA TRP H 237 11.76 6.17 -43.40
C TRP H 237 11.86 4.79 -42.77
N PHE H 238 10.96 3.86 -43.14
CA PHE H 238 10.88 2.53 -42.56
C PHE H 238 10.21 1.61 -43.57
N GLY H 239 10.13 0.33 -43.21
CA GLY H 239 9.43 -0.65 -44.00
C GLY H 239 8.76 -1.69 -43.13
N PHE H 240 7.46 -1.90 -43.31
CA PHE H 240 6.66 -2.71 -42.40
C PHE H 240 6.15 -3.96 -43.10
N ASN H 241 6.17 -5.08 -42.34
CA ASN H 241 5.63 -6.39 -42.76
C ASN H 241 6.28 -6.91 -44.03
N GLY H 242 7.59 -6.70 -44.16
CA GLY H 242 8.29 -7.13 -45.35
C GLY H 242 8.47 -8.63 -45.40
N THR H 243 8.71 -9.13 -46.62
CA THR H 243 8.77 -10.55 -46.88
C THR H 243 10.18 -11.09 -47.04
N ARG H 244 11.13 -10.24 -47.42
CA ARG H 244 12.51 -10.64 -47.62
C ARG H 244 13.36 -10.44 -46.37
N ALA H 245 12.76 -10.43 -45.19
CA ALA H 245 13.48 -10.25 -43.94
C ALA H 245 14.18 -11.57 -43.59
N GLU H 246 15.44 -11.67 -43.98
CA GLU H 246 16.24 -12.86 -43.71
C GLU H 246 16.82 -12.78 -42.29
N ASN H 247 17.66 -13.76 -41.95
CA ASN H 247 18.33 -13.77 -40.66
C ASN H 247 19.70 -13.08 -40.75
N ARG H 248 19.71 -11.88 -41.30
CA ARG H 248 20.92 -11.09 -41.50
C ARG H 248 20.51 -9.65 -41.79
N THR H 249 21.51 -8.78 -41.82
CA THR H 249 21.33 -7.39 -42.22
C THR H 249 22.13 -7.14 -43.49
N TYR H 250 21.46 -6.61 -44.52
CA TYR H 250 22.09 -6.37 -45.80
C TYR H 250 21.66 -5.01 -46.33
N ILE H 251 22.59 -4.30 -46.96
CA ILE H 251 22.35 -2.97 -47.49
C ILE H 251 22.52 -2.99 -49.00
N TYR H 252 21.76 -2.14 -49.68
CA TYR H 252 21.81 -1.99 -51.14
C TYR H 252 22.23 -0.56 -51.47
N TRP H 253 23.10 -0.41 -52.46
CA TRP H 253 23.58 0.91 -52.87
C TRP H 253 23.38 1.07 -54.37
N HIS H 254 22.76 2.18 -54.77
CA HIS H 254 22.67 2.53 -56.18
C HIS H 254 24.04 2.96 -56.71
N GLY H 255 24.30 2.64 -57.96
CA GLY H 255 25.61 2.88 -58.55
C GLY H 255 25.89 4.28 -59.05
N LYS H 256 24.93 5.20 -58.94
CA LYS H 256 25.12 6.56 -59.46
C LYS H 256 24.90 7.67 -58.45
N ASN H 257 24.10 7.45 -57.41
CA ASN H 257 23.80 8.51 -56.44
C ASN H 257 23.80 7.90 -55.04
N ASN H 258 23.28 8.67 -54.08
CA ASN H 258 23.29 8.29 -52.68
C ASN H 258 22.01 7.59 -52.23
N ARG H 259 21.11 7.27 -53.17
CA ARG H 259 19.86 6.61 -52.81
C ARG H 259 20.12 5.15 -52.44
N THR H 260 19.70 4.77 -51.23
CA THR H 260 19.96 3.44 -50.69
C THR H 260 18.70 2.88 -50.06
N ILE H 261 18.73 1.59 -49.77
CA ILE H 261 17.69 0.92 -48.99
C ILE H 261 18.37 -0.09 -48.07
N ILE H 262 18.00 -0.07 -46.80
CA ILE H 262 18.65 -0.87 -45.77
C ILE H 262 17.60 -1.78 -45.14
N SER H 263 17.85 -3.09 -45.18
CA SER H 263 16.98 -4.06 -44.54
C SER H 263 17.43 -4.32 -43.10
N LEU H 264 16.60 -5.04 -42.36
CA LEU H 264 16.84 -5.33 -40.95
C LEU H 264 16.80 -6.84 -40.71
N ASN H 265 16.86 -7.22 -39.43
CA ASN H 265 16.97 -8.61 -39.02
C ASN H 265 15.74 -9.04 -38.25
N ASN H 266 15.40 -10.32 -38.36
CA ASN H 266 14.26 -10.90 -37.66
C ASN H 266 14.61 -11.41 -36.26
N PHE H 267 15.89 -11.39 -35.88
CA PHE H 267 16.28 -11.86 -34.56
C PHE H 267 15.84 -10.89 -33.48
N TYR H 268 15.95 -9.58 -33.75
CA TYR H 268 15.59 -8.57 -32.77
C TYR H 268 14.08 -8.37 -32.62
N ASN H 269 13.30 -8.91 -33.57
CA ASN H 269 11.82 -8.86 -33.56
C ASN H 269 11.30 -7.42 -33.51
N LEU H 270 11.66 -6.65 -34.54
CA LEU H 270 11.25 -5.26 -34.63
C LEU H 270 9.81 -5.23 -35.14
N THR H 271 8.86 -5.16 -34.20
CA THR H 271 7.46 -5.06 -34.54
C THR H 271 7.00 -3.62 -34.49
N MET H 272 5.87 -3.34 -35.13
CA MET H 272 5.37 -1.98 -35.25
C MET H 272 3.93 -1.93 -34.77
N HIS H 273 3.64 -0.98 -33.89
CA HIS H 273 2.30 -0.80 -33.36
C HIS H 273 1.92 0.67 -33.42
N CYS H 274 0.88 0.99 -34.19
CA CYS H 274 0.36 2.35 -34.31
C CYS H 274 -1.10 2.36 -33.90
N LYS H 275 -1.45 3.19 -32.92
CA LYS H 275 -2.80 3.24 -32.38
C LYS H 275 -3.22 4.69 -32.16
N ARG H 276 -4.44 5.01 -32.56
CA ARG H 276 -5.04 6.32 -32.31
C ARG H 276 -6.36 6.13 -31.59
N PRO H 277 -6.46 6.49 -30.31
CA PRO H 277 -7.75 6.45 -29.62
C PRO H 277 -8.69 7.51 -30.16
N GLY H 278 -9.99 7.21 -30.09
CA GLY H 278 -11.00 8.15 -30.52
C GLY H 278 -11.85 8.64 -29.36
N ASN H 279 -13.08 8.15 -29.29
CA ASN H 279 -13.99 8.45 -28.19
C ASN H 279 -13.96 7.30 -27.20
N LYS H 280 -13.52 7.57 -25.98
CA LYS H 280 -13.51 6.59 -24.91
C LYS H 280 -14.75 6.78 -24.05
N THR H 281 -15.54 5.72 -23.92
CA THR H 281 -16.76 5.75 -23.11
C THR H 281 -16.77 4.50 -22.24
N VAL H 282 -17.05 4.69 -20.94
CA VAL H 282 -16.94 3.60 -19.97
C VAL H 282 -18.03 2.57 -20.18
N LEU H 283 -19.19 2.99 -20.68
CA LEU H 283 -20.39 2.19 -20.89
C LEU H 283 -21.29 3.06 -21.76
N PRO H 284 -22.10 2.49 -22.65
CA PRO H 284 -23.03 3.31 -23.45
C PRO H 284 -23.99 4.11 -22.56
N ILE H 285 -24.26 5.34 -23.00
CA ILE H 285 -24.67 6.43 -22.12
C ILE H 285 -26.02 6.17 -21.46
N MET H 286 -25.97 5.89 -20.16
CA MET H 286 -27.09 5.36 -19.39
C MET H 286 -27.08 6.06 -18.01
N SER H 287 -26.92 7.38 -18.03
CA SER H 287 -26.63 8.11 -16.81
C SER H 287 -27.91 8.37 -16.01
N GLY H 288 -27.72 8.84 -14.78
CA GLY H 288 -28.84 9.17 -13.93
C GLY H 288 -28.37 9.72 -12.61
N PHE H 289 -29.21 9.54 -11.58
CA PHE H 289 -28.82 9.90 -10.22
C PHE H 289 -27.66 9.03 -9.75
N LYS H 290 -27.80 7.72 -9.86
CA LYS H 290 -26.77 6.78 -9.48
C LYS H 290 -26.18 6.16 -10.74
N PHE H 291 -24.99 5.59 -10.59
CA PHE H 291 -24.29 4.81 -11.61
C PHE H 291 -24.06 5.63 -12.89
N HIS H 292 -23.87 6.92 -12.73
CA HIS H 292 -23.55 7.81 -13.83
C HIS H 292 -22.06 8.06 -13.84
N SER H 293 -21.48 8.11 -15.03
CA SER H 293 -20.04 8.21 -15.16
C SER H 293 -19.72 9.02 -16.41
N LYS H 294 -18.60 9.72 -16.35
CA LYS H 294 -18.29 10.56 -17.49
C LYS H 294 -17.59 9.76 -18.59
N PRO H 295 -17.84 10.09 -19.85
CA PRO H 295 -16.99 9.56 -20.92
C PRO H 295 -15.76 10.44 -21.13
N VAL H 296 -14.69 9.81 -21.60
CA VAL H 296 -13.45 10.53 -21.88
C VAL H 296 -13.57 11.07 -23.30
N ILE H 297 -13.92 12.35 -23.41
CA ILE H 297 -14.06 12.98 -24.71
C ILE H 297 -12.67 13.24 -25.30
N ASN H 298 -12.60 13.37 -26.62
CA ASN H 298 -11.33 13.64 -27.29
C ASN H 298 -11.15 15.15 -27.44
N LYS H 299 -9.97 15.63 -27.06
CA LYS H 299 -9.63 17.04 -27.21
C LYS H 299 -8.70 17.31 -28.39
N LYS H 300 -7.90 16.31 -28.77
CA LYS H 300 -7.02 16.40 -29.95
C LYS H 300 -7.22 15.14 -30.79
N PRO H 301 -8.27 15.10 -31.62
CA PRO H 301 -8.47 13.91 -32.47
C PRO H 301 -7.53 13.86 -33.66
N ARG H 302 -6.79 14.93 -33.94
CA ARG H 302 -5.90 15.01 -35.09
C ARG H 302 -4.51 14.48 -34.78
N GLN H 303 -4.26 14.01 -33.57
CA GLN H 303 -2.98 13.43 -33.21
C GLN H 303 -3.13 11.93 -32.94
N ALA H 304 -2.05 11.20 -33.18
CA ALA H 304 -2.05 9.74 -33.02
C ALA H 304 -0.80 9.29 -32.27
N TRP H 305 -0.59 7.97 -32.19
CA TRP H 305 0.57 7.42 -31.52
C TRP H 305 1.07 6.19 -32.28
N CYS H 306 2.40 6.06 -32.37
CA CYS H 306 3.04 4.87 -32.91
C CYS H 306 4.10 4.42 -31.92
N TRP H 307 4.15 3.11 -31.67
CA TRP H 307 4.96 2.55 -30.58
C TRP H 307 5.98 1.57 -31.11
N PHE H 308 7.27 1.93 -30.97
CA PHE H 308 8.37 1.11 -31.47
C PHE H 308 8.75 0.09 -30.41
N LYS H 309 8.73 -1.20 -30.77
CA LYS H 309 9.13 -2.28 -29.88
C LYS H 309 10.19 -3.13 -30.55
N GLY H 310 11.03 -3.75 -29.74
CA GLY H 310 12.11 -4.59 -30.23
C GLY H 310 13.47 -3.97 -29.93
N GLU H 311 14.50 -4.79 -30.15
CA GLU H 311 15.88 -4.37 -29.90
C GLU H 311 16.36 -3.45 -31.02
N TRP H 312 16.08 -2.15 -30.87
CA TRP H 312 16.39 -1.18 -31.91
C TRP H 312 17.87 -0.83 -31.96
N LYS H 313 18.53 -0.73 -30.81
CA LYS H 313 19.92 -0.28 -30.77
C LYS H 313 20.86 -1.36 -31.31
N GLU H 314 20.58 -2.63 -31.03
CA GLU H 314 21.41 -3.70 -31.57
C GLU H 314 21.21 -3.86 -33.08
N ALA H 315 19.99 -3.63 -33.57
CA ALA H 315 19.75 -3.62 -35.01
C ALA H 315 20.46 -2.45 -35.67
N MET H 316 20.49 -1.29 -34.99
CA MET H 316 21.23 -0.14 -35.48
C MET H 316 22.73 -0.43 -35.53
N GLN H 317 23.26 -1.12 -34.52
CA GLN H 317 24.66 -1.48 -34.51
C GLN H 317 25.00 -2.49 -35.61
N GLU H 318 24.08 -3.42 -35.89
CA GLU H 318 24.28 -4.34 -37.01
C GLU H 318 24.23 -3.62 -38.35
N VAL H 319 23.37 -2.59 -38.45
CA VAL H 319 23.33 -1.75 -39.66
C VAL H 319 24.66 -1.00 -39.83
N LYS H 320 25.21 -0.47 -38.73
CA LYS H 320 26.52 0.19 -38.78
C LYS H 320 27.63 -0.78 -39.18
N GLU H 321 27.58 -2.02 -38.67
CA GLU H 321 28.57 -3.03 -39.02
C GLU H 321 28.46 -3.43 -40.48
N THR H 322 27.23 -3.55 -40.99
CA THR H 322 27.04 -3.87 -42.41
C THR H 322 27.50 -2.74 -43.31
N LEU H 323 27.29 -1.49 -42.88
CA LEU H 323 27.78 -0.35 -43.66
C LEU H 323 29.31 -0.29 -43.65
N ALA H 324 29.93 -0.54 -42.48
CA ALA H 324 31.38 -0.52 -42.39
C ALA H 324 32.02 -1.69 -43.13
N LYS H 325 31.30 -2.81 -43.27
CA LYS H 325 31.79 -3.96 -44.01
C LYS H 325 31.39 -3.95 -45.48
N HIS H 326 30.75 -2.87 -45.94
CA HIS H 326 30.42 -2.76 -47.35
C HIS H 326 31.69 -2.51 -48.16
N PRO H 327 31.83 -3.14 -49.33
CA PRO H 327 33.06 -2.95 -50.12
C PRO H 327 33.20 -1.57 -50.73
N ARG H 328 32.09 -0.89 -51.04
CA ARG H 328 32.14 0.44 -51.64
C ARG H 328 32.10 1.57 -50.63
N TYR H 329 32.09 1.25 -49.34
CA TYR H 329 32.03 2.27 -48.30
C TYR H 329 33.40 2.94 -48.15
N LYS H 330 33.44 4.26 -48.29
CA LYS H 330 34.68 5.02 -48.24
C LYS H 330 34.97 5.59 -46.86
N GLY H 331 34.14 5.30 -45.86
CA GLY H 331 34.34 5.83 -44.53
C GLY H 331 35.32 5.00 -43.72
N ASN H 332 35.44 5.35 -42.44
CA ASN H 332 36.37 4.70 -41.55
C ASN H 332 35.80 3.37 -41.07
N ARG H 333 36.52 2.28 -41.35
CA ARG H 333 36.08 0.96 -40.91
C ARG H 333 36.31 0.78 -39.41
N SER H 334 37.45 1.28 -38.91
CA SER H 334 37.82 1.04 -37.51
C SER H 334 36.99 1.85 -36.52
N ARG H 335 36.33 2.91 -36.97
CA ARG H 335 35.51 3.74 -36.11
C ARG H 335 34.05 3.64 -36.53
N THR H 336 33.18 3.33 -35.57
CA THR H 336 31.76 3.23 -35.82
C THR H 336 30.92 4.28 -35.09
N GLU H 337 31.52 5.07 -34.19
CA GLU H 337 30.77 6.11 -33.50
C GLU H 337 30.61 7.37 -34.34
N ASN H 338 31.39 7.51 -35.41
CA ASN H 338 31.28 8.69 -36.27
C ASN H 338 29.99 8.67 -37.09
N ILE H 339 29.50 7.48 -37.41
CA ILE H 339 28.30 7.34 -38.25
C ILE H 339 27.08 7.63 -37.38
N LYS H 340 26.22 8.54 -37.83
CA LYS H 340 25.04 8.91 -37.07
C LYS H 340 23.86 9.08 -38.01
N PHE H 341 22.66 8.91 -37.46
CA PHE H 341 21.41 9.08 -38.18
C PHE H 341 20.86 10.47 -37.92
N LYS H 342 20.64 11.24 -38.98
CA LYS H 342 20.16 12.61 -38.87
C LYS H 342 18.97 12.82 -39.80
N ALA H 343 17.95 13.50 -39.27
CA ALA H 343 16.82 13.93 -40.07
C ALA H 343 17.20 15.14 -40.91
N PRO H 344 16.53 15.34 -42.04
CA PRO H 344 16.72 16.60 -42.79
C PRO H 344 16.20 17.79 -42.01
N GLY H 345 16.75 18.97 -42.34
CA GLY H 345 16.43 20.18 -41.64
C GLY H 345 15.02 20.68 -41.92
N ARG H 346 14.64 21.72 -41.18
CA ARG H 346 13.30 22.29 -41.28
C ARG H 346 13.13 23.03 -42.61
N GLY H 347 11.88 23.13 -43.04
CA GLY H 347 11.57 23.63 -44.37
C GLY H 347 11.58 22.58 -45.46
N SER H 348 11.79 21.31 -45.11
CA SER H 348 11.84 20.22 -46.06
C SER H 348 10.44 19.63 -46.25
N ASP H 349 10.38 18.45 -46.85
CA ASP H 349 9.11 17.79 -47.10
C ASP H 349 8.47 17.32 -45.79
N PRO H 350 7.14 17.25 -45.75
CA PRO H 350 6.49 16.60 -44.59
C PRO H 350 6.85 15.13 -44.44
N GLU H 351 7.10 14.43 -45.56
CA GLU H 351 7.65 13.08 -45.47
C GLU H 351 9.09 13.08 -44.99
N ALA H 352 9.82 14.16 -45.27
CA ALA H 352 11.18 14.34 -44.80
C ALA H 352 11.25 15.00 -43.42
N ALA H 353 10.10 15.27 -42.81
CA ALA H 353 10.05 15.80 -41.45
C ALA H 353 9.38 14.86 -40.46
N TYR H 354 8.38 14.09 -40.89
CA TYR H 354 7.69 13.14 -40.02
C TYR H 354 7.51 11.83 -40.77
N MET H 355 6.80 10.90 -40.12
CA MET H 355 6.52 9.60 -40.70
C MET H 355 5.37 9.69 -41.70
N TRP H 356 5.17 8.61 -42.46
CA TRP H 356 4.02 8.50 -43.37
C TRP H 356 3.71 7.02 -43.52
N THR H 357 2.74 6.54 -42.73
CA THR H 357 2.33 5.14 -42.77
C THR H 357 0.82 5.06 -42.69
N ASN H 358 0.27 3.99 -43.26
CA ASN H 358 -1.18 3.80 -43.36
C ASN H 358 -1.67 2.93 -42.22
N CYS H 359 -2.75 3.35 -41.57
CA CYS H 359 -3.41 2.59 -40.50
C CYS H 359 -4.91 2.60 -40.76
N ARG H 360 -5.37 1.64 -41.57
CA ARG H 360 -6.77 1.47 -41.97
C ARG H 360 -7.35 2.75 -42.56
N GLY H 361 -6.65 3.31 -43.53
CA GLY H 361 -7.06 4.52 -44.20
C GLY H 361 -6.59 5.82 -43.58
N GLU H 362 -5.91 5.75 -42.43
CA GLU H 362 -5.42 6.93 -41.74
C GLU H 362 -3.91 7.01 -41.88
N PHE H 363 -3.41 8.19 -42.22
CA PHE H 363 -1.98 8.42 -42.40
C PHE H 363 -1.46 9.26 -41.23
N LEU H 364 -0.38 8.80 -40.61
CA LEU H 364 0.12 9.35 -39.36
C LEU H 364 1.50 9.95 -39.58
N TYR H 365 1.70 11.16 -39.06
CA TYR H 365 2.95 11.89 -39.20
C TYR H 365 3.57 12.06 -37.81
N CYS H 366 4.68 11.36 -37.56
CA CYS H 366 5.21 11.17 -36.23
C CYS H 366 6.60 11.79 -36.09
N ASN H 367 6.87 12.32 -34.89
CA ASN H 367 8.11 13.06 -34.63
C ASN H 367 9.28 12.09 -34.47
N MET H 368 10.23 12.16 -35.40
CA MET H 368 11.40 11.28 -35.38
C MET H 368 12.41 11.69 -34.31
N THR H 369 12.33 12.94 -33.82
CA THR H 369 13.37 13.52 -32.97
C THR H 369 13.54 12.79 -31.64
N TRP H 370 12.42 12.43 -30.99
CA TRP H 370 12.50 11.66 -29.75
C TRP H 370 13.01 10.26 -30.01
N PHE H 371 12.58 9.64 -31.11
CA PHE H 371 13.08 8.32 -31.49
C PHE H 371 14.56 8.39 -31.89
N LEU H 372 14.98 9.50 -32.52
CA LEU H 372 16.38 9.70 -32.86
C LEU H 372 17.23 9.87 -31.60
N ASN H 373 16.70 10.56 -30.59
CA ASN H 373 17.44 10.72 -29.34
C ASN H 373 17.49 9.41 -28.55
N TRP H 374 16.44 8.59 -28.64
CA TRP H 374 16.45 7.31 -27.92
C TRP H 374 17.38 6.30 -28.60
N VAL H 375 17.34 6.22 -29.93
CA VAL H 375 18.13 5.22 -30.64
C VAL H 375 19.62 5.57 -30.60
N ASP H 376 19.96 6.83 -30.88
CA ASP H 376 21.35 7.26 -30.98
C ASP H 376 21.94 7.69 -29.63
N ASN H 377 21.20 7.44 -28.53
CA ASN H 377 21.56 7.72 -27.12
C ASN H 377 22.19 9.10 -26.92
N ARG H 378 21.56 10.11 -27.52
CA ARG H 378 22.04 11.49 -27.42
C ARG H 378 21.69 12.03 -26.05
N THR H 379 22.71 12.29 -25.23
CA THR H 379 22.49 12.78 -23.87
C THR H 379 22.07 14.24 -23.88
N GLY H 380 21.30 14.63 -22.86
CA GLY H 380 20.79 15.97 -22.75
C GLY H 380 19.52 16.25 -23.52
N GLN H 381 18.97 15.27 -24.21
CA GLN H 381 17.74 15.42 -24.98
C GLN H 381 16.71 14.38 -24.52
N LYS H 382 15.46 14.61 -24.93
CA LYS H 382 14.36 13.74 -24.53
C LYS H 382 14.45 12.41 -25.28
N GLN H 383 14.80 11.35 -24.57
CA GLN H 383 14.93 10.01 -25.15
C GLN H 383 13.63 9.25 -24.91
N ARG H 384 12.82 9.11 -25.95
CA ARG H 384 11.54 8.42 -25.86
C ARG H 384 11.52 7.28 -26.88
N ASN H 385 11.07 6.11 -26.44
CA ASN H 385 11.07 4.89 -27.25
C ASN H 385 9.94 4.82 -28.28
N TYR H 386 9.29 5.95 -28.57
CA TYR H 386 8.16 5.99 -29.48
C TYR H 386 8.31 7.24 -30.33
N ALA H 387 7.23 7.59 -31.04
CA ALA H 387 7.18 8.81 -31.81
C ALA H 387 5.79 9.41 -31.71
N PRO H 388 5.66 10.64 -31.20
CA PRO H 388 4.33 11.26 -31.12
C PRO H 388 3.82 11.68 -32.49
N CYS H 389 2.64 11.21 -32.84
CA CYS H 389 2.12 11.37 -34.19
C CYS H 389 1.03 12.45 -34.24
N HIS H 390 0.82 12.96 -35.44
CA HIS H 390 -0.21 13.95 -35.72
C HIS H 390 -0.75 13.68 -37.12
N ILE H 391 -2.05 13.40 -37.21
CA ILE H 391 -2.65 13.01 -38.49
C ILE H 391 -2.73 14.23 -39.40
N ARG H 392 -2.21 14.08 -40.62
CA ARG H 392 -2.26 15.14 -41.61
C ARG H 392 -3.44 14.89 -42.55
N GLN H 393 -4.31 15.89 -42.67
CA GLN H 393 -5.37 15.83 -43.67
C GLN H 393 -4.84 16.11 -45.06
N ILE H 394 -3.64 16.66 -45.16
CA ILE H 394 -3.02 17.04 -46.42
C ILE H 394 -1.88 16.06 -46.66
N ILE H 395 -2.05 15.16 -47.62
CA ILE H 395 -1.17 14.01 -47.78
C ILE H 395 -0.47 14.12 -49.14
N ASN H 396 0.86 14.10 -49.12
CA ASN H 396 1.65 14.18 -50.33
C ASN H 396 1.63 12.86 -51.08
N THR H 397 2.08 12.90 -52.34
CA THR H 397 2.25 11.73 -53.17
C THR H 397 3.73 11.48 -53.41
N TRP H 398 4.04 10.24 -53.81
CA TRP H 398 5.43 9.81 -53.93
C TRP H 398 5.82 9.33 -55.31
N HIS H 399 4.91 8.69 -56.05
CA HIS H 399 5.26 8.11 -57.33
C HIS H 399 5.08 9.09 -58.48
N ARG H 400 3.87 9.64 -58.63
CA ARG H 400 3.58 10.61 -59.67
C ARG H 400 3.35 11.98 -59.04
N VAL H 401 3.48 13.01 -59.88
CA VAL H 401 3.35 14.39 -59.42
C VAL H 401 1.86 14.66 -59.23
N GLY H 402 1.39 14.54 -57.99
CA GLY H 402 -0.02 14.73 -57.69
C GLY H 402 -0.19 15.10 -56.24
N LYS H 403 -1.45 15.28 -55.85
CA LYS H 403 -1.78 15.73 -54.50
C LYS H 403 -3.23 15.36 -54.21
N ASN H 404 -3.49 14.96 -52.96
CA ASN H 404 -4.81 14.50 -52.59
C ASN H 404 -5.20 15.01 -51.20
N VAL H 405 -6.51 15.25 -51.04
CA VAL H 405 -7.10 15.71 -49.79
C VAL H 405 -8.15 14.69 -49.37
N TYR H 406 -8.12 14.28 -48.11
CA TYR H 406 -8.99 13.22 -47.62
C TYR H 406 -10.08 13.75 -46.69
N LEU H 407 -10.96 12.84 -46.29
CA LEU H 407 -12.02 13.14 -45.35
C LEU H 407 -11.46 13.30 -43.94
N PRO H 408 -12.18 13.97 -43.05
CA PRO H 408 -11.79 14.02 -41.65
C PRO H 408 -11.84 12.62 -41.03
N PRO H 409 -11.00 12.34 -40.04
CA PRO H 409 -10.88 10.97 -39.52
C PRO H 409 -12.11 10.54 -38.71
N ARG H 410 -12.25 9.22 -38.60
CA ARG H 410 -13.37 8.62 -37.90
C ARG H 410 -13.20 8.75 -36.38
N GLU H 411 -14.24 8.33 -35.66
CA GLU H 411 -14.24 8.31 -34.21
C GLU H 411 -14.10 6.87 -33.74
N GLY H 412 -13.10 6.62 -32.90
CA GLY H 412 -12.86 5.29 -32.36
C GLY H 412 -11.39 4.92 -32.44
N GLU H 413 -11.11 3.65 -32.13
CA GLU H 413 -9.76 3.13 -32.16
C GLU H 413 -9.50 2.43 -33.48
N LEU H 414 -8.43 2.82 -34.16
CA LEU H 414 -8.00 2.22 -35.42
C LEU H 414 -6.60 1.69 -35.18
N THR H 415 -6.50 0.43 -34.75
CA THR H 415 -5.22 -0.17 -34.38
C THR H 415 -4.58 -0.87 -35.58
N CYS H 416 -3.25 -0.94 -35.55
CA CYS H 416 -2.48 -1.61 -36.57
C CYS H 416 -1.31 -2.33 -35.93
N ASN H 417 -1.02 -3.54 -36.42
CA ASN H 417 0.13 -4.31 -35.97
C ASN H 417 0.96 -4.72 -37.18
N SER H 418 2.24 -4.36 -37.17
CA SER H 418 3.14 -4.64 -38.26
C SER H 418 4.50 -5.05 -37.70
N THR H 419 5.40 -5.46 -38.59
CA THR H 419 6.76 -5.83 -38.21
C THR H 419 7.74 -5.02 -39.07
N VAL H 420 8.63 -4.27 -38.41
CA VAL H 420 9.57 -3.42 -39.14
C VAL H 420 10.68 -4.30 -39.72
N THR H 421 10.86 -4.21 -41.04
CA THR H 421 11.80 -5.07 -41.74
C THR H 421 12.87 -4.32 -42.52
N SER H 422 12.63 -3.07 -42.89
CA SER H 422 13.57 -2.33 -43.73
C SER H 422 13.52 -0.85 -43.40
N ILE H 423 14.57 -0.14 -43.78
CA ILE H 423 14.73 1.28 -43.50
C ILE H 423 15.12 1.98 -44.80
N ILE H 424 14.34 2.98 -45.20
CA ILE H 424 14.69 3.81 -46.35
C ILE H 424 15.62 4.92 -45.87
N ALA H 425 16.80 5.01 -46.47
CA ALA H 425 17.78 6.01 -46.07
C ALA H 425 18.69 6.36 -47.22
N ASN H 426 19.34 7.51 -47.12
CA ASN H 426 20.37 7.94 -48.06
C ASN H 426 21.70 7.99 -47.33
N ILE H 427 22.71 7.35 -47.90
CA ILE H 427 24.01 7.20 -47.26
C ILE H 427 24.98 8.19 -47.87
N ASP H 428 25.56 9.05 -47.04
CA ASP H 428 26.55 10.03 -47.47
C ASP H 428 27.82 9.83 -46.67
N THR H 429 28.96 9.82 -47.36
CA THR H 429 30.26 9.59 -46.73
C THR H 429 31.10 10.85 -46.81
N GLY H 430 31.65 11.26 -45.68
CA GLY H 430 32.50 12.44 -45.62
C GLY H 430 33.34 12.51 -44.37
N ASP H 431 33.52 13.71 -43.81
CA ASP H 431 34.20 13.86 -42.54
C ASP H 431 33.38 13.24 -41.40
N GLN H 432 32.08 13.51 -41.39
CA GLN H 432 31.14 12.85 -40.51
C GLN H 432 30.11 12.12 -41.37
N THR H 433 30.01 10.81 -41.18
CA THR H 433 29.13 9.98 -42.01
C THR H 433 27.68 10.24 -41.60
N ASP H 434 26.99 11.05 -42.40
CA ASP H 434 25.61 11.43 -42.15
C ASP H 434 24.70 10.59 -43.02
N ILE H 435 23.88 9.75 -42.39
CA ILE H 435 22.90 8.93 -43.10
C ILE H 435 21.54 9.59 -42.88
N THR H 436 21.08 10.32 -43.89
CA THR H 436 19.74 10.89 -43.87
C THR H 436 18.75 9.88 -44.45
N PHE H 437 17.47 10.15 -44.21
CA PHE H 437 16.41 9.25 -44.64
C PHE H 437 15.66 9.87 -45.82
N SER H 438 15.24 9.01 -46.76
CA SER H 438 14.57 9.44 -47.98
C SER H 438 13.09 9.10 -47.92
N ALA H 439 12.34 9.69 -48.84
CA ALA H 439 10.89 9.48 -48.95
C ALA H 439 10.53 8.60 -50.15
N GLU H 440 11.49 7.90 -50.72
CA GLU H 440 11.24 7.06 -51.90
C GLU H 440 10.60 5.75 -51.44
N VAL H 441 9.28 5.66 -51.62
CA VAL H 441 8.54 4.46 -51.23
C VAL H 441 8.85 3.31 -52.18
N ALA H 442 9.23 3.62 -53.43
CA ALA H 442 9.55 2.61 -54.43
C ALA H 442 10.80 1.81 -54.08
N GLU H 443 11.67 2.34 -53.21
CA GLU H 443 12.86 1.61 -52.80
C GLU H 443 12.54 0.37 -51.98
N LEU H 444 11.39 0.33 -51.32
CA LEU H 444 10.95 -0.88 -50.62
C LEU H 444 10.71 -2.02 -51.60
N TYR H 445 9.97 -1.75 -52.67
CA TYR H 445 9.70 -2.79 -53.67
C TYR H 445 10.94 -3.09 -54.51
N ARG H 446 11.83 -2.11 -54.69
CA ARG H 446 13.11 -2.37 -55.33
C ARG H 446 14.01 -3.23 -54.44
N LEU H 447 13.85 -3.15 -53.13
CA LEU H 447 14.50 -4.12 -52.24
C LEU H 447 13.84 -5.48 -52.35
N GLU H 448 12.50 -5.51 -52.50
CA GLU H 448 11.77 -6.76 -52.44
C GLU H 448 12.00 -7.64 -53.67
N LEU H 449 11.98 -7.05 -54.87
CA LEU H 449 12.13 -7.87 -56.07
C LEU H 449 13.25 -7.38 -56.98
N GLY H 450 14.25 -6.70 -56.41
CA GLY H 450 15.37 -6.21 -57.21
C GLY H 450 16.28 -7.30 -57.74
N ASP H 451 16.29 -8.47 -57.10
CA ASP H 451 17.03 -9.61 -57.62
C ASP H 451 16.27 -10.34 -58.72
N TYR H 452 14.99 -10.04 -58.92
CA TYR H 452 14.21 -10.63 -60.00
C TYR H 452 14.37 -9.83 -61.28
N LYS H 453 14.34 -10.55 -62.41
CA LYS H 453 14.52 -9.94 -63.71
C LYS H 453 13.90 -10.83 -64.77
N LEU H 454 13.01 -10.26 -65.57
CA LEU H 454 12.32 -11.01 -66.62
C LEU H 454 13.23 -11.20 -67.82
N VAL H 455 13.29 -12.43 -68.33
CA VAL H 455 14.02 -12.75 -69.54
C VAL H 455 13.07 -13.43 -70.51
N GLU H 456 13.38 -13.32 -71.80
CA GLU H 456 12.54 -13.87 -72.87
C GLU H 456 13.19 -15.11 -73.43
N ILE H 457 12.48 -16.24 -73.38
CA ILE H 457 12.99 -17.50 -73.88
C ILE H 457 12.94 -17.51 -75.40
#